data_8S38
#
_entry.id   8S38
#
_cell.length_a   95.368
_cell.length_b   163.100
_cell.length_c   219.023
_cell.angle_alpha   90.000
_cell.angle_beta   90.000
_cell.angle_gamma   90.000
#
_symmetry.space_group_name_H-M   'I 21 21 21'
#
loop_
_entity.id
_entity.type
_entity.pdbx_description
1 polymer 'Glutamate dehydrogenase'
2 non-polymer NICOTINAMIDE-ADENINE-DINUCLEOTIDE
3 non-polymer 1,2-ETHANEDIOL
4 non-polymer DI(HYDROXYETHYL)ETHER
5 non-polymer 'SODIUM ION'
6 non-polymer 'CALCIUM ION'
7 non-polymer 'TRIETHYLENE GLYCOL'
8 non-polymer 'CITRIC ACID'
9 water water
#
_entity_poly.entity_id   1
_entity_poly.type   'polypeptide(L)'
_entity_poly.pdbx_seq_one_letter_code
;SNAMNALVATNRNFQRASRILGLDSKLEKSLLIPYREIKVECTIPKDDGSLVSYVGFRIQHDNARGPMKGGIRYHPEVDP
DEVNALAQLMTWKTAVVDIPYGGAKGGIGCNPKDLSISELERLTRVFTQKIHDLIGIHRDVPAPDMGTNSQTMAWILDEY
SKFHGHSPAVVTGKPIDLGGSLGREAATGLGVVFATEALFAEYGKSISDMTFAIQGFGNVGTWAAKAIFERGGKVVAVSD
INGAISNPNGIDIAALLKHKAGNGSLKDFSGGDAMNPNDLLVHDCDVLIPCALGGVLNKENANDVKAKFIIEAANHPTDP
DADEILSKKGVIILPDVYANAGGVTVSYFEWVQNIQGFMWDEEKVNQELKRYMTKAFNDIKANCKTHNCDLRMGAFTLGL
NRVARATLLRGWEA
;
_entity_poly.pdbx_strand_id   A,B,C
#
loop_
_chem_comp.id
_chem_comp.type
_chem_comp.name
_chem_comp.formula
CA non-polymer 'CALCIUM ION' 'Ca 2'
CIT non-polymer 'CITRIC ACID' 'C6 H8 O7'
EDO non-polymer 1,2-ETHANEDIOL 'C2 H6 O2'
NA non-polymer 'SODIUM ION' 'Na 1'
NAD non-polymer NICOTINAMIDE-ADENINE-DINUCLEOTIDE 'C21 H27 N7 O14 P2'
PEG non-polymer DI(HYDROXYETHYL)ETHER 'C4 H10 O3'
PGE non-polymer 'TRIETHYLENE GLYCOL' 'C6 H14 O4'
#
# COMPACT_ATOMS: atom_id res chain seq x y z
N VAL A 8 -17.67 20.52 32.41
CA VAL A 8 -18.19 21.88 32.31
C VAL A 8 -17.19 22.79 31.60
N ALA A 9 -15.93 22.66 32.04
CA ALA A 9 -14.87 23.46 31.43
C ALA A 9 -14.57 22.99 30.02
N THR A 10 -14.84 21.71 29.75
CA THR A 10 -14.65 21.19 28.40
C THR A 10 -15.58 21.86 27.40
N ASN A 11 -16.85 22.06 27.78
CA ASN A 11 -17.79 22.70 26.86
C ASN A 11 -17.42 24.16 26.60
N ARG A 12 -17.04 24.89 27.65
CA ARG A 12 -16.56 26.25 27.50
C ARG A 12 -15.31 26.32 26.62
N ASN A 13 -14.42 25.32 26.73
CA ASN A 13 -13.20 25.32 25.94
C ASN A 13 -13.50 25.09 24.47
N PHE A 14 -14.41 24.16 24.18
CA PHE A 14 -14.78 23.89 22.79
C PHE A 14 -15.43 25.11 22.17
N GLN A 15 -16.24 25.81 22.96
CA GLN A 15 -16.90 27.01 22.46
C GLN A 15 -15.88 28.08 22.13
N ARG A 16 -14.84 28.21 22.96
CA ARG A 16 -13.84 29.24 22.71
C ARG A 16 -13.07 28.90 21.44
N ALA A 17 -12.65 27.66 21.32
CA ALA A 17 -11.90 27.25 20.14
C ALA A 17 -12.75 27.43 18.89
N SER A 18 -14.04 27.06 18.98
CA SER A 18 -14.97 27.24 17.88
C SER A 18 -15.06 28.70 17.47
N ARG A 19 -15.17 29.59 18.46
CA ARG A 19 -15.31 31.00 18.14
C ARG A 19 -14.01 31.59 17.60
N ILE A 20 -12.87 31.14 18.12
CA ILE A 20 -11.59 31.55 17.55
C ILE A 20 -11.56 31.21 16.06
N LEU A 21 -12.03 30.02 15.70
CA LEU A 21 -12.05 29.63 14.29
C LEU A 21 -13.18 30.27 13.50
N GLY A 22 -14.17 30.83 14.18
CA GLY A 22 -15.31 31.43 13.48
C GLY A 22 -16.31 30.43 12.97
N LEU A 23 -16.39 29.25 13.60
CA LEU A 23 -17.40 28.25 13.21
C LEU A 23 -18.79 28.78 13.50
N ASP A 24 -19.78 28.33 12.73
CA ASP A 24 -21.11 28.83 13.06
C ASP A 24 -21.81 27.82 13.96
N SER A 25 -22.89 28.27 14.60
CA SER A 25 -23.46 27.46 15.67
C SER A 25 -24.02 26.14 15.16
N LYS A 26 -24.54 26.11 13.92
CA LYS A 26 -25.11 24.87 13.39
C LYS A 26 -24.02 23.83 13.18
N LEU A 27 -22.89 24.24 12.62
CA LEU A 27 -21.77 23.31 12.51
C LEU A 27 -21.31 22.84 13.87
N GLU A 28 -21.17 23.77 14.82
CA GLU A 28 -20.75 23.41 16.17
C GLU A 28 -21.67 22.35 16.78
N LYS A 29 -22.97 22.57 16.70
CA LYS A 29 -23.90 21.59 17.26
C LYS A 29 -23.71 20.24 16.61
N SER A 30 -23.56 20.21 15.28
CA SER A 30 -23.32 18.92 14.62
C SER A 30 -22.04 18.27 15.12
N LEU A 31 -20.97 19.03 15.26
CA LEU A 31 -19.70 18.41 15.68
C LEU A 31 -19.77 17.84 17.10
N LEU A 32 -20.67 18.33 17.93
CA LEU A 32 -20.80 17.81 19.28
C LEU A 32 -21.69 16.57 19.37
N ILE A 33 -22.55 16.34 18.39
CA ILE A 33 -23.37 15.14 18.41
C ILE A 33 -22.55 13.98 17.86
N PRO A 34 -22.42 12.87 18.58
CA PRO A 34 -21.69 11.73 18.03
C PRO A 34 -22.38 11.15 16.80
N TYR A 35 -21.55 10.75 15.85
CA TYR A 35 -22.04 10.02 14.67
C TYR A 35 -22.97 8.88 15.08
N ARG A 36 -22.53 8.06 16.02
CA ARG A 36 -23.32 6.88 16.40
C ARG A 36 -22.94 6.43 17.80
N GLU A 37 -23.92 5.97 18.57
CA GLU A 37 -23.66 5.38 19.88
C GLU A 37 -24.27 4.00 19.88
N ILE A 38 -23.52 3.02 20.37
CA ILE A 38 -23.95 1.62 20.39
C ILE A 38 -23.80 1.08 21.80
N LYS A 39 -24.82 0.34 22.28
CA LYS A 39 -24.73 -0.50 23.47
C LYS A 39 -25.26 -1.89 23.15
N VAL A 40 -24.55 -2.94 23.59
CA VAL A 40 -24.92 -4.31 23.25
C VAL A 40 -24.81 -5.18 24.48
N GLU A 41 -25.74 -6.12 24.62
CA GLU A 41 -25.63 -7.12 25.68
C GLU A 41 -24.48 -8.07 25.39
N CYS A 42 -23.66 -8.36 26.41
CA CYS A 42 -22.57 -9.31 26.29
C CYS A 42 -22.73 -10.33 27.42
N THR A 43 -23.29 -11.50 27.11
CA THR A 43 -23.53 -12.55 28.09
C THR A 43 -22.68 -13.75 27.76
N ILE A 44 -21.99 -14.29 28.77
CA ILE A 44 -21.12 -15.44 28.56
C ILE A 44 -21.35 -16.44 29.67
N PRO A 45 -21.05 -17.70 29.43
CA PRO A 45 -20.92 -18.64 30.54
C PRO A 45 -19.58 -18.44 31.23
N LYS A 46 -19.63 -18.42 32.56
CA LYS A 46 -18.42 -18.47 33.34
C LYS A 46 -17.79 -19.86 33.22
N ASP A 47 -16.55 -19.99 33.73
CA ASP A 47 -15.85 -21.28 33.71
C ASP A 47 -16.67 -22.38 34.38
N ASP A 48 -17.47 -22.03 35.40
CA ASP A 48 -18.32 -23.03 36.04
C ASP A 48 -19.67 -23.20 35.36
N GLY A 49 -19.89 -22.52 34.23
CA GLY A 49 -21.12 -22.70 33.47
C GLY A 49 -22.22 -21.71 33.78
N SER A 50 -22.18 -21.03 34.93
CA SER A 50 -23.19 -20.03 35.27
C SER A 50 -23.01 -18.77 34.45
N LEU A 51 -24.12 -18.09 34.15
CA LEU A 51 -24.10 -16.95 33.24
C LEU A 51 -23.72 -15.66 33.93
N VAL A 52 -23.05 -14.78 33.21
CA VAL A 52 -22.89 -13.40 33.62
C VAL A 52 -23.18 -12.51 32.42
N SER A 53 -23.84 -11.39 32.67
CA SER A 53 -24.25 -10.46 31.63
C SER A 53 -23.67 -9.09 31.89
N TYR A 54 -23.02 -8.56 30.89
CA TYR A 54 -22.47 -7.21 30.87
C TYR A 54 -23.04 -6.44 29.68
N VAL A 55 -22.78 -5.13 29.69
CA VAL A 55 -23.10 -4.25 28.57
C VAL A 55 -21.81 -3.70 27.98
N GLY A 56 -21.62 -3.96 26.71
CA GLY A 56 -20.52 -3.40 25.95
C GLY A 56 -21.01 -2.16 25.18
N PHE A 57 -20.09 -1.29 24.82
CA PHE A 57 -20.51 -0.05 24.18
C PHE A 57 -19.41 0.46 23.28
N ARG A 58 -19.81 1.28 22.32
CA ARG A 58 -18.87 1.99 21.46
C ARG A 58 -19.50 3.31 21.08
N ILE A 59 -18.84 4.42 21.42
CA ILE A 59 -19.23 5.76 21.03
C ILE A 59 -18.32 6.12 19.86
N GLN A 60 -18.95 6.29 18.71
CA GLN A 60 -18.31 6.66 17.45
C GLN A 60 -18.57 8.14 17.28
N HIS A 61 -17.59 8.97 17.62
CA HIS A 61 -17.88 10.40 17.68
C HIS A 61 -17.91 11.05 16.31
N ASP A 62 -16.87 10.87 15.49
CA ASP A 62 -16.80 11.61 14.23
C ASP A 62 -15.99 10.80 13.22
N ASN A 63 -16.43 10.78 11.96
CA ASN A 63 -15.64 10.06 10.95
C ASN A 63 -15.42 10.89 9.68
N ALA A 64 -15.42 12.22 9.79
CA ALA A 64 -15.25 13.06 8.61
C ALA A 64 -13.86 12.89 7.98
N ARG A 65 -12.83 12.62 8.80
CA ARG A 65 -11.47 12.58 8.29
C ARG A 65 -10.99 11.17 8.02
N GLY A 66 -11.78 10.17 8.38
CA GLY A 66 -11.47 8.80 8.08
C GLY A 66 -12.18 7.85 9.03
N PRO A 67 -11.81 6.58 8.98
CA PRO A 67 -12.28 5.59 9.96
C PRO A 67 -12.09 6.09 11.39
N MET A 68 -13.00 5.68 12.26
CA MET A 68 -12.76 6.06 13.64
C MET A 68 -11.68 5.17 14.25
N LYS A 69 -11.18 5.65 15.40
N LYS A 69 -11.09 5.66 15.35
CA LYS A 69 -10.06 5.06 16.14
CA LYS A 69 -10.21 4.82 16.13
C LYS A 69 -10.27 5.30 17.64
C LYS A 69 -10.31 5.24 17.60
N GLY A 70 -10.01 4.30 18.47
CA GLY A 70 -9.99 4.55 19.90
C GLY A 70 -10.06 3.30 20.74
N GLY A 71 -9.76 3.51 22.01
CA GLY A 71 -9.55 2.42 22.93
C GLY A 71 -10.82 1.70 23.35
N ILE A 72 -10.61 0.49 23.85
CA ILE A 72 -11.64 -0.35 24.47
C ILE A 72 -11.26 -0.51 25.94
N ARG A 73 -12.12 -0.04 26.85
CA ARG A 73 -11.82 -0.09 28.26
C ARG A 73 -12.66 -1.17 28.94
N TYR A 74 -12.00 -2.09 29.67
CA TYR A 74 -12.70 -3.06 30.51
C TYR A 74 -12.56 -2.54 31.94
N HIS A 75 -13.62 -1.95 32.44
CA HIS A 75 -13.60 -1.23 33.70
C HIS A 75 -15.03 -0.98 34.16
N PRO A 76 -15.32 -1.06 35.44
CA PRO A 76 -16.70 -0.79 35.89
C PRO A 76 -17.03 0.69 35.94
N GLU A 77 -18.08 1.06 36.67
CA GLU A 77 -18.44 2.46 36.91
C GLU A 77 -18.27 3.28 35.64
N VAL A 78 -18.93 2.82 34.58
CA VAL A 78 -18.91 3.53 33.31
C VAL A 78 -19.71 4.83 33.46
N ASP A 79 -19.12 5.95 33.04
CA ASP A 79 -19.81 7.22 33.00
C ASP A 79 -20.00 7.63 31.54
N PRO A 80 -21.23 7.64 31.01
CA PRO A 80 -21.41 8.02 29.60
C PRO A 80 -20.84 9.37 29.24
N ASP A 81 -21.00 10.38 30.10
CA ASP A 81 -20.47 11.70 29.76
C ASP A 81 -18.96 11.65 29.54
N GLU A 82 -18.26 10.88 30.37
CA GLU A 82 -16.81 10.79 30.26
C GLU A 82 -16.40 9.99 29.03
N VAL A 83 -17.10 8.89 28.72
CA VAL A 83 -16.84 8.16 27.49
C VAL A 83 -17.03 9.07 26.28
N ASN A 84 -18.12 9.85 26.27
CA ASN A 84 -18.35 10.76 25.15
C ASN A 84 -17.24 11.79 25.04
N ALA A 85 -16.86 12.40 26.17
CA ALA A 85 -15.75 13.35 26.19
C ALA A 85 -14.46 12.76 25.63
N LEU A 86 -14.14 11.51 25.99
CA LEU A 86 -12.91 10.90 25.49
C LEU A 86 -12.97 10.54 24.01
N ALA A 87 -14.15 10.16 23.51
CA ALA A 87 -14.29 9.90 22.09
C ALA A 87 -14.10 11.19 21.30
N GLN A 88 -14.65 12.28 21.81
CA GLN A 88 -14.53 13.56 21.13
C GLN A 88 -13.08 14.03 21.16
N LEU A 89 -12.40 13.85 22.29
CA LEU A 89 -10.98 14.17 22.37
C LEU A 89 -10.14 13.40 21.33
N MET A 90 -10.49 12.15 21.07
CA MET A 90 -9.73 11.41 20.08
C MET A 90 -9.97 11.96 18.69
N THR A 91 -11.18 12.44 18.42
CA THR A 91 -11.41 13.15 17.16
C THR A 91 -10.46 14.33 17.01
N TRP A 92 -10.28 15.14 18.06
CA TRP A 92 -9.37 16.28 17.91
C TRP A 92 -7.92 15.82 17.82
N LYS A 93 -7.56 14.79 18.59
CA LYS A 93 -6.15 14.40 18.68
C LYS A 93 -5.65 13.82 17.37
N THR A 94 -6.46 12.94 16.76
CA THR A 94 -6.08 12.40 15.45
C THR A 94 -5.86 13.54 14.44
N ALA A 95 -6.67 14.59 14.51
CA ALA A 95 -6.52 15.69 13.57
C ALA A 95 -5.29 16.52 13.87
N VAL A 96 -4.93 16.65 15.15
CA VAL A 96 -3.75 17.44 15.52
C VAL A 96 -2.49 16.90 14.83
N VAL A 97 -2.30 15.58 14.83
CA VAL A 97 -1.10 15.00 14.21
C VAL A 97 -1.35 14.57 12.76
N ASP A 98 -2.52 14.93 12.22
CA ASP A 98 -2.85 14.75 10.81
C ASP A 98 -2.85 13.28 10.39
N ILE A 99 -3.34 12.40 11.26
CA ILE A 99 -3.55 11.02 10.82
C ILE A 99 -5.00 10.85 10.39
N PRO A 100 -5.28 10.00 9.39
CA PRO A 100 -6.58 9.99 8.68
C PRO A 100 -7.62 9.16 9.41
N TYR A 101 -7.99 9.61 10.60
CA TYR A 101 -8.97 8.93 11.44
C TYR A 101 -9.87 9.96 12.12
N GLY A 102 -11.07 9.52 12.51
CA GLY A 102 -11.84 10.18 13.54
C GLY A 102 -11.78 9.46 14.88
N GLY A 103 -12.59 9.92 15.85
CA GLY A 103 -12.48 9.50 17.23
C GLY A 103 -13.62 8.60 17.68
N ALA A 104 -13.28 7.66 18.57
CA ALA A 104 -14.22 6.71 19.14
C ALA A 104 -13.71 6.24 20.49
N LYS A 105 -14.62 5.74 21.32
CA LYS A 105 -14.25 5.13 22.59
C LYS A 105 -15.28 4.07 22.92
N GLY A 106 -14.80 2.94 23.38
CA GLY A 106 -15.70 1.87 23.80
C GLY A 106 -15.24 1.11 25.02
N GLY A 107 -15.97 0.05 25.34
CA GLY A 107 -15.58 -0.73 26.50
C GLY A 107 -16.66 -1.72 26.88
N ILE A 108 -16.41 -2.37 28.00
CA ILE A 108 -17.36 -3.26 28.65
C ILE A 108 -17.36 -2.93 30.12
N GLY A 109 -18.54 -2.79 30.69
CA GLY A 109 -18.64 -2.44 32.08
C GLY A 109 -18.47 -3.69 32.92
N CYS A 110 -17.23 -3.97 33.28
CA CYS A 110 -16.87 -5.17 34.01
C CYS A 110 -15.60 -4.84 34.78
N ASN A 111 -15.31 -5.69 35.76
CA ASN A 111 -14.02 -5.65 36.44
C ASN A 111 -13.21 -6.85 35.97
N PRO A 112 -12.22 -6.66 35.10
CA PRO A 112 -11.50 -7.82 34.57
C PRO A 112 -10.74 -8.59 35.62
N LYS A 113 -10.43 -7.99 36.78
CA LYS A 113 -9.77 -8.76 37.83
C LYS A 113 -10.66 -9.88 38.36
N ASP A 114 -11.97 -9.82 38.12
CA ASP A 114 -12.89 -10.84 38.62
C ASP A 114 -13.17 -11.93 37.61
N LEU A 115 -12.53 -11.89 36.46
CA LEU A 115 -12.75 -12.87 35.41
C LEU A 115 -11.46 -13.64 35.15
N SER A 116 -11.59 -14.93 34.88
CA SER A 116 -10.47 -15.73 34.44
C SER A 116 -10.07 -15.36 33.02
N ILE A 117 -8.89 -15.85 32.61
CA ILE A 117 -8.41 -15.53 31.28
C ILE A 117 -9.31 -16.18 30.23
N SER A 118 -9.88 -17.35 30.51
CA SER A 118 -10.81 -17.93 29.55
C SER A 118 -12.13 -17.16 29.50
N GLU A 119 -12.59 -16.63 30.63
CA GLU A 119 -13.79 -15.79 30.67
C GLU A 119 -13.54 -14.47 29.93
N LEU A 120 -12.37 -13.88 30.12
CA LEU A 120 -12.07 -12.63 29.42
C LEU A 120 -12.03 -12.86 27.91
N GLU A 121 -11.52 -14.02 27.49
CA GLU A 121 -11.50 -14.33 26.06
C GLU A 121 -12.92 -14.50 25.53
N ARG A 122 -13.76 -15.26 26.24
CA ARG A 122 -15.11 -15.44 25.73
C ARG A 122 -15.82 -14.10 25.67
N LEU A 123 -15.63 -13.26 26.69
CA LEU A 123 -16.32 -11.98 26.73
C LEU A 123 -15.87 -11.10 25.58
N THR A 124 -14.56 -11.10 25.30
CA THR A 124 -14.04 -10.34 24.17
C THR A 124 -14.62 -10.83 22.85
N ARG A 125 -14.70 -12.16 22.67
CA ARG A 125 -15.22 -12.69 21.42
C ARG A 125 -16.71 -12.41 21.26
N VAL A 126 -17.47 -12.53 22.32
CA VAL A 126 -18.90 -12.22 22.24
C VAL A 126 -19.11 -10.74 21.91
N PHE A 127 -18.35 -9.87 22.55
CA PHE A 127 -18.45 -8.45 22.25
C PHE A 127 -18.14 -8.21 20.78
N THR A 128 -17.13 -8.91 20.26
CA THR A 128 -16.77 -8.71 18.86
C THR A 128 -17.90 -9.20 17.97
N GLN A 129 -18.49 -10.38 18.30
CA GLN A 129 -19.68 -10.83 17.58
C GLN A 129 -20.77 -9.77 17.55
N LYS A 130 -20.99 -9.10 18.68
CA LYS A 130 -22.06 -8.12 18.76
C LYS A 130 -21.76 -6.83 18.01
N ILE A 131 -20.50 -6.50 17.73
CA ILE A 131 -20.20 -5.24 17.04
C ILE A 131 -19.46 -5.46 15.72
N HIS A 132 -19.50 -6.69 15.19
CA HIS A 132 -18.62 -7.01 14.06
C HIS A 132 -18.96 -6.23 12.81
N ASP A 133 -20.21 -5.80 12.60
CA ASP A 133 -20.47 -5.02 11.41
C ASP A 133 -20.31 -3.53 11.66
N LEU A 134 -20.04 -3.11 12.89
N LEU A 134 -20.08 -3.15 12.92
CA LEU A 134 -19.86 -1.70 13.16
CA LEU A 134 -19.84 -1.77 13.32
C LEU A 134 -18.40 -1.30 13.38
C LEU A 134 -18.39 -1.36 13.15
N ILE A 135 -17.46 -2.25 13.48
CA ILE A 135 -16.04 -1.95 13.40
C ILE A 135 -15.55 -2.47 12.04
N GLY A 136 -14.31 -2.20 11.71
CA GLY A 136 -13.82 -2.52 10.39
C GLY A 136 -12.60 -1.68 10.03
N ILE A 137 -11.80 -2.21 9.12
CA ILE A 137 -10.54 -1.57 8.75
C ILE A 137 -10.77 -0.13 8.28
N HIS A 138 -11.85 0.09 7.53
CA HIS A 138 -12.17 1.43 7.05
C HIS A 138 -13.39 2.03 7.74
N ARG A 139 -13.75 1.49 8.88
CA ARG A 139 -14.93 1.97 9.62
C ARG A 139 -14.58 2.44 11.02
N ASP A 140 -13.95 1.60 11.84
CA ASP A 140 -13.66 1.89 13.23
C ASP A 140 -12.67 0.84 13.72
N VAL A 141 -11.52 1.30 14.19
CA VAL A 141 -10.36 0.49 14.49
C VAL A 141 -10.07 0.62 15.99
N PRO A 142 -10.47 -0.39 16.78
CA PRO A 142 -10.17 -0.36 18.22
C PRO A 142 -8.70 -0.55 18.56
N ALA A 143 -8.40 -0.30 19.83
CA ALA A 143 -7.08 -0.30 20.42
C ALA A 143 -7.21 -0.65 21.89
N PRO A 144 -6.11 -1.01 22.54
CA PRO A 144 -6.16 -1.30 23.97
C PRO A 144 -6.38 -0.03 24.79
N ASP A 145 -6.79 -0.22 26.03
CA ASP A 145 -7.02 0.89 26.95
C ASP A 145 -7.01 0.28 28.35
N MET A 146 -7.53 1.01 29.32
CA MET A 146 -7.57 0.48 30.68
C MET A 146 -8.29 -0.86 30.68
N GLY A 147 -7.66 -1.87 31.30
CA GLY A 147 -8.24 -3.19 31.40
C GLY A 147 -8.11 -4.06 30.19
N THR A 148 -7.49 -3.60 29.11
CA THR A 148 -7.30 -4.44 27.91
C THR A 148 -5.85 -4.32 27.45
N ASN A 149 -5.43 -5.23 26.57
CA ASN A 149 -4.02 -5.28 26.17
C ASN A 149 -3.88 -5.97 24.81
N SER A 150 -2.64 -6.26 24.42
CA SER A 150 -2.44 -6.79 23.07
C SER A 150 -3.10 -8.15 22.91
N GLN A 151 -3.20 -8.93 23.99
CA GLN A 151 -3.91 -10.21 23.91
C GLN A 151 -5.39 -9.99 23.65
N THR A 152 -6.00 -8.98 24.28
CA THR A 152 -7.38 -8.63 23.97
C THR A 152 -7.56 -8.35 22.50
N MET A 153 -6.65 -7.54 21.93
CA MET A 153 -6.71 -7.22 20.51
C MET A 153 -6.58 -8.48 19.64
N ALA A 154 -5.73 -9.42 20.04
CA ALA A 154 -5.57 -10.64 19.25
C ALA A 154 -6.89 -11.39 19.18
N TRP A 155 -7.62 -11.42 20.29
CA TRP A 155 -8.89 -12.12 20.27
C TRP A 155 -9.91 -11.41 19.40
N ILE A 156 -9.95 -10.07 19.46
CA ILE A 156 -10.87 -9.34 18.58
C ILE A 156 -10.56 -9.63 17.12
N LEU A 157 -9.27 -9.54 16.75
CA LEU A 157 -8.87 -9.87 15.39
C LEU A 157 -9.33 -11.25 14.98
N ASP A 158 -9.06 -12.24 15.83
CA ASP A 158 -9.37 -13.61 15.47
C ASP A 158 -10.88 -13.79 15.29
N GLU A 159 -11.68 -13.22 16.18
CA GLU A 159 -13.12 -13.42 16.04
C GLU A 159 -13.70 -12.59 14.89
N TYR A 160 -13.27 -11.34 14.77
CA TYR A 160 -13.71 -10.51 13.66
C TYR A 160 -13.41 -11.16 12.31
N SER A 161 -12.23 -11.78 12.16
CA SER A 161 -11.85 -12.34 10.89
C SER A 161 -12.70 -13.54 10.49
N LYS A 162 -13.43 -14.13 11.43
CA LYS A 162 -14.37 -15.17 11.04
C LYS A 162 -15.49 -14.59 10.22
N PHE A 163 -15.87 -13.35 10.50
CA PHE A 163 -16.98 -12.69 9.84
C PHE A 163 -16.56 -12.03 8.52
N HIS A 164 -15.34 -11.51 8.43
CA HIS A 164 -14.94 -10.64 7.32
C HIS A 164 -13.66 -11.08 6.65
N GLY A 165 -13.15 -12.26 6.98
CA GLY A 165 -11.86 -12.72 6.50
C GLY A 165 -10.72 -12.10 7.28
N HIS A 166 -9.53 -12.63 7.07
N HIS A 166 -9.51 -12.67 7.10
CA HIS A 166 -8.34 -12.16 7.77
CA HIS A 166 -8.26 -12.15 7.66
C HIS A 166 -8.18 -10.65 7.59
C HIS A 166 -8.25 -10.62 7.57
N SER A 167 -8.25 -9.92 8.71
CA SER A 167 -8.32 -8.45 8.71
C SER A 167 -7.38 -7.84 9.74
N PRO A 168 -6.06 -8.00 9.55
CA PRO A 168 -5.11 -7.50 10.56
C PRO A 168 -5.29 -6.05 10.92
N ALA A 169 -5.70 -5.19 9.99
CA ALA A 169 -5.81 -3.76 10.33
C ALA A 169 -7.09 -3.41 11.07
N VAL A 170 -7.90 -4.38 11.48
CA VAL A 170 -9.13 -4.04 12.17
C VAL A 170 -8.88 -3.53 13.58
N VAL A 171 -7.78 -3.92 14.21
CA VAL A 171 -7.36 -3.37 15.49
C VAL A 171 -5.89 -3.03 15.43
N THR A 172 -5.48 -2.13 16.32
CA THR A 172 -4.08 -1.84 16.54
C THR A 172 -3.69 -2.27 17.96
N GLY A 173 -2.41 -2.14 18.25
CA GLY A 173 -1.88 -2.68 19.49
C GLY A 173 -1.71 -4.18 19.52
N LYS A 174 -1.63 -4.80 18.37
CA LYS A 174 -1.56 -6.26 18.30
C LYS A 174 -0.20 -6.74 18.75
N PRO A 175 -0.10 -8.01 19.16
CA PRO A 175 1.22 -8.61 19.36
C PRO A 175 2.03 -8.55 18.07
N ILE A 176 3.34 -8.39 18.22
CA ILE A 176 4.19 -8.44 17.02
C ILE A 176 3.96 -9.71 16.23
N ASP A 177 3.78 -10.84 16.90
CA ASP A 177 3.59 -12.10 16.19
C ASP A 177 2.29 -12.16 15.38
N LEU A 178 1.35 -11.21 15.55
CA LEU A 178 0.11 -11.17 14.78
C LEU A 178 -0.08 -9.84 14.06
N GLY A 179 1.00 -9.24 13.60
CA GLY A 179 0.92 -8.06 12.77
C GLY A 179 1.08 -6.75 13.49
N GLY A 180 1.48 -6.75 14.76
CA GLY A 180 1.75 -5.52 15.45
C GLY A 180 3.00 -4.86 14.92
N SER A 181 3.15 -3.57 15.21
CA SER A 181 4.28 -2.80 14.72
C SER A 181 5.46 -2.82 15.68
N LEU A 182 6.66 -2.89 15.13
CA LEU A 182 7.85 -2.57 15.92
C LEU A 182 7.73 -1.12 16.39
N GLY A 183 8.36 -0.82 17.52
CA GLY A 183 8.40 0.54 18.04
C GLY A 183 7.19 0.94 18.87
N ARG A 184 6.23 0.03 19.06
CA ARG A 184 4.98 0.42 19.68
C ARG A 184 5.17 0.74 21.15
N GLU A 185 5.97 -0.06 21.87
CA GLU A 185 6.09 0.15 23.31
C GLU A 185 6.73 1.50 23.59
N ALA A 186 7.78 1.85 22.86
CA ALA A 186 8.51 3.10 23.05
C ALA A 186 7.83 4.31 22.40
N ALA A 187 6.74 4.12 21.67
CA ALA A 187 6.26 5.17 20.77
C ALA A 187 5.89 6.45 21.50
N THR A 188 5.18 6.34 22.60
CA THR A 188 4.74 7.57 23.26
C THR A 188 5.94 8.31 23.88
N GLY A 189 6.80 7.58 24.59
CA GLY A 189 7.95 8.22 25.20
C GLY A 189 8.89 8.83 24.18
N LEU A 190 9.17 8.09 23.10
CA LEU A 190 10.03 8.62 22.06
C LEU A 190 9.37 9.79 21.34
N GLY A 191 8.05 9.71 21.14
CA GLY A 191 7.37 10.81 20.49
C GLY A 191 7.42 12.08 21.32
N VAL A 192 7.34 11.93 22.65
CA VAL A 192 7.51 13.08 23.52
C VAL A 192 8.84 13.79 23.23
N VAL A 193 9.89 13.00 23.02
CA VAL A 193 11.21 13.56 22.80
C VAL A 193 11.32 14.19 21.41
N PHE A 194 10.77 13.55 20.37
CA PHE A 194 10.77 14.19 19.06
C PHE A 194 9.99 15.51 19.11
N ALA A 195 8.89 15.54 19.87
CA ALA A 195 8.11 16.76 20.01
C ALA A 195 8.91 17.84 20.73
N THR A 196 9.62 17.46 21.78
CA THR A 196 10.50 18.38 22.50
C THR A 196 11.58 18.93 21.60
N GLU A 197 12.20 18.07 20.76
CA GLU A 197 13.23 18.56 19.86
C GLU A 197 12.68 19.59 18.88
N ALA A 198 11.43 19.40 18.43
CA ALA A 198 10.85 20.36 17.49
C ALA A 198 10.57 21.67 18.19
N LEU A 199 10.01 21.59 19.39
CA LEU A 199 9.78 22.80 20.17
C LEU A 199 11.09 23.53 20.39
N PHE A 200 12.12 22.81 20.83
CA PHE A 200 13.38 23.45 21.18
C PHE A 200 14.02 24.12 19.97
N ALA A 201 13.99 23.45 18.80
CA ALA A 201 14.64 24.01 17.61
C ALA A 201 14.01 25.35 17.21
N GLU A 202 12.71 25.52 17.45
CA GLU A 202 12.05 26.79 17.24
C GLU A 202 12.65 27.89 18.09
N TYR A 203 13.14 27.55 19.29
CA TYR A 203 13.85 28.52 20.12
C TYR A 203 15.36 28.44 19.97
N GLY A 204 15.88 27.58 19.10
CA GLY A 204 17.32 27.52 18.96
C GLY A 204 18.00 26.69 20.00
N LYS A 205 17.25 25.93 20.77
CA LYS A 205 17.82 25.11 21.84
C LYS A 205 17.97 23.67 21.40
N SER A 206 18.75 22.92 22.16
CA SER A 206 19.03 21.52 21.89
C SER A 206 18.95 20.73 23.20
N ILE A 207 18.43 19.52 23.13
CA ILE A 207 18.32 18.63 24.30
C ILE A 207 19.66 18.54 25.02
N SER A 208 20.75 18.53 24.26
CA SER A 208 22.07 18.35 24.86
C SER A 208 22.51 19.51 25.77
N ASP A 209 21.83 20.65 25.75
CA ASP A 209 22.19 21.74 26.64
C ASP A 209 21.15 21.97 27.74
N MET A 210 20.20 21.05 27.91
CA MET A 210 19.11 21.20 28.86
C MET A 210 19.23 20.18 30.00
N THR A 211 18.70 20.54 31.15
CA THR A 211 18.46 19.59 32.22
C THR A 211 16.97 19.35 32.36
N PHE A 212 16.62 18.17 32.88
CA PHE A 212 15.28 17.64 32.84
C PHE A 212 14.91 17.01 34.18
N ALA A 213 13.68 17.23 34.61
CA ALA A 213 13.10 16.50 35.74
C ALA A 213 11.86 15.78 35.25
N ILE A 214 11.71 14.52 35.64
CA ILE A 214 10.69 13.64 35.07
C ILE A 214 9.87 13.04 36.21
N GLN A 215 8.54 13.22 36.15
CA GLN A 215 7.63 12.66 37.14
C GLN A 215 7.00 11.42 36.56
N GLY A 216 7.38 10.27 37.06
CA GLY A 216 6.86 9.00 36.56
C GLY A 216 7.95 8.26 35.82
N PHE A 217 8.00 6.95 36.03
CA PHE A 217 9.04 6.12 35.42
C PHE A 217 8.43 4.79 35.00
N GLY A 218 7.32 4.87 34.27
CA GLY A 218 6.64 3.73 33.71
C GLY A 218 6.85 3.63 32.21
N ASN A 219 5.84 3.18 31.46
CA ASN A 219 6.01 3.05 30.02
C ASN A 219 6.46 4.35 29.37
N VAL A 220 5.90 5.48 29.79
CA VAL A 220 6.25 6.73 29.11
C VAL A 220 7.54 7.29 29.66
N GLY A 221 7.64 7.39 31.00
CA GLY A 221 8.81 8.00 31.61
C GLY A 221 10.11 7.28 31.29
N THR A 222 10.10 5.94 31.29
CA THR A 222 11.35 5.23 31.02
C THR A 222 11.84 5.51 29.59
N TRP A 223 10.94 5.42 28.60
CA TRP A 223 11.40 5.58 27.23
C TRP A 223 11.77 7.03 26.93
N ALA A 224 11.06 7.99 27.52
CA ALA A 224 11.43 9.38 27.32
C ALA A 224 12.80 9.67 27.95
N ALA A 225 12.99 9.21 29.17
CA ALA A 225 14.28 9.41 29.84
C ALA A 225 15.41 8.81 29.01
N LYS A 226 15.20 7.59 28.52
CA LYS A 226 16.21 6.92 27.71
C LYS A 226 16.53 7.74 26.47
N ALA A 227 15.49 8.16 25.75
CA ALA A 227 15.69 8.93 24.53
C ALA A 227 16.35 10.27 24.82
N ILE A 228 15.98 10.93 25.92
CA ILE A 228 16.64 12.19 26.29
C ILE A 228 18.11 11.93 26.60
N PHE A 229 18.37 10.93 27.43
CA PHE A 229 19.73 10.60 27.83
C PHE A 229 20.59 10.30 26.61
N GLU A 230 20.04 9.61 25.62
CA GLU A 230 20.82 9.23 24.45
C GLU A 230 21.11 10.42 23.55
N ARG A 231 20.40 11.51 23.72
CA ARG A 231 20.61 12.74 22.97
C ARG A 231 21.39 13.77 23.77
N GLY A 232 21.97 13.37 24.89
CA GLY A 232 22.81 14.23 25.67
C GLY A 232 22.08 15.06 26.68
N GLY A 233 20.77 14.88 26.85
CA GLY A 233 20.08 15.57 27.90
C GLY A 233 20.55 15.12 29.27
N LYS A 234 20.57 16.04 30.23
CA LYS A 234 20.92 15.76 31.61
C LYS A 234 19.63 15.57 32.40
N VAL A 235 19.35 14.33 32.79
CA VAL A 235 18.19 14.04 33.61
C VAL A 235 18.63 14.15 35.07
N VAL A 236 18.26 15.27 35.70
CA VAL A 236 18.71 15.57 37.06
C VAL A 236 17.77 15.09 38.16
N ALA A 237 16.54 14.69 37.81
CA ALA A 237 15.62 14.18 38.82
C ALA A 237 14.58 13.26 38.17
N VAL A 238 14.25 12.16 38.85
CA VAL A 238 13.24 11.21 38.40
C VAL A 238 12.47 10.71 39.62
N SER A 239 11.15 10.61 39.49
CA SER A 239 10.34 10.02 40.54
C SER A 239 9.40 8.97 39.97
N ASP A 240 8.94 8.08 40.85
CA ASP A 240 7.75 7.28 40.58
C ASP A 240 6.92 7.22 41.86
N ILE A 241 6.06 6.21 41.95
CA ILE A 241 5.06 6.18 43.00
C ILE A 241 5.71 5.96 44.37
N ASN A 242 6.88 5.32 44.41
CA ASN A 242 7.48 4.89 45.67
C ASN A 242 8.65 5.74 46.13
N GLY A 243 9.23 6.56 45.27
CA GLY A 243 10.44 7.26 45.67
C GLY A 243 10.95 8.15 44.56
N ALA A 244 12.15 8.69 44.77
CA ALA A 244 12.72 9.60 43.78
C ALA A 244 14.22 9.67 43.97
N ILE A 245 14.90 10.16 42.94
CA ILE A 245 16.36 10.19 42.88
C ILE A 245 16.77 11.44 42.13
N SER A 246 17.84 12.07 42.58
CA SER A 246 18.33 13.31 41.99
C SER A 246 19.84 13.23 41.82
N ASN A 247 20.33 13.88 40.77
CA ASN A 247 21.76 14.06 40.54
C ASN A 247 21.94 15.31 39.70
N PRO A 248 22.50 16.39 40.25
CA PRO A 248 22.58 17.65 39.49
C PRO A 248 23.46 17.57 38.26
N ASN A 249 24.35 16.59 38.21
CA ASN A 249 25.20 16.37 37.04
C ASN A 249 24.59 15.41 36.03
N GLY A 250 23.37 14.93 36.25
CA GLY A 250 22.77 13.99 35.34
C GLY A 250 22.79 12.56 35.82
N ILE A 251 21.65 11.91 35.82
CA ILE A 251 21.56 10.52 36.23
C ILE A 251 22.00 9.64 35.06
N ASP A 252 22.77 8.59 35.34
CA ASP A 252 23.05 7.59 34.30
C ASP A 252 21.80 6.75 34.04
N ILE A 253 21.01 7.11 33.02
CA ILE A 253 19.70 6.49 32.82
C ILE A 253 19.83 5.04 32.37
N ALA A 254 20.87 4.70 31.61
CA ALA A 254 21.10 3.29 31.29
C ALA A 254 21.34 2.47 32.55
N ALA A 255 22.21 2.96 33.43
CA ALA A 255 22.40 2.31 34.72
C ALA A 255 21.09 2.24 35.49
N LEU A 256 20.32 3.34 35.47
CA LEU A 256 19.06 3.38 36.23
C LEU A 256 18.06 2.38 35.68
N LEU A 257 17.94 2.28 34.36
CA LEU A 257 17.03 1.29 33.77
C LEU A 257 17.46 -0.13 34.10
N LYS A 258 18.77 -0.39 34.17
CA LYS A 258 19.22 -1.71 34.59
C LYS A 258 18.78 -2.03 36.01
N HIS A 259 18.87 -1.05 36.91
CA HIS A 259 18.50 -1.24 38.30
C HIS A 259 17.00 -1.45 38.47
N LYS A 260 16.17 -0.78 37.67
CA LYS A 260 14.73 -1.00 37.73
C LYS A 260 14.39 -2.42 37.27
N ALA A 261 15.07 -2.91 36.24
CA ALA A 261 14.80 -4.24 35.72
C ALA A 261 15.03 -5.31 36.77
N GLY A 262 16.07 -5.16 37.60
CA GLY A 262 16.35 -6.12 38.66
C GLY A 262 15.51 -5.91 39.91
N ASN A 263 14.38 -5.20 39.75
CA ASN A 263 13.41 -4.96 40.82
C ASN A 263 13.95 -4.00 41.88
N GLY A 264 14.85 -3.09 41.47
CA GLY A 264 15.37 -2.09 42.37
C GLY A 264 14.47 -0.88 42.47
N SER A 265 14.65 -0.12 43.54
CA SER A 265 13.90 1.11 43.77
C SER A 265 14.70 2.32 43.30
N LEU A 266 13.98 3.40 43.01
CA LEU A 266 14.63 4.65 42.64
C LEU A 266 15.49 5.20 43.78
N LYS A 267 15.00 5.10 45.02
CA LYS A 267 15.70 5.71 46.14
C LYS A 267 16.97 4.93 46.50
N ASP A 268 16.98 3.62 46.26
CA ASP A 268 18.14 2.78 46.53
C ASP A 268 19.14 2.75 45.37
N PHE A 269 18.99 3.63 44.38
CA PHE A 269 19.94 3.69 43.28
C PHE A 269 21.19 4.46 43.71
N SER A 270 22.37 3.89 43.44
CA SER A 270 23.62 4.44 43.95
C SER A 270 24.13 5.65 43.15
N GLY A 271 23.62 5.87 41.94
CA GLY A 271 24.13 6.92 41.09
C GLY A 271 23.43 8.25 41.30
N GLY A 272 22.87 8.44 42.47
CA GLY A 272 22.29 9.72 42.81
C GLY A 272 21.97 9.78 44.29
N ASP A 273 21.31 10.87 44.66
CA ASP A 273 20.84 11.09 46.02
C ASP A 273 19.34 10.92 46.06
N ALA A 274 18.84 10.16 47.01
CA ALA A 274 17.39 10.01 47.12
C ALA A 274 16.74 11.34 47.49
N MET A 275 15.56 11.60 46.94
CA MET A 275 14.87 12.85 47.25
C MET A 275 13.41 12.58 47.52
N ASN A 276 12.77 13.55 48.17
CA ASN A 276 11.33 13.52 48.40
C ASN A 276 10.58 13.61 47.06
N PRO A 277 9.77 12.62 46.69
CA PRO A 277 9.05 12.73 45.42
C PRO A 277 8.08 13.89 45.39
N ASN A 278 7.62 14.37 46.53
CA ASN A 278 6.77 15.55 46.55
C ASN A 278 7.52 16.80 46.11
N ASP A 279 8.85 16.75 46.04
CA ASP A 279 9.66 17.88 45.64
C ASP A 279 9.99 17.90 44.15
N LEU A 280 9.44 16.98 43.36
CA LEU A 280 9.93 16.83 42.00
C LEU A 280 9.54 18.02 41.13
N LEU A 281 8.26 18.39 41.14
CA LEU A 281 7.78 19.41 40.21
C LEU A 281 8.45 20.75 40.43
N VAL A 282 8.95 21.00 41.64
CA VAL A 282 9.59 22.26 41.96
C VAL A 282 11.10 22.15 41.92
N HIS A 283 11.62 21.04 41.40
CA HIS A 283 13.06 20.83 41.32
C HIS A 283 13.69 21.78 40.31
N ASP A 284 14.95 22.14 40.55
CA ASP A 284 15.66 23.01 39.62
C ASP A 284 15.96 22.23 38.33
N CYS A 285 15.42 22.70 37.21
CA CYS A 285 15.68 22.11 35.90
C CYS A 285 15.28 23.14 34.85
N ASP A 286 15.70 22.85 33.61
CA ASP A 286 15.23 23.62 32.46
C ASP A 286 13.87 23.14 31.99
N VAL A 287 13.65 21.83 32.04
CA VAL A 287 12.50 21.18 31.43
C VAL A 287 11.87 20.24 32.45
N LEU A 288 10.56 20.39 32.65
CA LEU A 288 9.77 19.50 33.51
C LEU A 288 8.86 18.64 32.65
N ILE A 289 8.89 17.32 32.87
CA ILE A 289 8.03 16.42 32.11
C ILE A 289 7.17 15.57 33.03
N PRO A 290 5.96 16.03 33.35
CA PRO A 290 5.00 15.15 34.04
C PRO A 290 4.60 14.00 33.13
N CYS A 291 4.85 12.78 33.59
CA CYS A 291 4.59 11.57 32.81
C CYS A 291 3.56 10.64 33.44
N ALA A 292 3.38 10.70 34.76
CA ALA A 292 2.62 9.74 35.54
C ALA A 292 1.16 10.12 35.73
N LEU A 293 0.91 11.28 36.32
CA LEU A 293 -0.39 11.64 36.86
C LEU A 293 -0.89 12.92 36.24
N GLY A 294 -2.23 13.03 36.14
CA GLY A 294 -2.86 14.29 35.82
C GLY A 294 -3.09 15.14 37.06
N GLY A 295 -3.41 16.40 36.83
CA GLY A 295 -3.79 17.28 37.93
C GLY A 295 -2.72 17.48 38.98
N VAL A 296 -1.45 17.53 38.59
CA VAL A 296 -0.36 17.71 39.55
C VAL A 296 0.09 19.17 39.64
N LEU A 297 -0.20 20.00 38.66
CA LEU A 297 0.15 21.41 38.67
C LEU A 297 -1.13 22.22 38.82
N ASN A 298 -1.19 23.00 39.90
CA ASN A 298 -2.40 23.72 40.31
C ASN A 298 -1.97 25.04 40.93
N LYS A 299 -2.93 25.79 41.46
CA LYS A 299 -2.61 27.14 41.90
C LYS A 299 -1.67 27.15 43.11
N GLU A 300 -1.50 26.03 43.81
CA GLU A 300 -0.68 26.03 45.00
C GLU A 300 0.81 25.93 44.69
N ASN A 301 1.19 25.17 43.67
CA ASN A 301 2.60 24.91 43.40
C ASN A 301 3.11 25.56 42.11
N ALA A 302 2.24 26.06 41.24
CA ALA A 302 2.72 26.52 39.94
C ALA A 302 3.72 27.68 40.08
N ASN A 303 3.57 28.54 41.10
CA ASN A 303 4.53 29.62 41.28
C ASN A 303 5.93 29.14 41.66
N ASP A 304 6.07 27.90 42.15
CA ASP A 304 7.36 27.35 42.58
C ASP A 304 8.01 26.47 41.52
N VAL A 305 7.39 26.31 40.36
CA VAL A 305 8.03 25.59 39.25
C VAL A 305 9.24 26.41 38.79
N LYS A 306 10.36 25.73 38.56
CA LYS A 306 11.59 26.39 38.15
C LYS A 306 11.91 26.18 36.68
N ALA A 307 11.25 25.23 36.03
CA ALA A 307 11.50 24.94 34.63
C ALA A 307 10.95 26.07 33.77
N LYS A 308 11.59 26.28 32.63
CA LYS A 308 11.06 27.20 31.63
C LYS A 308 10.28 26.49 30.52
N PHE A 309 10.32 25.17 30.50
CA PHE A 309 9.53 24.39 29.55
C PHE A 309 8.87 23.27 30.31
N ILE A 310 7.59 23.07 30.06
CA ILE A 310 6.85 21.92 30.57
C ILE A 310 6.36 21.12 29.38
N ILE A 311 6.70 19.82 29.37
CA ILE A 311 6.29 18.91 28.30
C ILE A 311 5.26 17.97 28.90
N GLU A 312 4.00 18.09 28.46
CA GLU A 312 2.92 17.33 29.09
C GLU A 312 2.84 15.95 28.46
N ALA A 313 3.60 15.01 29.01
CA ALA A 313 3.42 13.62 28.60
C ALA A 313 2.17 13.02 29.23
N ALA A 314 1.98 13.19 30.53
CA ALA A 314 0.75 12.78 31.17
C ALA A 314 -0.43 13.54 30.56
N ASN A 315 -1.63 13.00 30.71
CA ASN A 315 -2.81 13.72 30.28
C ASN A 315 -3.24 14.67 31.39
N HIS A 316 -3.61 15.89 30.97
CA HIS A 316 -4.02 17.00 31.83
C HIS A 316 -3.26 17.09 33.15
N PRO A 317 -1.92 17.23 33.10
CA PRO A 317 -1.18 17.50 34.34
C PRO A 317 -1.37 18.90 34.87
N THR A 318 -1.78 19.86 34.04
CA THR A 318 -1.82 21.27 34.40
C THR A 318 -3.25 21.78 34.36
N ASP A 319 -3.73 22.36 35.46
CA ASP A 319 -5.06 22.97 35.43
C ASP A 319 -4.99 24.41 34.95
N PRO A 320 -6.14 25.02 34.67
CA PRO A 320 -6.12 26.37 34.06
C PRO A 320 -5.53 27.45 34.94
N ASP A 321 -5.69 27.36 36.27
CA ASP A 321 -4.98 28.26 37.17
C ASP A 321 -3.48 28.20 36.93
N ALA A 322 -2.93 26.98 36.89
CA ALA A 322 -1.50 26.84 36.71
C ALA A 322 -1.07 27.40 35.35
N ASP A 323 -1.83 27.09 34.29
CA ASP A 323 -1.56 27.64 32.95
C ASP A 323 -1.29 29.14 33.00
N GLU A 324 -2.19 29.89 33.64
CA GLU A 324 -2.04 31.34 33.67
C GLU A 324 -0.81 31.73 34.50
N ILE A 325 -0.66 31.12 35.67
CA ILE A 325 0.50 31.42 36.52
C ILE A 325 1.78 31.17 35.75
N LEU A 326 1.87 30.03 35.08
CA LEU A 326 3.10 29.69 34.38
C LEU A 326 3.34 30.59 33.16
N SER A 327 2.27 31.01 32.49
CA SER A 327 2.44 31.93 31.37
C SER A 327 3.02 33.26 31.84
N LYS A 328 2.49 33.79 32.95
CA LYS A 328 3.06 35.00 33.54
C LYS A 328 4.55 34.85 33.82
N LYS A 329 4.98 33.66 34.24
CA LYS A 329 6.39 33.39 34.49
C LYS A 329 7.16 33.11 33.19
N GLY A 330 6.52 33.17 32.04
CA GLY A 330 7.21 32.93 30.79
C GLY A 330 7.57 31.49 30.54
N VAL A 331 6.82 30.56 31.12
CA VAL A 331 7.01 29.13 30.90
C VAL A 331 6.20 28.71 29.68
N ILE A 332 6.80 27.89 28.84
CA ILE A 332 6.16 27.37 27.65
C ILE A 332 5.71 25.94 27.94
N ILE A 333 4.45 25.64 27.63
CA ILE A 333 3.82 24.36 27.95
C ILE A 333 3.40 23.69 26.64
N LEU A 334 4.07 22.58 26.31
CA LEU A 334 3.73 21.77 25.14
C LEU A 334 2.56 20.89 25.55
N PRO A 335 1.40 21.05 24.94
CA PRO A 335 0.18 20.44 25.46
C PRO A 335 0.06 18.95 25.20
N ASP A 336 -0.60 18.29 26.16
CA ASP A 336 -0.76 16.85 26.18
C ASP A 336 -1.33 16.31 24.87
N VAL A 337 -2.32 16.99 24.32
CA VAL A 337 -3.01 16.45 23.14
C VAL A 337 -2.03 16.16 22.02
N TYR A 338 -1.01 17.00 21.88
CA TYR A 338 0.06 16.80 20.91
C TYR A 338 1.23 15.98 21.48
N ALA A 339 1.73 16.35 22.67
CA ALA A 339 3.03 15.86 23.10
C ALA A 339 3.03 14.35 23.29
N ASN A 340 1.93 13.76 23.75
CA ASN A 340 1.91 12.33 23.98
C ASN A 340 1.25 11.56 22.84
N ALA A 341 1.14 12.16 21.67
CA ALA A 341 0.47 11.53 20.54
C ALA A 341 1.32 10.53 19.76
N GLY A 342 2.53 10.20 20.20
CA GLY A 342 3.32 9.24 19.45
C GLY A 342 2.69 7.86 19.43
N GLY A 343 2.00 7.49 20.52
CA GLY A 343 1.35 6.19 20.57
C GLY A 343 0.27 6.08 19.51
N VAL A 344 -0.61 7.08 19.43
CA VAL A 344 -1.66 7.01 18.40
C VAL A 344 -1.08 7.12 17.00
N THR A 345 -0.01 7.89 16.84
CA THR A 345 0.63 7.98 15.53
C THR A 345 1.23 6.64 15.08
N VAL A 346 1.94 5.94 15.97
CA VAL A 346 2.44 4.62 15.58
C VAL A 346 1.30 3.64 15.37
N SER A 347 0.18 3.80 16.07
CA SER A 347 -0.97 2.91 15.80
C SER A 347 -1.46 3.08 14.36
N TYR A 348 -1.44 4.31 13.86
CA TYR A 348 -1.68 4.56 12.44
C TYR A 348 -0.67 3.82 11.57
N PHE A 349 0.61 3.90 11.91
CA PHE A 349 1.59 3.18 11.11
C PHE A 349 1.34 1.68 11.13
N GLU A 350 0.88 1.13 12.27
CA GLU A 350 0.55 -0.29 12.31
C GLU A 350 -0.52 -0.62 11.28
N TRP A 351 -1.60 0.15 11.29
CA TRP A 351 -2.69 0.01 10.31
C TRP A 351 -2.18 0.12 8.87
N VAL A 352 -1.32 1.11 8.61
CA VAL A 352 -0.72 1.23 7.27
C VAL A 352 0.05 -0.02 6.89
N GLN A 353 0.94 -0.47 7.77
CA GLN A 353 1.73 -1.65 7.46
C GLN A 353 0.82 -2.84 7.18
N ASN A 354 -0.24 -2.98 7.98
CA ASN A 354 -1.19 -4.08 7.79
C ASN A 354 -1.88 -4.00 6.44
N ILE A 355 -2.39 -2.82 6.09
CA ILE A 355 -3.09 -2.63 4.81
C ILE A 355 -2.18 -2.83 3.61
N GLN A 356 -0.94 -2.40 3.73
CA GLN A 356 0.04 -2.64 2.68
C GLN A 356 0.59 -4.06 2.67
N GLY A 357 0.26 -4.88 3.66
CA GLY A 357 0.71 -6.25 3.70
C GLY A 357 2.19 -6.46 3.91
N PHE A 358 2.90 -5.48 4.48
CA PHE A 358 4.37 -5.49 4.44
C PHE A 358 4.86 -4.64 5.61
N MET A 359 5.53 -5.24 6.60
CA MET A 359 5.85 -4.50 7.81
C MET A 359 7.14 -3.69 7.59
N TRP A 360 7.28 -2.63 8.37
CA TRP A 360 8.45 -1.77 8.36
C TRP A 360 9.45 -2.20 9.41
N ASP A 361 10.74 -1.92 9.17
CA ASP A 361 11.69 -2.12 10.26
C ASP A 361 11.57 -0.97 11.28
N GLU A 362 12.14 -1.17 12.46
CA GLU A 362 11.91 -0.21 13.55
C GLU A 362 12.47 1.17 13.20
N GLU A 363 13.58 1.22 12.44
CA GLU A 363 14.14 2.51 12.03
C GLU A 363 13.14 3.30 11.18
N LYS A 364 12.47 2.64 10.23
CA LYS A 364 11.44 3.33 9.45
C LYS A 364 10.26 3.79 10.32
N VAL A 365 9.79 2.96 11.25
CA VAL A 365 8.71 3.41 12.13
C VAL A 365 9.12 4.68 12.85
N ASN A 366 10.34 4.72 13.38
CA ASN A 366 10.75 5.88 14.17
C ASN A 366 11.01 7.10 13.31
N GLN A 367 11.52 6.91 12.10
CA GLN A 367 11.66 8.06 11.21
C GLN A 367 10.31 8.61 10.81
N GLU A 368 9.35 7.73 10.52
CA GLU A 368 8.02 8.25 10.20
C GLU A 368 7.42 8.93 11.42
N LEU A 369 7.66 8.39 12.61
CA LEU A 369 7.17 9.05 13.80
C LEU A 369 7.78 10.43 13.96
N LYS A 370 9.11 10.54 13.85
CA LYS A 370 9.72 11.87 13.97
C LYS A 370 9.18 12.82 12.91
N ARG A 371 8.97 12.33 11.69
CA ARG A 371 8.41 13.15 10.62
C ARG A 371 7.02 13.68 10.98
N TYR A 372 6.15 12.79 11.45
CA TYR A 372 4.79 13.21 11.79
C TYR A 372 4.78 14.18 12.98
N MET A 373 5.57 13.90 14.03
CA MET A 373 5.60 14.76 15.20
C MET A 373 6.17 16.14 14.86
N THR A 374 7.20 16.18 14.02
CA THR A 374 7.79 17.46 13.64
C THR A 374 6.84 18.30 12.81
N LYS A 375 6.23 17.69 11.80
CA LYS A 375 5.27 18.43 11.00
C LYS A 375 4.10 18.93 11.84
N ALA A 376 3.61 18.09 12.75
CA ALA A 376 2.52 18.52 13.61
C ALA A 376 2.91 19.73 14.45
N PHE A 377 4.12 19.70 15.05
CA PHE A 377 4.54 20.89 15.78
C PHE A 377 4.50 22.12 14.88
N ASN A 378 5.06 22.02 13.68
CA ASN A 378 5.14 23.20 12.84
C ASN A 378 3.75 23.70 12.45
N ASP A 379 2.82 22.78 12.25
CA ASP A 379 1.44 23.15 11.96
C ASP A 379 0.78 23.83 13.16
N ILE A 380 1.03 23.31 14.36
CA ILE A 380 0.49 23.93 15.56
C ILE A 380 1.03 25.35 15.69
N LYS A 381 2.35 25.49 15.55
CA LYS A 381 2.96 26.81 15.72
C LYS A 381 2.43 27.80 14.70
N ALA A 382 2.26 27.36 13.44
CA ALA A 382 1.72 28.24 12.41
C ALA A 382 0.31 28.67 12.74
N ASN A 383 -0.50 27.74 13.23
CA ASN A 383 -1.85 28.06 13.68
C ASN A 383 -1.82 29.03 14.85
N CYS A 384 -0.86 28.87 15.77
CA CYS A 384 -0.73 29.81 16.88
C CYS A 384 -0.48 31.23 16.37
N LYS A 385 0.34 31.37 15.33
CA LYS A 385 0.59 32.68 14.76
C LYS A 385 -0.67 33.24 14.14
N THR A 386 -1.41 32.39 13.43
CA THR A 386 -2.63 32.84 12.77
C THR A 386 -3.64 33.39 13.77
N HIS A 387 -3.84 32.72 14.90
CA HIS A 387 -4.87 33.10 15.86
C HIS A 387 -4.35 33.79 17.11
N ASN A 388 -3.05 34.05 17.19
N ASN A 388 -3.08 34.16 17.16
CA ASN A 388 -2.47 34.79 18.31
CA ASN A 388 -2.43 34.77 18.32
C ASN A 388 -2.77 34.11 19.64
C ASN A 388 -2.85 34.09 19.62
N CYS A 389 -2.62 32.78 19.70
CA CYS A 389 -2.98 32.01 20.87
C CYS A 389 -1.81 31.15 21.33
N ASP A 390 -1.91 30.59 22.53
CA ASP A 390 -0.84 29.75 23.07
C ASP A 390 -0.89 28.34 22.47
N LEU A 391 0.11 27.52 22.80
CA LEU A 391 0.22 26.22 22.14
C LEU A 391 -0.98 25.34 22.43
N ARG A 392 -1.49 25.38 23.66
CA ARG A 392 -2.62 24.49 23.99
C ARG A 392 -3.82 24.81 23.10
N MET A 393 -4.16 26.08 22.98
CA MET A 393 -5.30 26.42 22.15
C MET A 393 -4.94 26.30 20.67
N GLY A 394 -3.68 26.57 20.33
CA GLY A 394 -3.26 26.38 18.96
C GLY A 394 -3.41 24.94 18.51
N ALA A 395 -3.09 23.99 19.39
CA ALA A 395 -3.26 22.60 19.01
C ALA A 395 -4.75 22.26 18.87
N PHE A 396 -5.54 22.71 19.84
CA PHE A 396 -6.97 22.41 19.82
C PHE A 396 -7.64 22.99 18.59
N THR A 397 -7.36 24.26 18.27
CA THR A 397 -8.00 24.86 17.10
C THR A 397 -7.52 24.23 15.80
N LEU A 398 -6.27 23.77 15.74
CA LEU A 398 -5.81 23.10 14.54
C LEU A 398 -6.62 21.84 14.28
N GLY A 399 -6.77 21.02 15.31
CA GLY A 399 -7.50 19.78 15.13
C GLY A 399 -8.95 20.04 14.83
N LEU A 400 -9.56 20.94 15.59
CA LEU A 400 -10.96 21.27 15.37
C LEU A 400 -11.19 21.80 13.97
N ASN A 401 -10.29 22.64 13.48
CA ASN A 401 -10.49 23.23 12.16
C ASN A 401 -10.37 22.20 11.06
N ARG A 402 -9.43 21.25 11.19
CA ARG A 402 -9.29 20.19 10.19
C ARG A 402 -10.55 19.34 10.10
N VAL A 403 -11.13 19.00 11.25
CA VAL A 403 -12.40 18.25 11.25
C VAL A 403 -13.52 19.09 10.63
N ALA A 404 -13.60 20.35 11.01
CA ALA A 404 -14.63 21.22 10.45
C ALA A 404 -14.51 21.30 8.93
N ARG A 405 -13.30 21.49 8.44
CA ARG A 405 -13.05 21.63 7.02
C ARG A 405 -13.44 20.35 6.27
N ALA A 406 -13.06 19.18 6.77
CA ALA A 406 -13.47 17.95 6.10
C ALA A 406 -14.98 17.81 6.10
N THR A 407 -15.62 18.17 7.23
CA THR A 407 -17.08 18.10 7.32
C THR A 407 -17.74 19.03 6.30
N LEU A 408 -17.20 20.24 6.14
CA LEU A 408 -17.82 21.19 5.23
C LEU A 408 -17.62 20.78 3.79
N LEU A 409 -16.47 20.20 3.47
CA LEU A 409 -16.23 19.71 2.12
C LEU A 409 -17.16 18.57 1.77
N ARG A 410 -17.41 17.70 2.74
CA ARG A 410 -18.29 16.56 2.48
C ARG A 410 -19.71 17.00 2.21
N GLY A 411 -20.19 18.02 2.90
CA GLY A 411 -21.51 18.52 2.64
C GLY A 411 -22.62 17.77 3.37
N TRP A 412 -23.84 18.17 3.06
CA TRP A 412 -25.00 17.90 3.92
C TRP A 412 -26.22 17.40 3.17
N GLU A 413 -26.24 17.44 1.84
CA GLU A 413 -27.43 16.95 1.14
C GLU A 413 -27.40 15.42 1.20
N ALA A 414 -28.58 14.82 1.14
CA ALA A 414 -28.69 13.37 1.36
C ALA A 414 -28.17 12.53 0.20
N SER B 1 0.98 -44.42 -1.35
CA SER B 1 -0.02 -43.48 -0.79
C SER B 1 0.65 -42.59 0.26
N ASN B 2 1.26 -43.15 1.31
CA ASN B 2 1.86 -42.33 2.35
C ASN B 2 3.39 -42.16 2.21
N ALA B 3 3.97 -42.27 0.99
CA ALA B 3 5.43 -42.47 0.91
C ALA B 3 6.08 -41.81 -0.32
N MET B 4 6.36 -40.50 -0.21
CA MET B 4 7.22 -39.77 -1.13
C MET B 4 8.21 -38.94 -0.33
N ASN B 5 9.24 -38.42 -1.01
CA ASN B 5 10.35 -37.76 -0.32
C ASN B 5 9.86 -36.62 0.57
N ALA B 6 8.81 -35.90 0.15
CA ALA B 6 8.39 -34.71 0.88
C ALA B 6 7.55 -35.04 2.11
N LEU B 7 6.79 -36.14 2.05
CA LEU B 7 6.05 -36.61 3.23
C LEU B 7 6.99 -37.07 4.34
N VAL B 8 7.99 -37.92 4.03
CA VAL B 8 8.82 -38.45 5.10
C VAL B 8 9.69 -37.34 5.70
N ALA B 9 10.22 -36.45 4.88
CA ALA B 9 11.10 -35.42 5.43
C ALA B 9 10.31 -34.54 6.39
N THR B 10 9.14 -34.05 5.94
CA THR B 10 8.36 -33.08 6.71
C THR B 10 7.88 -33.65 8.05
N ASN B 11 7.41 -34.89 8.06
CA ASN B 11 6.84 -35.31 9.33
C ASN B 11 7.93 -35.81 10.29
N ARG B 12 9.03 -36.38 9.76
CA ARG B 12 10.24 -36.57 10.54
C ARG B 12 10.67 -35.23 11.15
N ASN B 13 10.77 -34.20 10.31
CA ASN B 13 11.29 -32.91 10.79
C ASN B 13 10.31 -32.23 11.74
N PHE B 14 9.01 -32.28 11.45
CA PHE B 14 8.01 -31.71 12.34
C PHE B 14 8.11 -32.34 13.73
N GLN B 15 8.12 -33.68 13.78
CA GLN B 15 8.21 -34.40 15.04
C GLN B 15 9.48 -34.04 15.80
N ARG B 16 10.61 -34.04 15.11
CA ARG B 16 11.88 -33.73 15.79
C ARG B 16 11.85 -32.31 16.34
N ALA B 17 11.34 -31.36 15.56
CA ALA B 17 11.34 -29.96 16.00
C ALA B 17 10.36 -29.74 17.14
N SER B 18 9.20 -30.42 17.08
CA SER B 18 8.22 -30.36 18.14
C SER B 18 8.81 -30.81 19.47
N ARG B 19 9.65 -31.84 19.44
CA ARG B 19 10.24 -32.32 20.69
C ARG B 19 11.32 -31.36 21.19
N ILE B 20 12.11 -30.80 20.28
CA ILE B 20 13.09 -29.79 20.66
C ILE B 20 12.37 -28.64 21.37
N LEU B 21 11.24 -28.22 20.82
CA LEU B 21 10.51 -27.14 21.44
C LEU B 21 9.72 -27.56 22.67
N GLY B 22 9.51 -28.85 22.89
CA GLY B 22 8.63 -29.27 23.99
C GLY B 22 7.17 -28.87 23.80
N LEU B 23 6.67 -28.89 22.57
CA LEU B 23 5.28 -28.55 22.32
C LEU B 23 4.34 -29.51 23.02
N ASP B 24 3.27 -28.95 23.58
CA ASP B 24 2.19 -29.72 24.15
C ASP B 24 1.57 -30.62 23.09
N SER B 25 1.21 -31.84 23.48
CA SER B 25 0.69 -32.79 22.51
C SER B 25 -0.65 -32.39 21.90
N LYS B 26 -1.52 -31.68 22.65
CA LYS B 26 -2.80 -31.23 22.07
C LYS B 26 -2.62 -30.09 21.08
N LEU B 27 -1.69 -29.17 21.35
CA LEU B 27 -1.36 -28.16 20.35
C LEU B 27 -0.81 -28.81 19.09
N GLU B 28 0.07 -29.78 19.27
CA GLU B 28 0.68 -30.48 18.15
C GLU B 28 -0.38 -31.15 17.28
N LYS B 29 -1.34 -31.83 17.91
CA LYS B 29 -2.41 -32.46 17.14
C LYS B 29 -3.13 -31.44 16.28
N SER B 30 -3.44 -30.28 16.85
CA SER B 30 -4.17 -29.26 16.11
C SER B 30 -3.34 -28.74 14.94
N LEU B 31 -2.02 -28.54 15.15
CA LEU B 31 -1.18 -28.05 14.07
C LEU B 31 -1.06 -29.05 12.93
N LEU B 32 -1.20 -30.34 13.24
CA LEU B 32 -1.12 -31.33 12.18
C LEU B 32 -2.41 -31.45 11.37
N ILE B 33 -3.55 -31.21 11.99
CA ILE B 33 -4.79 -31.32 11.21
C ILE B 33 -4.91 -30.13 10.29
N PRO B 34 -5.17 -30.31 9.01
CA PRO B 34 -5.37 -29.13 8.17
C PRO B 34 -6.66 -28.39 8.51
N TYR B 35 -6.57 -27.07 8.40
CA TYR B 35 -7.70 -26.18 8.56
C TYR B 35 -8.90 -26.65 7.73
N ARG B 36 -8.68 -26.95 6.45
CA ARG B 36 -9.75 -27.28 5.53
C ARG B 36 -9.18 -28.05 4.35
N GLU B 37 -9.88 -29.11 3.95
CA GLU B 37 -9.59 -29.85 2.74
C GLU B 37 -10.79 -29.76 1.80
N ILE B 38 -10.52 -29.46 0.53
CA ILE B 38 -11.55 -29.23 -0.49
C ILE B 38 -11.28 -30.14 -1.69
N LYS B 39 -12.31 -30.85 -2.14
CA LYS B 39 -12.30 -31.51 -3.43
C LYS B 39 -13.53 -31.08 -4.20
N VAL B 40 -13.38 -30.75 -5.48
CA VAL B 40 -14.50 -30.28 -6.30
C VAL B 40 -14.50 -30.95 -7.66
N GLU B 41 -15.70 -31.26 -8.14
CA GLU B 41 -15.87 -31.78 -9.50
C GLU B 41 -15.60 -30.70 -10.52
N CYS B 42 -14.78 -31.02 -11.52
CA CYS B 42 -14.46 -30.11 -12.61
C CYS B 42 -14.79 -30.82 -13.91
N THR B 43 -15.95 -30.51 -14.49
CA THR B 43 -16.39 -31.13 -15.72
C THR B 43 -16.39 -30.08 -16.81
N ILE B 44 -15.82 -30.42 -17.97
CA ILE B 44 -15.82 -29.49 -19.10
C ILE B 44 -16.18 -30.23 -20.38
N PRO B 45 -16.68 -29.48 -21.37
CA PRO B 45 -16.69 -29.99 -22.75
C PRO B 45 -15.31 -29.87 -23.37
N LYS B 46 -14.86 -30.96 -23.98
CA LYS B 46 -13.67 -30.93 -24.81
C LYS B 46 -13.97 -30.12 -26.07
N ASP B 47 -12.90 -29.83 -26.82
CA ASP B 47 -13.08 -29.11 -28.08
C ASP B 47 -14.06 -29.84 -29.01
N ASP B 48 -14.22 -31.14 -28.86
CA ASP B 48 -15.17 -31.86 -29.73
C ASP B 48 -16.56 -31.94 -29.13
N GLY B 49 -16.79 -31.35 -27.96
CA GLY B 49 -18.10 -31.34 -27.34
C GLY B 49 -18.33 -32.43 -26.32
N SER B 50 -17.52 -33.48 -26.32
CA SER B 50 -17.67 -34.55 -25.36
C SER B 50 -17.16 -34.12 -23.99
N LEU B 51 -17.77 -34.67 -22.94
CA LEU B 51 -17.45 -34.30 -21.58
C LEU B 51 -16.22 -35.04 -21.07
N VAL B 52 -15.51 -34.37 -20.18
CA VAL B 52 -14.53 -35.02 -19.33
C VAL B 52 -14.67 -34.44 -17.92
N SER B 53 -14.54 -35.29 -16.90
CA SER B 53 -14.70 -34.91 -15.51
C SER B 53 -13.42 -35.21 -14.76
N TYR B 54 -12.90 -34.21 -14.07
CA TYR B 54 -11.75 -34.36 -13.21
C TYR B 54 -12.14 -33.96 -11.80
N VAL B 55 -11.30 -34.32 -10.83
CA VAL B 55 -11.44 -33.80 -9.46
C VAL B 55 -10.33 -32.79 -9.19
N GLY B 56 -10.71 -31.55 -8.89
CA GLY B 56 -9.78 -30.56 -8.36
C GLY B 56 -9.79 -30.51 -6.85
N PHE B 57 -8.73 -29.95 -6.27
CA PHE B 57 -8.57 -30.04 -4.83
C PHE B 57 -7.72 -28.89 -4.31
N ARG B 58 -7.93 -28.55 -3.06
CA ARG B 58 -7.10 -27.58 -2.37
C ARG B 58 -7.03 -28.02 -0.91
N ILE B 59 -5.83 -28.29 -0.43
CA ILE B 59 -5.60 -28.54 0.99
C ILE B 59 -5.09 -27.25 1.60
N GLN B 60 -5.82 -26.76 2.58
CA GLN B 60 -5.52 -25.51 3.25
C GLN B 60 -5.03 -25.89 4.64
N HIS B 61 -3.71 -25.88 4.83
CA HIS B 61 -3.18 -26.52 6.03
C HIS B 61 -3.30 -25.60 7.25
N ASP B 62 -2.80 -24.38 7.17
CA ASP B 62 -2.77 -23.54 8.38
C ASP B 62 -2.87 -22.08 7.97
N ASN B 63 -3.59 -21.25 8.74
CA ASN B 63 -3.63 -19.82 8.42
C ASN B 63 -3.45 -18.94 9.66
N ALA B 64 -2.74 -19.44 10.67
CA ALA B 64 -2.54 -18.67 11.88
C ALA B 64 -1.72 -17.42 11.61
N ARG B 65 -0.82 -17.46 10.65
CA ARG B 65 0.11 -16.35 10.42
C ARG B 65 -0.31 -15.49 9.24
N GLY B 66 -1.38 -15.86 8.54
CA GLY B 66 -1.86 -15.08 7.42
C GLY B 66 -2.60 -15.92 6.40
N PRO B 67 -2.93 -15.30 5.26
CA PRO B 67 -3.51 -16.04 4.14
C PRO B 67 -2.65 -17.23 3.76
N MET B 68 -3.31 -18.29 3.32
CA MET B 68 -2.54 -19.42 2.86
C MET B 68 -1.98 -19.18 1.47
N LYS B 69 -0.98 -19.97 1.14
CA LYS B 69 -0.16 -19.79 -0.05
C LYS B 69 0.29 -21.16 -0.56
N GLY B 70 0.25 -21.37 -1.88
CA GLY B 70 0.88 -22.56 -2.43
C GLY B 70 0.39 -22.90 -3.83
N GLY B 71 1.12 -23.81 -4.43
CA GLY B 71 0.96 -24.10 -5.84
C GLY B 71 -0.27 -24.93 -6.18
N ILE B 72 -0.56 -24.92 -7.48
CA ILE B 72 -1.65 -25.67 -8.12
C ILE B 72 -0.97 -26.61 -9.12
N ARG B 73 -1.07 -27.92 -8.91
CA ARG B 73 -0.41 -28.92 -9.75
C ARG B 73 -1.45 -29.56 -10.67
N TYR B 74 -1.21 -29.52 -11.97
CA TYR B 74 -2.03 -30.25 -12.93
C TYR B 74 -1.21 -31.49 -13.24
N HIS B 75 -1.59 -32.61 -12.64
CA HIS B 75 -0.78 -33.83 -12.71
C HIS B 75 -1.66 -35.02 -12.33
N PRO B 76 -1.55 -36.15 -13.01
CA PRO B 76 -2.52 -37.21 -12.79
C PRO B 76 -2.26 -38.00 -11.51
N GLU B 77 -1.02 -38.10 -11.09
CA GLU B 77 -0.76 -38.75 -9.82
C GLU B 77 -1.17 -37.77 -8.73
N VAL B 78 -2.25 -38.11 -8.03
CA VAL B 78 -2.62 -37.39 -6.84
C VAL B 78 -2.55 -38.37 -5.69
N ASP B 79 -1.65 -38.09 -4.77
CA ASP B 79 -1.47 -38.86 -3.55
C ASP B 79 -1.87 -37.98 -2.37
N PRO B 80 -3.01 -38.24 -1.72
CA PRO B 80 -3.51 -37.28 -0.73
C PRO B 80 -2.53 -36.99 0.38
N ASP B 81 -1.83 -38.01 0.85
CA ASP B 81 -0.88 -37.80 1.93
C ASP B 81 0.28 -36.92 1.49
N GLU B 82 0.75 -37.08 0.25
CA GLU B 82 1.79 -36.19 -0.25
C GLU B 82 1.30 -34.76 -0.40
N VAL B 83 0.06 -34.58 -0.88
CA VAL B 83 -0.46 -33.21 -0.97
C VAL B 83 -0.53 -32.58 0.42
N ASN B 84 -0.95 -33.34 1.42
CA ASN B 84 -1.06 -32.78 2.76
C ASN B 84 0.32 -32.41 3.30
N ALA B 85 1.30 -33.28 3.10
CA ALA B 85 2.65 -33.01 3.55
C ALA B 85 3.21 -31.74 2.91
N LEU B 86 2.98 -31.54 1.61
CA LEU B 86 3.49 -30.34 0.94
C LEU B 86 2.79 -29.07 1.41
N ALA B 87 1.48 -29.15 1.69
CA ALA B 87 0.81 -27.98 2.25
C ALA B 87 1.37 -27.66 3.62
N GLN B 88 1.57 -28.69 4.44
CA GLN B 88 2.15 -28.49 5.76
C GLN B 88 3.54 -27.90 5.67
N LEU B 89 4.35 -28.41 4.74
CA LEU B 89 5.69 -27.88 4.57
C LEU B 89 5.66 -26.40 4.20
N MET B 90 4.67 -25.95 3.41
CA MET B 90 4.63 -24.55 3.08
C MET B 90 4.33 -23.70 4.31
N THR B 91 3.50 -24.21 5.23
CA THR B 91 3.28 -23.53 6.50
C THR B 91 4.59 -23.29 7.25
N TRP B 92 5.46 -24.30 7.34
CA TRP B 92 6.74 -24.10 8.04
C TRP B 92 7.67 -23.18 7.24
N LYS B 93 7.67 -23.34 5.93
CA LYS B 93 8.61 -22.62 5.07
C LYS B 93 8.33 -21.12 5.11
N THR B 94 7.06 -20.75 4.93
CA THR B 94 6.70 -19.33 5.03
C THR B 94 7.10 -18.78 6.38
N ALA B 95 6.93 -19.56 7.45
CA ALA B 95 7.31 -19.10 8.77
C ALA B 95 8.83 -18.97 8.91
N VAL B 96 9.60 -19.84 8.27
CA VAL B 96 11.05 -19.75 8.38
C VAL B 96 11.56 -18.40 7.88
N VAL B 97 11.02 -17.90 6.77
CA VAL B 97 11.51 -16.64 6.18
C VAL B 97 10.66 -15.47 6.64
N ASP B 98 9.73 -15.70 7.56
CA ASP B 98 8.95 -14.65 8.22
C ASP B 98 8.06 -13.91 7.23
N ILE B 99 7.47 -14.63 6.29
N ILE B 99 7.44 -14.68 6.33
CA ILE B 99 6.47 -14.00 5.43
CA ILE B 99 6.42 -14.19 5.41
C ILE B 99 5.09 -14.34 5.98
C ILE B 99 5.07 -14.35 6.07
N PRO B 100 4.13 -13.42 5.90
CA PRO B 100 2.85 -13.54 6.64
C PRO B 100 1.80 -14.33 5.88
N TYR B 101 2.13 -15.61 5.73
CA TYR B 101 1.28 -16.59 5.08
C TYR B 101 1.29 -17.89 5.88
N GLY B 102 0.25 -18.69 5.67
CA GLY B 102 0.29 -20.10 5.98
C GLY B 102 0.39 -20.91 4.71
N GLY B 103 0.29 -22.24 4.87
CA GLY B 103 0.51 -23.15 3.76
C GLY B 103 -0.73 -23.81 3.16
N ALA B 104 -0.67 -24.01 1.85
CA ALA B 104 -1.68 -24.78 1.13
C ALA B 104 -1.08 -25.43 -0.12
N LYS B 105 -1.85 -26.35 -0.71
CA LYS B 105 -1.45 -27.01 -1.94
C LYS B 105 -2.70 -27.54 -2.61
N GLY B 106 -2.76 -27.35 -3.91
CA GLY B 106 -3.91 -27.83 -4.65
C GLY B 106 -3.56 -28.32 -6.03
N GLY B 107 -4.58 -28.57 -6.83
CA GLY B 107 -4.33 -29.07 -8.17
C GLY B 107 -5.56 -29.72 -8.76
N ILE B 108 -5.34 -30.35 -9.90
CA ILE B 108 -6.37 -31.11 -10.58
C ILE B 108 -5.72 -32.40 -11.04
N GLY B 109 -6.40 -33.49 -10.82
CA GLY B 109 -5.88 -34.78 -11.25
C GLY B 109 -6.17 -34.97 -12.73
N CYS B 110 -5.23 -34.53 -13.56
CA CYS B 110 -5.39 -34.60 -15.00
C CYS B 110 -4.00 -34.65 -15.62
N ASN B 111 -3.92 -35.02 -16.88
CA ASN B 111 -2.65 -34.95 -17.56
C ASN B 111 -2.74 -33.78 -18.54
N PRO B 112 -2.09 -32.65 -18.27
CA PRO B 112 -2.32 -31.49 -19.14
C PRO B 112 -1.84 -31.70 -20.56
N LYS B 113 -0.94 -32.65 -20.81
CA LYS B 113 -0.50 -32.94 -22.16
C LYS B 113 -1.60 -33.57 -23.01
N ASP B 114 -2.62 -34.14 -22.39
CA ASP B 114 -3.75 -34.65 -23.15
C ASP B 114 -4.78 -33.58 -23.49
N LEU B 115 -4.56 -32.33 -23.09
CA LEU B 115 -5.57 -31.30 -23.28
C LEU B 115 -5.04 -30.20 -24.18
N SER B 116 -5.92 -29.69 -25.04
CA SER B 116 -5.62 -28.52 -25.84
C SER B 116 -5.54 -27.26 -24.95
N ILE B 117 -4.98 -26.19 -25.52
CA ILE B 117 -4.88 -24.95 -24.77
C ILE B 117 -6.27 -24.42 -24.44
N SER B 118 -7.21 -24.56 -25.36
CA SER B 118 -8.57 -24.09 -25.03
C SER B 118 -9.17 -24.96 -23.92
N GLU B 119 -8.94 -26.28 -23.98
CA GLU B 119 -9.42 -27.16 -22.93
C GLU B 119 -8.80 -26.82 -21.58
N LEU B 120 -7.49 -26.57 -21.55
CA LEU B 120 -6.86 -26.19 -20.30
C LEU B 120 -7.46 -24.92 -19.76
N GLU B 121 -7.79 -23.98 -20.65
CA GLU B 121 -8.37 -22.73 -20.17
C GLU B 121 -9.77 -22.95 -19.59
N ARG B 122 -10.62 -23.71 -20.26
CA ARG B 122 -11.94 -24.00 -19.69
C ARG B 122 -11.81 -24.75 -18.37
N LEU B 123 -10.89 -25.70 -18.30
CA LEU B 123 -10.73 -26.45 -17.07
C LEU B 123 -10.30 -25.54 -15.95
N THR B 124 -9.34 -24.65 -16.24
CA THR B 124 -8.89 -23.70 -15.24
C THR B 124 -10.02 -22.77 -14.79
N ARG B 125 -10.83 -22.28 -15.71
CA ARG B 125 -11.89 -21.37 -15.34
C ARG B 125 -12.98 -22.07 -14.54
N VAL B 126 -13.32 -23.29 -14.90
CA VAL B 126 -14.32 -24.04 -14.12
C VAL B 126 -13.81 -24.35 -12.72
N PHE B 127 -12.57 -24.83 -12.61
CA PHE B 127 -11.95 -25.00 -11.29
C PHE B 127 -12.06 -23.71 -10.46
N THR B 128 -11.78 -22.56 -11.08
CA THR B 128 -11.87 -21.30 -10.36
C THR B 128 -13.32 -21.00 -9.93
N GLN B 129 -14.28 -21.28 -10.82
CA GLN B 129 -15.68 -21.16 -10.45
C GLN B 129 -16.00 -22.01 -9.23
N LYS B 130 -15.38 -23.19 -9.13
CA LYS B 130 -15.73 -24.09 -8.04
C LYS B 130 -15.07 -23.71 -6.71
N ILE B 131 -14.01 -22.91 -6.73
CA ILE B 131 -13.31 -22.58 -5.49
C ILE B 131 -13.23 -21.08 -5.25
N HIS B 132 -14.01 -20.29 -5.98
CA HIS B 132 -13.84 -18.84 -5.89
C HIS B 132 -14.07 -18.31 -4.47
N ASP B 133 -14.95 -18.93 -3.70
CA ASP B 133 -15.26 -18.38 -2.40
C ASP B 133 -14.30 -18.91 -1.33
N LEU B 134 -13.45 -19.86 -1.68
CA LEU B 134 -12.49 -20.44 -0.75
C LEU B 134 -11.08 -19.90 -0.94
N ILE B 135 -10.80 -19.21 -2.04
CA ILE B 135 -9.52 -18.54 -2.23
C ILE B 135 -9.80 -17.04 -2.19
N GLY B 136 -8.72 -16.26 -2.22
CA GLY B 136 -8.86 -14.82 -2.15
C GLY B 136 -7.60 -14.17 -1.64
N ILE B 137 -7.52 -12.86 -1.88
CA ILE B 137 -6.31 -12.10 -1.59
C ILE B 137 -5.87 -12.26 -0.15
N HIS B 138 -6.84 -12.28 0.78
CA HIS B 138 -6.56 -12.42 2.20
C HIS B 138 -7.00 -13.76 2.77
N ARG B 139 -7.24 -14.75 1.90
CA ARG B 139 -7.69 -16.08 2.30
C ARG B 139 -6.73 -17.18 1.85
N ASP B 140 -6.45 -17.28 0.54
CA ASP B 140 -5.59 -18.33 0.03
C ASP B 140 -5.19 -17.91 -1.38
N VAL B 141 -3.89 -17.88 -1.65
CA VAL B 141 -3.33 -17.27 -2.84
C VAL B 141 -2.54 -18.33 -3.61
N PRO B 142 -3.09 -18.85 -4.68
CA PRO B 142 -2.41 -19.89 -5.46
C PRO B 142 -1.26 -19.34 -6.27
N ALA B 143 -0.54 -20.27 -6.88
CA ALA B 143 0.70 -20.03 -7.62
C ALA B 143 0.90 -21.17 -8.60
N PRO B 144 1.79 -21.04 -9.56
CA PRO B 144 2.09 -22.17 -10.45
C PRO B 144 2.85 -23.29 -9.76
N ASP B 145 2.83 -24.45 -10.41
CA ASP B 145 3.44 -25.66 -9.89
C ASP B 145 3.55 -26.62 -11.08
N MET B 146 3.88 -27.88 -10.82
CA MET B 146 3.94 -28.85 -11.90
C MET B 146 2.67 -28.82 -12.75
N GLY B 147 2.85 -28.67 -14.06
CA GLY B 147 1.72 -28.67 -14.96
C GLY B 147 0.97 -27.36 -15.13
N THR B 148 1.32 -26.30 -14.40
CA THR B 148 0.66 -25.01 -14.56
C THR B 148 1.75 -23.95 -14.73
N ASN B 149 1.35 -22.77 -15.19
CA ASN B 149 2.32 -21.70 -15.47
C ASN B 149 1.64 -20.34 -15.38
N SER B 150 2.34 -19.31 -15.86
CA SER B 150 1.81 -17.96 -15.67
C SER B 150 0.52 -17.77 -16.47
N GLN B 151 0.39 -18.47 -17.60
CA GLN B 151 -0.87 -18.39 -18.34
C GLN B 151 -2.02 -18.99 -17.53
N THR B 152 -1.76 -20.08 -16.81
CA THR B 152 -2.79 -20.65 -15.94
C THR B 152 -3.24 -19.63 -14.93
N MET B 153 -2.29 -18.91 -14.35
CA MET B 153 -2.62 -17.93 -13.33
C MET B 153 -3.42 -16.79 -13.92
N ALA B 154 -3.12 -16.37 -15.16
CA ALA B 154 -3.93 -15.34 -15.79
C ALA B 154 -5.38 -15.76 -15.89
N TRP B 155 -5.62 -17.02 -16.23
CA TRP B 155 -7.01 -17.47 -16.35
C TRP B 155 -7.70 -17.50 -15.00
N ILE B 156 -7.01 -17.95 -13.95
CA ILE B 156 -7.59 -17.91 -12.61
C ILE B 156 -7.91 -16.47 -12.23
N LEU B 157 -6.97 -15.57 -12.44
CA LEU B 157 -7.21 -14.16 -12.14
C LEU B 157 -8.45 -13.66 -12.86
N ASP B 158 -8.52 -13.90 -14.18
CA ASP B 158 -9.61 -13.35 -14.97
C ASP B 158 -10.96 -13.89 -14.50
N GLU B 159 -11.04 -15.20 -14.27
CA GLU B 159 -12.32 -15.77 -13.87
C GLU B 159 -12.70 -15.37 -12.45
N TYR B 160 -11.73 -15.38 -11.55
CA TYR B 160 -12.00 -14.99 -10.16
C TYR B 160 -12.54 -13.57 -10.10
N SER B 161 -11.97 -12.69 -10.92
CA SER B 161 -12.34 -11.28 -10.94
C SER B 161 -13.77 -11.04 -11.41
N LYS B 162 -14.36 -11.97 -12.15
CA LYS B 162 -15.79 -11.90 -12.44
C LYS B 162 -16.64 -11.97 -11.18
N PHE B 163 -16.17 -12.70 -10.17
CA PHE B 163 -16.91 -12.91 -8.93
C PHE B 163 -16.61 -11.86 -7.87
N HIS B 164 -15.43 -11.21 -7.92
CA HIS B 164 -15.00 -10.33 -6.84
C HIS B 164 -14.38 -9.02 -7.29
N GLY B 165 -14.44 -8.66 -8.57
CA GLY B 165 -13.78 -7.47 -9.08
C GLY B 165 -12.29 -7.72 -9.32
N HIS B 166 -11.64 -6.79 -10.02
CA HIS B 166 -10.21 -6.93 -10.32
C HIS B 166 -9.46 -7.28 -9.03
N SER B 167 -8.76 -8.42 -9.03
CA SER B 167 -8.08 -8.92 -7.83
C SER B 167 -6.70 -9.44 -8.18
N PRO B 168 -5.81 -8.58 -8.64
CA PRO B 168 -4.47 -9.05 -9.07
C PRO B 168 -3.75 -9.89 -8.04
N ALA B 169 -3.91 -9.59 -6.74
CA ALA B 169 -3.22 -10.31 -5.69
C ALA B 169 -3.82 -11.68 -5.39
N VAL B 170 -4.86 -12.10 -6.10
CA VAL B 170 -5.45 -13.40 -5.77
C VAL B 170 -4.55 -14.57 -6.15
N VAL B 171 -3.62 -14.39 -7.12
CA VAL B 171 -2.66 -15.41 -7.49
C VAL B 171 -1.30 -14.75 -7.69
N THR B 172 -0.21 -15.51 -7.49
CA THR B 172 1.13 -15.03 -7.86
C THR B 172 1.65 -15.81 -9.06
N GLY B 173 2.81 -15.42 -9.54
CA GLY B 173 3.30 -16.05 -10.75
C GLY B 173 2.65 -15.56 -12.02
N LYS B 174 2.04 -14.37 -11.98
CA LYS B 174 1.31 -13.85 -13.12
C LYS B 174 2.26 -13.40 -14.23
N PRO B 175 1.77 -13.30 -15.46
CA PRO B 175 2.53 -12.60 -16.50
C PRO B 175 2.86 -11.19 -16.04
N ILE B 176 4.01 -10.67 -16.46
CA ILE B 176 4.34 -9.29 -16.10
C ILE B 176 3.24 -8.33 -16.55
N ASP B 177 2.68 -8.57 -17.74
CA ASP B 177 1.66 -7.66 -18.25
C ASP B 177 0.37 -7.70 -17.46
N LEU B 178 0.20 -8.62 -16.51
CA LEU B 178 -0.99 -8.66 -15.67
C LEU B 178 -0.64 -8.54 -14.20
N GLY B 179 0.46 -7.88 -13.90
CA GLY B 179 0.81 -7.62 -12.52
C GLY B 179 1.81 -8.58 -11.91
N GLY B 180 2.48 -9.40 -12.71
CA GLY B 180 3.56 -10.21 -12.19
C GLY B 180 4.76 -9.36 -11.81
N SER B 181 5.61 -9.93 -10.95
CA SER B 181 6.76 -9.22 -10.42
C SER B 181 7.98 -9.46 -11.28
N LEU B 182 8.81 -8.43 -11.43
CA LEU B 182 10.17 -8.63 -11.91
C LEU B 182 10.94 -9.53 -10.93
N GLY B 183 12.01 -10.15 -11.43
CA GLY B 183 12.91 -10.95 -10.60
C GLY B 183 12.45 -12.36 -10.30
N ARG B 184 11.35 -12.80 -10.88
CA ARG B 184 10.78 -14.08 -10.50
C ARG B 184 11.62 -15.27 -11.00
N GLU B 185 12.11 -15.22 -12.23
CA GLU B 185 12.82 -16.38 -12.76
C GLU B 185 14.09 -16.66 -11.97
N ALA B 186 14.82 -15.63 -11.59
CA ALA B 186 16.09 -15.78 -10.88
C ALA B 186 15.90 -16.00 -9.39
N ALA B 187 14.69 -15.82 -8.87
CA ALA B 187 14.52 -15.67 -7.43
C ALA B 187 15.09 -16.84 -6.65
N THR B 188 14.78 -18.08 -7.04
CA THR B 188 15.23 -19.21 -6.21
C THR B 188 16.75 -19.34 -6.25
N GLY B 189 17.33 -19.31 -7.46
CA GLY B 189 18.77 -19.41 -7.58
C GLY B 189 19.53 -18.27 -6.92
N LEU B 190 19.05 -17.04 -7.11
CA LEU B 190 19.68 -15.91 -6.43
C LEU B 190 19.50 -16.00 -4.92
N GLY B 191 18.34 -16.44 -4.46
CA GLY B 191 18.14 -16.59 -3.03
C GLY B 191 19.09 -17.60 -2.42
N VAL B 192 19.36 -18.68 -3.15
CA VAL B 192 20.33 -19.68 -2.71
C VAL B 192 21.68 -19.02 -2.48
N VAL B 193 22.05 -18.11 -3.37
CA VAL B 193 23.33 -17.44 -3.24
C VAL B 193 23.30 -16.44 -2.10
N PHE B 194 22.20 -15.72 -1.92
CA PHE B 194 22.11 -14.86 -0.74
C PHE B 194 22.22 -15.67 0.54
N ALA B 195 21.59 -16.84 0.58
CA ALA B 195 21.64 -17.68 1.77
C ALA B 195 23.06 -18.19 2.00
N THR B 196 23.74 -18.57 0.93
CA THR B 196 25.12 -19.04 1.02
C THR B 196 26.04 -17.92 1.51
N GLU B 197 25.79 -16.68 1.06
CA GLU B 197 26.61 -15.57 1.51
C GLU B 197 26.49 -15.37 3.00
N ALA B 198 25.27 -15.44 3.51
CA ALA B 198 25.04 -15.28 4.94
C ALA B 198 25.75 -16.38 5.73
N LEU B 199 25.63 -17.62 5.27
CA LEU B 199 26.27 -18.73 5.97
C LEU B 199 27.77 -18.56 5.99
N PHE B 200 28.36 -18.19 4.86
CA PHE B 200 29.81 -18.11 4.81
C PHE B 200 30.33 -16.95 5.64
N ALA B 201 29.58 -15.86 5.71
CA ALA B 201 29.98 -14.75 6.58
C ALA B 201 30.18 -15.22 8.01
N GLU B 202 29.34 -16.15 8.46
CA GLU B 202 29.49 -16.66 9.82
C GLU B 202 30.86 -17.28 10.03
N TYR B 203 31.47 -17.80 8.97
CA TYR B 203 32.85 -18.30 9.00
C TYR B 203 33.86 -17.28 8.48
N GLY B 204 33.45 -16.03 8.30
CA GLY B 204 34.37 -15.05 7.73
C GLY B 204 34.97 -15.51 6.42
N LYS B 205 34.19 -16.20 5.60
CA LYS B 205 34.60 -16.54 4.25
C LYS B 205 33.63 -15.93 3.26
N SER B 206 34.04 -15.93 2.00
N SER B 206 34.04 -15.95 1.99
CA SER B 206 33.25 -15.40 0.91
CA SER B 206 33.23 -15.41 0.92
C SER B 206 33.19 -16.42 -0.22
C SER B 206 33.18 -16.44 -0.21
N ILE B 207 32.20 -16.25 -1.09
CA ILE B 207 32.04 -17.16 -2.21
C ILE B 207 33.31 -17.21 -3.04
N SER B 208 33.99 -16.07 -3.18
CA SER B 208 35.23 -16.03 -3.97
C SER B 208 36.33 -16.91 -3.38
N ASP B 209 36.14 -17.41 -2.14
CA ASP B 209 37.10 -18.30 -1.49
C ASP B 209 36.92 -19.78 -1.89
N MET B 210 35.84 -20.13 -2.57
CA MET B 210 35.36 -21.50 -2.57
C MET B 210 35.33 -22.11 -3.96
N THR B 211 35.37 -23.44 -4.03
CA THR B 211 35.04 -24.20 -5.24
C THR B 211 33.67 -24.83 -5.08
N PHE B 212 32.93 -24.95 -6.19
CA PHE B 212 31.52 -25.36 -6.16
C PHE B 212 31.27 -26.50 -7.14
N ALA B 213 30.50 -27.49 -6.71
CA ALA B 213 29.95 -28.50 -7.60
C ALA B 213 28.43 -28.39 -7.55
N ILE B 214 27.80 -28.36 -8.72
CA ILE B 214 26.38 -28.05 -8.86
C ILE B 214 25.70 -29.21 -9.57
N GLN B 215 24.67 -29.80 -8.94
CA GLN B 215 23.92 -30.89 -9.55
C GLN B 215 22.58 -30.33 -10.05
N GLY B 216 22.43 -30.25 -11.37
CA GLY B 216 21.24 -29.64 -11.95
C GLY B 216 21.61 -28.38 -12.69
N PHE B 217 21.05 -28.21 -13.89
CA PHE B 217 21.29 -27.00 -14.65
C PHE B 217 20.00 -26.53 -15.29
N GLY B 218 18.92 -26.58 -14.52
CA GLY B 218 17.65 -26.00 -14.88
C GLY B 218 17.50 -24.59 -14.33
N ASN B 219 16.27 -24.22 -13.98
CA ASN B 219 16.01 -22.86 -13.50
C ASN B 219 16.84 -22.54 -12.26
N VAL B 220 16.94 -23.48 -11.32
CA VAL B 220 17.66 -23.16 -10.10
C VAL B 220 19.16 -23.22 -10.34
N GLY B 221 19.62 -24.30 -10.98
CA GLY B 221 21.06 -24.46 -11.18
C GLY B 221 21.67 -23.35 -12.00
N THR B 222 21.01 -22.97 -13.10
CA THR B 222 21.61 -21.96 -13.98
C THR B 222 21.77 -20.65 -13.23
N TRP B 223 20.73 -20.20 -12.52
CA TRP B 223 20.80 -18.89 -11.87
C TRP B 223 21.73 -18.92 -10.68
N ALA B 224 21.72 -20.01 -9.90
CA ALA B 224 22.71 -20.11 -8.81
C ALA B 224 24.13 -20.12 -9.39
N ALA B 225 24.36 -20.90 -10.45
CA ALA B 225 25.70 -20.95 -11.02
C ALA B 225 26.12 -19.59 -11.55
N LYS B 226 25.21 -18.90 -12.23
CA LYS B 226 25.50 -17.57 -12.76
C LYS B 226 25.90 -16.61 -11.63
N ALA B 227 25.13 -16.62 -10.55
CA ALA B 227 25.36 -15.67 -9.46
C ALA B 227 26.61 -16.02 -8.67
N ILE B 228 26.93 -17.31 -8.55
CA ILE B 228 28.19 -17.70 -7.93
C ILE B 228 29.38 -17.27 -8.79
N PHE B 229 29.27 -17.50 -10.10
CA PHE B 229 30.33 -17.13 -11.02
C PHE B 229 30.62 -15.64 -10.94
N GLU B 230 29.56 -14.83 -10.92
CA GLU B 230 29.69 -13.38 -10.88
C GLU B 230 30.28 -12.90 -9.55
N ARG B 231 30.22 -13.73 -8.52
CA ARG B 231 30.82 -13.40 -7.23
C ARG B 231 32.19 -14.07 -7.05
N GLY B 232 32.79 -14.55 -8.13
CA GLY B 232 34.13 -15.08 -8.05
C GLY B 232 34.24 -16.51 -7.57
N GLY B 233 33.14 -17.22 -7.40
CA GLY B 233 33.24 -18.62 -7.09
C GLY B 233 33.74 -19.43 -8.27
N LYS B 234 34.45 -20.49 -7.96
CA LYS B 234 35.03 -21.37 -8.98
C LYS B 234 34.13 -22.61 -9.06
N VAL B 235 33.41 -22.73 -10.16
CA VAL B 235 32.46 -23.81 -10.35
C VAL B 235 33.21 -24.93 -11.08
N VAL B 236 33.61 -25.95 -10.32
CA VAL B 236 34.52 -26.96 -10.83
C VAL B 236 33.78 -28.16 -11.41
N ALA B 237 32.47 -28.26 -11.23
CA ALA B 237 31.72 -29.34 -11.85
C ALA B 237 30.25 -28.95 -11.91
N VAL B 238 29.63 -29.28 -13.05
CA VAL B 238 28.21 -29.07 -13.27
C VAL B 238 27.62 -30.29 -13.95
N SER B 239 26.48 -30.76 -13.44
N SER B 239 26.48 -30.76 -13.45
CA SER B 239 25.75 -31.87 -14.05
CA SER B 239 25.77 -31.87 -14.07
C SER B 239 24.35 -31.40 -14.43
C SER B 239 24.36 -31.42 -14.43
N ASP B 240 23.84 -31.91 -15.55
CA ASP B 240 22.44 -31.71 -15.91
C ASP B 240 21.68 -33.04 -15.97
N ILE B 241 22.20 -34.04 -15.26
CA ILE B 241 21.53 -35.33 -15.06
C ILE B 241 21.70 -36.19 -16.30
N ASN B 242 21.74 -35.56 -17.49
CA ASN B 242 22.06 -36.27 -18.71
C ASN B 242 23.56 -36.25 -19.04
N GLY B 243 24.29 -35.27 -18.53
CA GLY B 243 25.72 -35.15 -18.78
C GLY B 243 26.35 -34.35 -17.66
N ALA B 244 27.68 -34.30 -17.66
CA ALA B 244 28.37 -33.55 -16.62
C ALA B 244 29.73 -33.12 -17.18
N ILE B 245 30.22 -31.97 -16.71
CA ILE B 245 31.52 -31.45 -17.13
C ILE B 245 32.31 -31.04 -15.89
N SER B 246 33.61 -31.30 -15.93
CA SER B 246 34.52 -31.05 -14.81
C SER B 246 35.61 -30.08 -15.30
N ASN B 247 35.87 -29.04 -14.51
CA ASN B 247 37.04 -28.22 -14.81
C ASN B 247 37.69 -27.68 -13.55
N PRO B 248 38.86 -28.19 -13.17
CA PRO B 248 39.48 -27.76 -11.89
C PRO B 248 39.89 -26.29 -11.86
N ASN B 249 40.05 -25.66 -13.02
CA ASN B 249 40.33 -24.23 -13.06
C ASN B 249 39.08 -23.39 -12.90
N GLY B 250 37.92 -24.01 -12.86
CA GLY B 250 36.67 -23.29 -12.88
C GLY B 250 36.08 -23.27 -14.28
N ILE B 251 34.82 -23.63 -14.39
CA ILE B 251 34.13 -23.59 -15.66
C ILE B 251 33.77 -22.14 -15.95
N ASP B 252 33.88 -21.74 -17.22
CA ASP B 252 33.37 -20.44 -17.65
C ASP B 252 31.86 -20.58 -17.76
N ILE B 253 31.16 -20.13 -16.71
CA ILE B 253 29.71 -20.29 -16.66
C ILE B 253 29.05 -19.43 -17.74
N ALA B 254 29.60 -18.26 -18.04
CA ALA B 254 29.05 -17.48 -19.13
C ALA B 254 29.14 -18.25 -20.44
N ALA B 255 30.33 -18.76 -20.76
CA ALA B 255 30.47 -19.61 -21.93
C ALA B 255 29.53 -20.79 -21.86
N LEU B 256 29.43 -21.43 -20.69
CA LEU B 256 28.53 -22.57 -20.60
C LEU B 256 27.09 -22.15 -20.80
N LEU B 257 26.72 -20.95 -20.33
CA LEU B 257 25.36 -20.47 -20.52
C LEU B 257 25.06 -20.26 -21.99
N LYS B 258 25.96 -19.56 -22.71
CA LYS B 258 25.75 -19.38 -24.14
C LYS B 258 25.65 -20.71 -24.87
N HIS B 259 26.38 -21.72 -24.42
CA HIS B 259 26.36 -23.02 -25.08
C HIS B 259 25.00 -23.70 -24.89
N LYS B 260 24.47 -23.68 -23.66
CA LYS B 260 23.11 -24.18 -23.44
C LYS B 260 22.10 -23.39 -24.26
N ALA B 261 22.39 -22.11 -24.52
CA ALA B 261 21.51 -21.29 -25.31
C ALA B 261 21.50 -21.75 -26.77
N GLY B 262 22.66 -22.11 -27.31
CA GLY B 262 22.77 -22.69 -28.64
C GLY B 262 22.33 -24.15 -28.69
N ASN B 263 21.34 -24.50 -27.86
CA ASN B 263 20.74 -25.84 -27.77
C ASN B 263 21.79 -26.95 -27.58
N GLY B 264 22.99 -26.60 -27.08
CA GLY B 264 23.96 -27.62 -26.75
C GLY B 264 23.70 -28.25 -25.39
N SER B 265 24.31 -29.40 -25.18
CA SER B 265 24.17 -30.13 -23.94
C SER B 265 25.44 -29.98 -23.10
N LEU B 266 25.33 -30.39 -21.83
CA LEU B 266 26.47 -30.29 -20.94
C LEU B 266 27.64 -31.13 -21.46
N LYS B 267 27.35 -32.38 -21.83
CA LYS B 267 28.40 -33.23 -22.39
C LYS B 267 28.93 -32.71 -23.73
N ASP B 268 28.19 -31.84 -24.42
CA ASP B 268 28.69 -31.20 -25.62
C ASP B 268 29.77 -30.17 -25.31
N PHE B 269 29.75 -29.58 -24.11
CA PHE B 269 30.55 -28.40 -23.82
C PHE B 269 32.03 -28.76 -23.84
N SER B 270 32.83 -27.87 -24.43
CA SER B 270 34.25 -28.09 -24.64
C SER B 270 35.14 -27.48 -23.56
N GLY B 271 34.60 -26.61 -22.72
CA GLY B 271 35.40 -25.91 -21.73
C GLY B 271 35.59 -26.70 -20.45
N GLY B 272 35.79 -28.00 -20.56
CA GLY B 272 36.03 -28.83 -19.38
C GLY B 272 36.28 -30.26 -19.77
N ASP B 273 36.27 -31.13 -18.76
CA ASP B 273 36.58 -32.54 -18.94
C ASP B 273 35.32 -33.38 -18.78
N ALA B 274 35.21 -34.45 -19.56
CA ALA B 274 34.13 -35.41 -19.38
C ALA B 274 34.12 -35.95 -17.96
N MET B 275 32.93 -36.04 -17.36
CA MET B 275 32.76 -36.73 -16.09
C MET B 275 31.40 -37.41 -16.06
N ASN B 276 31.33 -38.46 -15.26
CA ASN B 276 30.07 -39.18 -15.03
C ASN B 276 29.12 -38.37 -14.15
N PRO B 277 27.94 -37.99 -14.65
CA PRO B 277 27.03 -37.22 -13.79
C PRO B 277 26.69 -37.92 -12.48
N ASN B 278 26.78 -39.25 -12.42
CA ASN B 278 26.55 -39.96 -11.18
C ASN B 278 27.65 -39.72 -10.15
N ASP B 279 28.82 -39.23 -10.58
CA ASP B 279 29.91 -38.90 -9.66
C ASP B 279 29.89 -37.44 -9.17
N LEU B 280 28.88 -36.65 -9.52
CA LEU B 280 28.90 -35.24 -9.15
C LEU B 280 28.97 -35.04 -7.63
N LEU B 281 28.12 -35.74 -6.88
CA LEU B 281 28.04 -35.52 -5.44
C LEU B 281 29.31 -35.87 -4.70
N VAL B 282 30.18 -36.69 -5.27
CA VAL B 282 31.43 -37.06 -4.63
C VAL B 282 32.61 -36.38 -5.30
N HIS B 283 32.34 -35.37 -6.12
CA HIS B 283 33.42 -34.63 -6.77
C HIS B 283 34.13 -33.76 -5.74
N ASP B 284 35.42 -33.52 -5.95
CA ASP B 284 36.18 -32.62 -5.07
C ASP B 284 35.62 -31.21 -5.20
N CYS B 285 35.39 -30.56 -4.06
CA CYS B 285 34.91 -29.19 -4.05
C CYS B 285 34.82 -28.79 -2.58
N ASP B 286 34.71 -27.48 -2.34
CA ASP B 286 34.41 -26.99 -0.99
C ASP B 286 32.93 -27.00 -0.70
N VAL B 287 32.13 -26.78 -1.73
CA VAL B 287 30.69 -26.54 -1.60
C VAL B 287 29.96 -27.35 -2.64
N LEU B 288 28.96 -28.10 -2.21
CA LEU B 288 28.14 -28.93 -3.07
C LEU B 288 26.73 -28.37 -3.04
N ILE B 289 26.13 -28.18 -4.21
CA ILE B 289 24.80 -27.58 -4.31
C ILE B 289 23.89 -28.47 -5.14
N PRO B 290 23.14 -29.38 -4.52
CA PRO B 290 22.17 -30.21 -5.24
C PRO B 290 20.95 -29.36 -5.57
N CYS B 291 20.64 -29.27 -6.86
CA CYS B 291 19.59 -28.39 -7.37
C CYS B 291 18.43 -29.13 -8.00
N ALA B 292 18.67 -30.24 -8.69
CA ALA B 292 17.68 -30.82 -9.58
C ALA B 292 16.87 -31.95 -8.98
N LEU B 293 17.45 -32.76 -8.09
CA LEU B 293 16.85 -34.02 -7.69
C LEU B 293 16.88 -34.18 -6.18
N GLY B 294 15.95 -35.00 -5.69
CA GLY B 294 15.86 -35.33 -4.29
C GLY B 294 16.26 -36.75 -4.04
N GLY B 295 16.58 -37.10 -2.80
CA GLY B 295 17.02 -38.43 -2.45
C GLY B 295 18.41 -38.80 -2.90
N VAL B 296 19.18 -37.87 -3.47
CA VAL B 296 20.42 -38.28 -4.11
C VAL B 296 21.55 -38.50 -3.12
N LEU B 297 21.47 -37.93 -1.90
CA LEU B 297 22.45 -38.21 -0.84
C LEU B 297 21.90 -39.23 0.15
N ASN B 298 22.59 -40.37 0.29
CA ASN B 298 22.07 -41.52 0.99
C ASN B 298 23.21 -42.20 1.75
N LYS B 299 22.89 -43.31 2.44
CA LYS B 299 23.92 -43.91 3.28
C LYS B 299 25.07 -44.49 2.48
N GLU B 300 24.93 -44.69 1.17
CA GLU B 300 25.99 -45.34 0.41
C GLU B 300 26.99 -44.37 -0.19
N ASN B 301 26.60 -43.12 -0.40
CA ASN B 301 27.54 -42.14 -0.93
C ASN B 301 27.87 -41.02 0.05
N ALA B 302 27.15 -40.90 1.17
CA ALA B 302 27.42 -39.82 2.10
C ALA B 302 28.87 -39.76 2.51
N ASN B 303 29.51 -40.92 2.71
CA ASN B 303 30.86 -40.84 3.23
C ASN B 303 31.89 -40.41 2.21
N ASP B 304 31.53 -40.40 0.93
CA ASP B 304 32.47 -40.02 -0.12
C ASP B 304 32.27 -38.57 -0.52
N VAL B 305 31.33 -37.85 0.09
CA VAL B 305 31.22 -36.41 -0.16
C VAL B 305 32.48 -35.73 0.31
N LYS B 306 33.01 -34.83 -0.51
CA LYS B 306 34.25 -34.12 -0.19
C LYS B 306 34.03 -32.70 0.26
N ALA B 307 32.84 -32.16 0.05
CA ALA B 307 32.52 -30.79 0.41
C ALA B 307 32.45 -30.59 1.92
N LYS B 308 32.84 -29.39 2.35
CA LYS B 308 32.63 -28.96 3.74
C LYS B 308 31.24 -28.37 3.95
N PHE B 309 30.65 -27.80 2.90
CA PHE B 309 29.32 -27.19 2.93
C PHE B 309 28.42 -27.84 1.90
N ILE B 310 27.18 -28.11 2.29
CA ILE B 310 26.15 -28.52 1.34
C ILE B 310 25.03 -27.50 1.40
N ILE B 311 24.66 -26.95 0.24
CA ILE B 311 23.56 -25.99 0.14
C ILE B 311 22.42 -26.69 -0.58
N GLU B 312 21.33 -26.97 0.16
CA GLU B 312 20.22 -27.76 -0.39
C GLU B 312 19.32 -26.81 -1.18
N ALA B 313 19.64 -26.62 -2.46
CA ALA B 313 18.77 -25.81 -3.32
C ALA B 313 17.57 -26.62 -3.79
N ALA B 314 17.81 -27.85 -4.22
CA ALA B 314 16.75 -28.78 -4.56
C ALA B 314 15.89 -29.05 -3.35
N ASN B 315 14.76 -29.68 -3.61
CA ASN B 315 13.95 -30.12 -2.50
C ASN B 315 14.41 -31.52 -2.10
N HIS B 316 14.87 -31.62 -0.87
CA HIS B 316 15.10 -32.84 -0.13
C HIS B 316 16.17 -33.70 -0.80
N PRO B 317 17.32 -33.12 -1.13
CA PRO B 317 18.39 -33.95 -1.67
C PRO B 317 18.97 -34.95 -0.66
N THR B 318 18.83 -34.76 0.65
CA THR B 318 19.59 -35.51 1.65
C THR B 318 18.65 -36.36 2.50
N ASP B 319 18.85 -37.66 2.51
CA ASP B 319 17.95 -38.52 3.28
C ASP B 319 18.42 -38.55 4.72
N PRO B 320 17.64 -39.16 5.61
CA PRO B 320 18.00 -39.11 7.03
C PRO B 320 19.34 -39.76 7.33
N ASP B 321 19.62 -40.91 6.74
CA ASP B 321 20.88 -41.58 6.98
C ASP B 321 22.06 -40.70 6.57
N ALA B 322 21.95 -40.08 5.40
CA ALA B 322 23.03 -39.22 4.92
C ALA B 322 23.19 -37.98 5.80
N ASP B 323 22.08 -37.39 6.22
CA ASP B 323 22.18 -36.19 7.05
C ASP B 323 22.99 -36.50 8.31
N GLU B 324 22.80 -37.68 8.89
CA GLU B 324 23.54 -38.04 10.08
C GLU B 324 25.02 -38.29 9.78
N ILE B 325 25.31 -39.10 8.76
CA ILE B 325 26.71 -39.38 8.41
C ILE B 325 27.45 -38.07 8.16
N LEU B 326 26.83 -37.18 7.41
CA LEU B 326 27.49 -35.94 7.02
C LEU B 326 27.74 -35.03 8.21
N SER B 327 26.80 -34.95 9.15
CA SER B 327 27.06 -34.14 10.34
C SER B 327 28.24 -34.70 11.10
N LYS B 328 28.31 -36.03 11.24
CA LYS B 328 29.43 -36.66 11.92
C LYS B 328 30.76 -36.43 11.18
N LYS B 329 30.73 -36.31 9.84
CA LYS B 329 31.92 -35.91 9.10
C LYS B 329 32.29 -34.44 9.29
N GLY B 330 31.48 -33.66 10.00
CA GLY B 330 31.73 -32.22 10.13
C GLY B 330 31.16 -31.37 9.02
N VAL B 331 30.32 -31.93 8.18
CA VAL B 331 29.76 -31.19 7.05
C VAL B 331 28.62 -30.29 7.53
N ILE B 332 28.58 -29.05 7.05
CA ILE B 332 27.53 -28.08 7.39
C ILE B 332 26.52 -28.07 6.26
N ILE B 333 25.26 -28.31 6.58
CA ILE B 333 24.19 -28.40 5.58
C ILE B 333 23.23 -27.26 5.78
N LEU B 334 23.15 -26.38 4.78
CA LEU B 334 22.13 -25.33 4.78
C LEU B 334 20.84 -25.96 4.26
N PRO B 335 19.79 -26.02 5.08
CA PRO B 335 18.63 -26.85 4.74
C PRO B 335 17.71 -26.25 3.71
N ASP B 336 17.11 -27.16 2.93
CA ASP B 336 16.28 -26.78 1.80
C ASP B 336 15.13 -25.87 2.20
N VAL B 337 14.52 -26.14 3.35
CA VAL B 337 13.34 -25.36 3.74
C VAL B 337 13.67 -23.88 3.77
N TYR B 338 14.91 -23.53 4.11
CA TYR B 338 15.36 -22.14 4.07
C TYR B 338 16.01 -21.78 2.73
N ALA B 339 16.98 -22.61 2.28
CA ALA B 339 17.89 -22.19 1.22
C ALA B 339 17.17 -21.90 -0.08
N ASN B 340 16.11 -22.63 -0.40
N ASN B 340 16.09 -22.64 -0.39
CA ASN B 340 15.48 -22.38 -1.70
CA ASN B 340 15.39 -22.48 -1.66
C ASN B 340 14.21 -21.52 -1.57
C ASN B 340 14.15 -21.60 -1.53
N ALA B 341 14.02 -20.86 -0.43
CA ALA B 341 12.81 -20.05 -0.21
C ALA B 341 12.78 -18.74 -0.97
N GLY B 342 13.76 -18.46 -1.84
CA GLY B 342 13.73 -17.24 -2.61
C GLY B 342 12.50 -17.14 -3.49
N GLY B 343 12.09 -18.27 -4.07
CA GLY B 343 10.91 -18.24 -4.93
C GLY B 343 9.66 -17.82 -4.20
N VAL B 344 9.37 -18.46 -3.07
CA VAL B 344 8.17 -18.10 -2.32
C VAL B 344 8.28 -16.68 -1.75
N THR B 345 9.48 -16.24 -1.40
CA THR B 345 9.65 -14.88 -0.90
C THR B 345 9.31 -13.85 -1.99
N VAL B 346 9.78 -14.07 -3.21
CA VAL B 346 9.43 -13.14 -4.27
C VAL B 346 7.95 -13.27 -4.65
N SER B 347 7.33 -14.42 -4.41
CA SER B 347 5.90 -14.50 -4.66
C SER B 347 5.16 -13.67 -3.62
N TYR B 348 5.65 -13.67 -2.39
CA TYR B 348 5.12 -12.72 -1.39
C TYR B 348 5.27 -11.28 -1.87
N PHE B 349 6.45 -10.92 -2.38
CA PHE B 349 6.64 -9.55 -2.91
C PHE B 349 5.67 -9.21 -4.04
N GLU B 350 5.34 -10.17 -4.93
CA GLU B 350 4.36 -9.89 -5.98
C GLU B 350 2.99 -9.54 -5.39
N TRP B 351 2.55 -10.32 -4.40
CA TRP B 351 1.31 -10.04 -3.71
C TRP B 351 1.34 -8.65 -3.06
N VAL B 352 2.46 -8.31 -2.41
CA VAL B 352 2.58 -6.99 -1.81
C VAL B 352 2.46 -5.92 -2.87
N GLN B 353 3.19 -6.07 -3.98
CA GLN B 353 3.14 -5.04 -5.03
C GLN B 353 1.74 -4.87 -5.55
N ASN B 354 1.00 -5.98 -5.69
CA ASN B 354 -0.37 -5.90 -6.18
C ASN B 354 -1.26 -5.18 -5.17
N ILE B 355 -1.14 -5.56 -3.90
CA ILE B 355 -1.96 -4.93 -2.83
C ILE B 355 -1.64 -3.44 -2.73
N GLN B 356 -0.38 -3.07 -2.89
CA GLN B 356 0.02 -1.66 -2.92
C GLN B 356 -0.30 -0.95 -4.23
N GLY B 357 -0.77 -1.67 -5.26
CA GLY B 357 -1.17 -1.02 -6.49
C GLY B 357 -0.04 -0.42 -7.32
N PHE B 358 1.21 -0.79 -7.03
CA PHE B 358 2.35 -0.13 -7.66
C PHE B 358 3.52 -1.12 -7.70
N MET B 359 4.02 -1.44 -8.90
CA MET B 359 5.04 -2.47 -9.02
C MET B 359 6.43 -1.88 -8.73
N TRP B 360 7.31 -2.71 -8.17
CA TRP B 360 8.69 -2.39 -7.88
C TRP B 360 9.60 -2.62 -9.08
N ASP B 361 10.75 -1.93 -9.11
CA ASP B 361 11.73 -2.32 -10.12
C ASP B 361 12.56 -3.52 -9.62
N GLU B 362 13.33 -4.11 -10.53
CA GLU B 362 14.01 -5.37 -10.18
C GLU B 362 15.04 -5.15 -9.08
N GLU B 363 15.74 -4.02 -9.11
CA GLU B 363 16.69 -3.71 -8.04
C GLU B 363 16.03 -3.79 -6.67
N LYS B 364 14.86 -3.18 -6.52
CA LYS B 364 14.15 -3.24 -5.25
C LYS B 364 13.75 -4.67 -4.90
N VAL B 365 13.24 -5.44 -5.85
CA VAL B 365 12.88 -6.83 -5.54
C VAL B 365 14.08 -7.57 -4.97
N ASN B 366 15.24 -7.38 -5.58
CA ASN B 366 16.42 -8.13 -5.17
C ASN B 366 17.01 -7.58 -3.87
N GLN B 367 16.90 -6.28 -3.60
CA GLN B 367 17.32 -5.82 -2.28
C GLN B 367 16.42 -6.41 -1.20
N GLU B 368 15.10 -6.45 -1.45
CA GLU B 368 14.22 -7.01 -0.44
C GLU B 368 14.45 -8.50 -0.26
N LEU B 369 14.71 -9.21 -1.36
CA LEU B 369 15.00 -10.64 -1.27
C LEU B 369 16.24 -10.88 -0.41
N LYS B 370 17.30 -10.11 -0.63
CA LYS B 370 18.49 -10.30 0.19
C LYS B 370 18.21 -9.97 1.65
N ARG B 371 17.44 -8.93 1.91
CA ARG B 371 17.08 -8.60 3.28
C ARG B 371 16.32 -9.75 3.95
N TYR B 372 15.26 -10.25 3.32
CA TYR B 372 14.52 -11.38 3.89
C TYR B 372 15.42 -12.60 4.09
N MET B 373 16.23 -12.94 3.09
CA MET B 373 17.04 -14.15 3.24
C MET B 373 18.10 -13.98 4.32
N THR B 374 18.71 -12.81 4.39
CA THR B 374 19.75 -12.60 5.39
C THR B 374 19.17 -12.62 6.80
N LYS B 375 18.06 -11.94 7.00
CA LYS B 375 17.46 -11.91 8.34
C LYS B 375 17.03 -13.31 8.75
N ALA B 376 16.52 -14.11 7.81
CA ALA B 376 16.10 -15.46 8.17
C ALA B 376 17.30 -16.30 8.61
N PHE B 377 18.45 -16.14 7.95
CA PHE B 377 19.62 -16.93 8.38
C PHE B 377 20.02 -16.55 9.80
N ASN B 378 20.01 -15.25 10.10
CA ASN B 378 20.41 -14.80 11.43
C ASN B 378 19.45 -15.33 12.48
N ASP B 379 18.17 -15.39 12.15
CA ASP B 379 17.19 -15.95 13.07
C ASP B 379 17.43 -17.44 13.27
N ILE B 380 17.71 -18.16 12.19
CA ILE B 380 18.02 -19.57 12.28
C ILE B 380 19.27 -19.79 13.14
N LYS B 381 20.29 -18.97 12.93
CA LYS B 381 21.52 -19.09 13.70
C LYS B 381 21.24 -18.86 15.18
N ALA B 382 20.43 -17.87 15.51
CA ALA B 382 20.05 -17.66 16.90
C ALA B 382 19.38 -18.90 17.49
N ASN B 383 18.44 -19.48 16.73
CA ASN B 383 17.71 -20.64 17.23
C ASN B 383 18.63 -21.84 17.43
N CYS B 384 19.63 -21.99 16.55
CA CYS B 384 20.60 -23.07 16.70
C CYS B 384 21.36 -22.92 18.01
N LYS B 385 21.70 -21.70 18.38
CA LYS B 385 22.38 -21.46 19.64
C LYS B 385 21.44 -21.77 20.81
N THR B 386 20.20 -21.29 20.74
CA THR B 386 19.26 -21.52 21.83
C THR B 386 19.02 -23.00 22.07
N HIS B 387 18.84 -23.78 21.00
CA HIS B 387 18.48 -25.19 21.17
C HIS B 387 19.64 -26.13 20.96
N ASN B 388 20.84 -25.61 20.72
CA ASN B 388 22.02 -26.43 20.52
C ASN B 388 21.79 -27.51 19.46
N CYS B 389 21.38 -27.06 18.27
CA CYS B 389 20.99 -27.96 17.20
C CYS B 389 21.61 -27.53 15.87
N ASP B 390 21.46 -28.38 14.85
CA ASP B 390 22.02 -28.11 13.54
C ASP B 390 21.12 -27.12 12.77
N LEU B 391 21.61 -26.65 11.61
CA LEU B 391 20.86 -25.65 10.84
C LEU B 391 19.48 -26.15 10.45
N ARG B 392 19.36 -27.43 10.06
CA ARG B 392 18.04 -27.91 9.67
C ARG B 392 17.03 -27.78 10.81
N MET B 393 17.42 -28.18 12.03
CA MET B 393 16.48 -28.05 13.15
C MET B 393 16.34 -26.61 13.63
N GLY B 394 17.39 -25.79 13.49
CA GLY B 394 17.25 -24.37 13.75
C GLY B 394 16.17 -23.74 12.89
N ALA B 395 16.10 -24.14 11.62
CA ALA B 395 15.06 -23.64 10.72
C ALA B 395 13.69 -24.19 11.09
N PHE B 396 13.57 -25.51 11.27
CA PHE B 396 12.24 -26.05 11.52
C PHE B 396 11.72 -25.59 12.86
N THR B 397 12.58 -25.51 13.89
CA THR B 397 12.10 -25.01 15.18
C THR B 397 11.72 -23.53 15.07
N LEU B 398 12.42 -22.75 14.27
CA LEU B 398 12.04 -21.35 14.10
C LEU B 398 10.65 -21.23 13.49
N GLY B 399 10.40 -21.96 12.41
CA GLY B 399 9.11 -21.87 11.74
C GLY B 399 7.98 -22.47 12.56
N LEU B 400 8.25 -23.62 13.18
CA LEU B 400 7.22 -24.23 13.99
C LEU B 400 6.90 -23.36 15.18
N ASN B 401 7.91 -22.78 15.82
CA ASN B 401 7.61 -21.98 16.99
C ASN B 401 6.83 -20.72 16.59
N ARG B 402 7.12 -20.12 15.44
CA ARG B 402 6.34 -18.95 14.99
C ARG B 402 4.89 -19.31 14.74
N VAL B 403 4.61 -20.47 14.13
CA VAL B 403 3.23 -20.88 13.91
C VAL B 403 2.54 -21.19 15.25
N ALA B 404 3.23 -21.91 16.14
CA ALA B 404 2.67 -22.23 17.45
C ALA B 404 2.33 -20.95 18.23
N ARG B 405 3.23 -19.97 18.21
CA ARG B 405 2.99 -18.74 18.96
C ARG B 405 1.78 -18.01 18.41
N ALA B 406 1.69 -17.90 17.09
CA ALA B 406 0.54 -17.23 16.49
C ALA B 406 -0.75 -17.97 16.83
N THR B 407 -0.69 -19.31 16.83
CA THR B 407 -1.85 -20.11 17.15
C THR B 407 -2.27 -19.90 18.60
N LEU B 408 -1.31 -19.93 19.53
CA LEU B 408 -1.64 -19.76 20.93
C LEU B 408 -2.15 -18.34 21.22
N LEU B 409 -1.63 -17.32 20.52
CA LEU B 409 -2.11 -15.96 20.76
C LEU B 409 -3.55 -15.78 20.27
N ARG B 410 -3.87 -16.39 19.14
CA ARG B 410 -5.24 -16.30 18.63
C ARG B 410 -6.24 -16.99 19.54
N GLY B 411 -5.84 -18.10 20.15
CA GLY B 411 -6.69 -18.72 21.16
C GLY B 411 -7.69 -19.71 20.58
N TRP B 412 -8.50 -20.25 21.47
CA TRP B 412 -9.27 -21.46 21.21
C TRP B 412 -10.75 -21.32 21.52
N GLU B 413 -11.17 -20.24 22.19
CA GLU B 413 -12.57 -20.16 22.54
C GLU B 413 -13.33 -19.74 21.28
N ALA B 414 -14.61 -20.08 21.23
CA ALA B 414 -15.42 -19.85 20.02
C ALA B 414 -15.81 -18.39 19.76
N ASN C 2 -20.44 22.06 -38.45
CA ASN C 2 -18.99 22.30 -38.21
C ASN C 2 -18.26 21.03 -37.76
N ALA C 3 -18.56 20.60 -36.54
CA ALA C 3 -17.83 19.50 -35.93
C ALA C 3 -18.31 18.17 -36.48
N MET C 4 -17.36 17.35 -36.92
CA MET C 4 -17.59 15.94 -37.19
C MET C 4 -18.10 15.22 -35.95
N ASN C 5 -18.91 14.18 -36.17
CA ASN C 5 -19.36 13.36 -35.05
C ASN C 5 -18.15 12.86 -34.26
N ALA C 6 -18.21 12.98 -32.94
CA ALA C 6 -17.04 12.67 -32.10
C ALA C 6 -16.66 11.21 -32.20
N LEU C 7 -17.66 10.33 -32.26
CA LEU C 7 -17.36 8.91 -32.32
C LEU C 7 -16.94 8.50 -33.73
N VAL C 8 -17.51 9.11 -34.77
CA VAL C 8 -17.03 8.84 -36.13
C VAL C 8 -15.55 9.20 -36.25
N ALA C 9 -15.17 10.36 -35.71
CA ALA C 9 -13.79 10.83 -35.79
C ALA C 9 -12.84 9.89 -35.05
N THR C 10 -13.16 9.58 -33.79
CA THR C 10 -12.30 8.69 -33.00
C THR C 10 -12.21 7.30 -33.63
N ASN C 11 -13.35 6.75 -34.10
CA ASN C 11 -13.28 5.42 -34.75
C ASN C 11 -12.43 5.45 -36.02
N ARG C 12 -12.36 6.58 -36.73
CA ARG C 12 -11.51 6.62 -37.92
C ARG C 12 -10.03 6.52 -37.54
N ASN C 13 -9.63 7.18 -36.44
CA ASN C 13 -8.26 7.03 -35.93
C ASN C 13 -8.00 5.61 -35.44
N PHE C 14 -8.99 5.04 -34.75
CA PHE C 14 -8.85 3.66 -34.30
C PHE C 14 -8.65 2.72 -35.47
N GLN C 15 -9.42 2.90 -36.55
CA GLN C 15 -9.24 2.07 -37.74
C GLN C 15 -7.87 2.27 -38.36
N ARG C 16 -7.42 3.53 -38.47
CA ARG C 16 -6.08 3.78 -39.00
C ARG C 16 -5.02 3.09 -38.13
N ALA C 17 -5.14 3.16 -36.81
CA ALA C 17 -4.16 2.52 -35.94
C ALA C 17 -4.21 0.99 -36.05
N SER C 18 -5.42 0.43 -36.10
CA SER C 18 -5.54 -1.02 -36.26
C SER C 18 -4.87 -1.49 -37.53
N ARG C 19 -5.01 -0.73 -38.63
CA ARG C 19 -4.36 -1.14 -39.87
C ARG C 19 -2.84 -1.13 -39.74
N ILE C 20 -2.27 -0.15 -39.03
CA ILE C 20 -0.82 -0.14 -38.88
C ILE C 20 -0.36 -1.41 -38.19
N LEU C 21 -1.07 -1.81 -37.13
CA LEU C 21 -0.72 -3.01 -36.38
C LEU C 21 -1.14 -4.28 -37.08
N GLY C 22 -1.94 -4.15 -38.14
CA GLY C 22 -2.43 -5.33 -38.85
C GLY C 22 -3.40 -6.16 -38.03
N LEU C 23 -4.20 -5.53 -37.18
CA LEU C 23 -5.03 -6.31 -36.28
C LEU C 23 -6.03 -7.18 -37.04
N ASP C 24 -6.20 -8.40 -36.55
CA ASP C 24 -7.26 -9.27 -37.05
C ASP C 24 -8.60 -8.55 -36.86
N SER C 25 -9.51 -8.68 -37.83
CA SER C 25 -10.77 -7.93 -37.74
C SER C 25 -11.62 -8.35 -36.55
N LYS C 26 -11.54 -9.61 -36.13
CA LYS C 26 -12.36 -10.07 -34.99
C LYS C 26 -11.81 -9.53 -33.67
N LEU C 27 -10.50 -9.55 -33.51
CA LEU C 27 -9.92 -8.91 -32.33
C LEU C 27 -10.20 -7.42 -32.33
N GLU C 28 -10.01 -6.77 -33.47
CA GLU C 28 -10.32 -5.34 -33.60
C GLU C 28 -11.75 -5.04 -33.18
N LYS C 29 -12.72 -5.80 -33.67
CA LYS C 29 -14.12 -5.53 -33.31
C LYS C 29 -14.33 -5.65 -31.82
N SER C 30 -13.74 -6.67 -31.19
CA SER C 30 -13.85 -6.81 -29.75
C SER C 30 -13.28 -5.58 -29.04
N LEU C 31 -12.13 -5.10 -29.48
CA LEU C 31 -11.49 -3.99 -28.78
C LEU C 31 -12.26 -2.69 -28.98
N LEU C 32 -12.98 -2.56 -30.08
CA LEU C 32 -13.75 -1.34 -30.33
C LEU C 32 -15.00 -1.28 -29.45
N ILE C 33 -15.79 -2.35 -29.42
CA ILE C 33 -17.05 -2.32 -28.67
C ILE C 33 -16.78 -2.04 -27.20
N PRO C 34 -17.50 -1.14 -26.55
CA PRO C 34 -17.27 -0.95 -25.11
C PRO C 34 -17.77 -2.14 -24.28
N TYR C 35 -17.02 -2.42 -23.21
CA TYR C 35 -17.40 -3.42 -22.23
C TYR C 35 -18.84 -3.23 -21.73
N ARG C 36 -19.19 -2.02 -21.35
CA ARG C 36 -20.53 -1.72 -20.83
C ARG C 36 -20.87 -0.26 -21.00
N GLU C 37 -22.11 0.00 -21.42
CA GLU C 37 -22.64 1.35 -21.47
C GLU C 37 -23.83 1.46 -20.52
N ILE C 38 -23.85 2.50 -19.72
CA ILE C 38 -24.90 2.73 -18.73
C ILE C 38 -25.49 4.13 -18.90
N LYS C 39 -26.81 4.21 -18.98
CA LYS C 39 -27.55 5.47 -18.97
C LYS C 39 -28.58 5.38 -17.85
N VAL C 40 -28.61 6.37 -16.94
CA VAL C 40 -29.50 6.36 -15.78
C VAL C 40 -30.25 7.68 -15.63
N GLU C 41 -31.52 7.58 -15.22
CA GLU C 41 -32.29 8.76 -14.87
C GLU C 41 -31.75 9.41 -13.61
N CYS C 42 -31.56 10.72 -13.65
CA CYS C 42 -31.12 11.51 -12.49
C CYS C 42 -32.14 12.63 -12.31
N THR C 43 -33.08 12.44 -11.38
CA THR C 43 -34.12 13.43 -11.11
C THR C 43 -33.94 14.00 -9.71
N ILE C 44 -33.92 15.32 -9.62
CA ILE C 44 -33.73 16.00 -8.34
C ILE C 44 -34.79 17.08 -8.19
N PRO C 45 -35.13 17.44 -6.95
CA PRO C 45 -35.83 18.71 -6.72
C PRO C 45 -34.87 19.88 -6.79
N LYS C 46 -35.30 20.91 -7.50
CA LYS C 46 -34.61 22.18 -7.47
C LYS C 46 -34.81 22.86 -6.13
N ASP C 47 -34.16 24.00 -5.94
CA ASP C 47 -34.21 24.61 -4.62
C ASP C 47 -35.61 25.06 -4.27
N ASP C 48 -36.46 25.32 -5.28
CA ASP C 48 -37.85 25.69 -5.04
C ASP C 48 -38.78 24.48 -4.98
N GLY C 49 -38.25 23.29 -5.07
CA GLY C 49 -39.03 22.06 -4.93
C GLY C 49 -39.47 21.42 -6.23
N SER C 50 -39.46 22.15 -7.35
CA SER C 50 -39.93 21.58 -8.60
C SER C 50 -38.87 20.63 -9.17
N LEU C 51 -39.31 19.65 -9.95
CA LEU C 51 -38.42 18.61 -10.39
C LEU C 51 -37.71 18.98 -11.68
N VAL C 52 -36.47 18.56 -11.80
CA VAL C 52 -35.74 18.52 -13.07
C VAL C 52 -35.18 17.12 -13.25
N SER C 53 -35.21 16.62 -14.49
CA SER C 53 -34.77 15.28 -14.82
C SER C 53 -33.67 15.35 -15.87
N TYR C 54 -32.56 14.70 -15.59
CA TYR C 54 -31.45 14.54 -16.52
C TYR C 54 -31.21 13.05 -16.77
N VAL C 55 -30.37 12.78 -17.77
CA VAL C 55 -29.84 11.43 -17.97
C VAL C 55 -28.33 11.47 -17.74
N GLY C 56 -27.86 10.60 -16.85
CA GLY C 56 -26.45 10.43 -16.60
C GLY C 56 -25.92 9.25 -17.38
N PHE C 57 -24.63 9.33 -17.75
CA PHE C 57 -23.97 8.31 -18.57
C PHE C 57 -22.68 7.85 -17.93
N ARG C 58 -22.42 6.55 -18.01
CA ARG C 58 -21.08 6.04 -17.72
C ARG C 58 -20.79 4.97 -18.75
N ILE C 59 -19.82 5.25 -19.63
CA ILE C 59 -19.37 4.31 -20.64
C ILE C 59 -18.07 3.69 -20.17
N GLN C 60 -18.08 2.38 -20.06
CA GLN C 60 -16.94 1.62 -19.59
C GLN C 60 -16.37 0.94 -20.83
N HIS C 61 -15.28 1.50 -21.35
CA HIS C 61 -14.86 1.02 -22.67
C HIS C 61 -14.04 -0.28 -22.59
N ASP C 62 -13.01 -0.33 -21.77
CA ASP C 62 -12.14 -1.52 -21.73
C ASP C 62 -11.51 -1.66 -20.36
N ASN C 63 -11.46 -2.89 -19.85
CA ASN C 63 -10.81 -3.09 -18.54
C ASN C 63 -9.76 -4.21 -18.58
N ALA C 64 -9.14 -4.45 -19.74
CA ALA C 64 -8.15 -5.52 -19.80
C ALA C 64 -6.92 -5.20 -18.97
N ARG C 65 -6.55 -3.93 -18.84
CA ARG C 65 -5.30 -3.56 -18.18
C ARG C 65 -5.50 -3.14 -16.72
N GLY C 66 -6.73 -3.13 -16.25
CA GLY C 66 -7.00 -2.80 -14.86
C GLY C 66 -8.34 -2.12 -14.68
N PRO C 67 -8.58 -1.62 -13.47
CA PRO C 67 -9.82 -0.87 -13.23
C PRO C 67 -9.95 0.27 -14.22
N MET C 68 -11.20 0.57 -14.58
CA MET C 68 -11.40 1.62 -15.57
C MET C 68 -11.24 3.00 -14.96
N LYS C 69 -10.82 3.93 -15.80
CA LYS C 69 -10.45 5.26 -15.34
C LYS C 69 -10.98 6.28 -16.33
N GLY C 70 -11.62 7.33 -15.78
CA GLY C 70 -11.96 8.48 -16.56
C GLY C 70 -12.95 9.41 -15.88
N GLY C 71 -12.91 10.64 -16.28
CA GLY C 71 -13.64 11.68 -15.60
C GLY C 71 -15.13 11.75 -15.94
N ILE C 72 -15.79 12.71 -15.28
CA ILE C 72 -17.21 12.98 -15.40
C ILE C 72 -17.39 14.42 -15.87
N ARG C 73 -18.08 14.58 -16.99
CA ARG C 73 -18.32 15.88 -17.60
C ARG C 73 -19.76 16.36 -17.35
N TYR C 74 -19.91 17.57 -16.84
CA TYR C 74 -21.22 18.23 -16.79
C TYR C 74 -21.18 19.30 -17.87
N HIS C 75 -21.84 19.04 -19.01
CA HIS C 75 -21.82 19.95 -20.13
C HIS C 75 -23.05 19.68 -20.99
N PRO C 76 -23.64 20.71 -21.61
CA PRO C 76 -24.91 20.49 -22.35
C PRO C 76 -24.77 19.67 -23.62
N GLU C 77 -23.57 19.44 -24.12
CA GLU C 77 -23.38 18.61 -25.32
C GLU C 77 -22.98 17.17 -24.98
N VAL C 78 -22.87 16.81 -23.69
CA VAL C 78 -22.72 15.41 -23.31
C VAL C 78 -23.83 14.58 -23.95
N ASP C 79 -23.45 13.51 -24.64
CA ASP C 79 -24.39 12.56 -25.22
C ASP C 79 -23.68 11.23 -25.37
N PRO C 80 -24.40 10.17 -25.76
CA PRO C 80 -23.73 8.85 -25.83
C PRO C 80 -22.54 8.85 -26.77
N ASP C 81 -22.62 9.48 -27.95
CA ASP C 81 -21.47 9.47 -28.84
C ASP C 81 -20.26 10.10 -28.19
N GLU C 82 -20.45 11.30 -27.62
CA GLU C 82 -19.32 12.00 -27.00
C GLU C 82 -18.72 11.18 -25.86
N VAL C 83 -19.55 10.63 -24.96
CA VAL C 83 -18.99 9.86 -23.86
C VAL C 83 -18.31 8.59 -24.38
N ASN C 84 -18.87 7.96 -25.41
CA ASN C 84 -18.24 6.76 -25.98
C ASN C 84 -16.87 7.08 -26.56
N ALA C 85 -16.76 8.19 -27.27
CA ALA C 85 -15.47 8.56 -27.87
C ALA C 85 -14.42 8.87 -26.80
N LEU C 86 -14.82 9.61 -25.77
CA LEU C 86 -13.89 9.96 -24.71
C LEU C 86 -13.44 8.73 -23.95
N ALA C 87 -14.36 7.77 -23.74
CA ALA C 87 -14.04 6.55 -23.00
C ALA C 87 -13.02 5.71 -23.74
N GLN C 88 -13.23 5.54 -25.06
CA GLN C 88 -12.26 4.80 -25.85
C GLN C 88 -10.89 5.46 -25.76
N LEU C 89 -10.85 6.78 -25.84
CA LEU C 89 -9.57 7.47 -25.78
C LEU C 89 -8.87 7.26 -24.44
N MET C 90 -9.63 7.14 -23.35
CA MET C 90 -9.00 6.81 -22.06
C MET C 90 -8.32 5.46 -22.11
N THR C 91 -8.91 4.49 -22.81
CA THR C 91 -8.30 3.16 -22.88
C THR C 91 -6.91 3.26 -23.50
N TRP C 92 -6.78 4.04 -24.57
CA TRP C 92 -5.48 4.15 -25.22
C TRP C 92 -4.52 5.01 -24.38
N LYS C 93 -5.03 6.09 -23.78
CA LYS C 93 -4.17 7.02 -23.04
C LYS C 93 -3.55 6.36 -21.82
N THR C 94 -4.36 5.67 -21.02
CA THR C 94 -3.81 4.95 -19.87
C THR C 94 -2.70 3.99 -20.30
N ALA C 95 -2.91 3.31 -21.44
CA ALA C 95 -1.88 2.38 -21.92
C ALA C 95 -0.65 3.11 -22.43
N VAL C 96 -0.81 4.30 -23.04
CA VAL C 96 0.34 5.04 -23.51
C VAL C 96 1.31 5.33 -22.37
N VAL C 97 0.79 5.80 -21.24
CA VAL C 97 1.66 6.12 -20.10
C VAL C 97 1.90 4.89 -19.22
N ASP C 98 1.32 3.76 -19.58
CA ASP C 98 1.59 2.49 -18.89
C ASP C 98 1.21 2.55 -17.41
N ILE C 99 0.02 3.07 -17.14
CA ILE C 99 -0.56 2.93 -15.79
C ILE C 99 -1.60 1.83 -15.84
N PRO C 100 -1.84 1.14 -14.72
CA PRO C 100 -2.60 -0.13 -14.75
C PRO C 100 -4.11 0.13 -14.66
N TYR C 101 -4.61 0.82 -15.68
CA TYR C 101 -6.02 1.16 -15.79
C TYR C 101 -6.52 0.87 -17.20
N GLY C 102 -7.81 0.58 -17.28
CA GLY C 102 -8.56 0.69 -18.53
C GLY C 102 -9.25 2.04 -18.66
N GLY C 103 -10.13 2.13 -19.65
CA GLY C 103 -10.76 3.39 -20.03
C GLY C 103 -12.25 3.45 -19.78
N ALA C 104 -12.71 4.61 -19.29
CA ALA C 104 -14.13 4.87 -19.09
C ALA C 104 -14.32 6.38 -19.12
N LYS C 105 -15.60 6.78 -19.19
CA LYS C 105 -15.97 8.18 -19.16
C LYS C 105 -17.44 8.33 -18.78
N GLY C 106 -17.76 9.44 -18.15
CA GLY C 106 -19.15 9.66 -17.76
C GLY C 106 -19.52 11.11 -17.91
N GLY C 107 -20.78 11.38 -17.65
CA GLY C 107 -21.23 12.75 -17.80
C GLY C 107 -22.73 12.88 -17.63
N ILE C 108 -23.13 14.13 -17.47
CA ILE C 108 -24.54 14.48 -17.44
C ILE C 108 -24.73 15.65 -18.37
N GLY C 109 -25.75 15.60 -19.21
CA GLY C 109 -26.05 16.70 -20.09
C GLY C 109 -26.77 17.79 -19.36
N CYS C 110 -26.02 18.69 -18.74
CA CYS C 110 -26.59 19.81 -18.01
C CYS C 110 -25.66 20.98 -18.16
N ASN C 111 -26.16 22.16 -17.80
CA ASN C 111 -25.32 23.34 -17.77
C ASN C 111 -25.15 23.74 -16.31
N PRO C 112 -23.95 23.58 -15.73
CA PRO C 112 -23.77 23.89 -14.30
C PRO C 112 -24.01 25.34 -13.95
N LYS C 113 -23.81 26.26 -14.89
CA LYS C 113 -24.05 27.65 -14.57
C LYS C 113 -25.52 27.92 -14.25
N ASP C 114 -26.42 27.03 -14.68
CA ASP C 114 -27.85 27.20 -14.47
C ASP C 114 -28.36 26.50 -13.22
N LEU C 115 -27.49 25.82 -12.49
CA LEU C 115 -27.86 25.11 -11.28
C LEU C 115 -27.16 25.77 -10.11
N SER C 116 -27.86 25.85 -8.98
CA SER C 116 -27.25 26.32 -7.74
C SER C 116 -26.27 25.29 -7.20
N ILE C 117 -25.44 25.72 -6.25
CA ILE C 117 -24.47 24.79 -5.69
C ILE C 117 -25.18 23.66 -4.95
N SER C 118 -26.31 23.95 -4.32
CA SER C 118 -27.04 22.85 -3.67
C SER C 118 -27.69 21.91 -4.68
N GLU C 119 -28.16 22.44 -5.81
CA GLU C 119 -28.68 21.58 -6.86
C GLU C 119 -27.59 20.71 -7.47
N LEU C 120 -26.42 21.29 -7.71
CA LEU C 120 -25.29 20.50 -8.22
C LEU C 120 -24.93 19.38 -7.26
N GLU C 121 -24.94 19.67 -5.96
CA GLU C 121 -24.65 18.63 -4.99
C GLU C 121 -25.69 17.52 -5.04
N ARG C 122 -26.98 17.88 -5.08
CA ARG C 122 -28.01 16.84 -5.11
C ARG C 122 -27.91 16.00 -6.38
N LEU C 123 -27.69 16.66 -7.52
CA LEU C 123 -27.55 15.95 -8.78
C LEU C 123 -26.37 14.99 -8.74
N THR C 124 -25.24 15.45 -8.21
CA THR C 124 -24.05 14.61 -8.07
C THR C 124 -24.33 13.41 -7.16
N ARG C 125 -25.03 13.63 -6.05
CA ARG C 125 -25.30 12.51 -5.15
C ARG C 125 -26.29 11.54 -5.78
N VAL C 126 -27.32 12.03 -6.47
CA VAL C 126 -28.27 11.11 -7.13
C VAL C 126 -27.56 10.29 -8.20
N PHE C 127 -26.70 10.93 -8.99
CA PHE C 127 -25.94 10.20 -10.01
C PHE C 127 -25.12 9.11 -9.36
N THR C 128 -24.45 9.45 -8.24
CA THR C 128 -23.66 8.45 -7.53
C THR C 128 -24.54 7.30 -7.05
N GLN C 129 -25.73 7.62 -6.48
CA GLN C 129 -26.66 6.56 -6.09
C GLN C 129 -27.01 5.65 -7.26
N LYS C 130 -27.16 6.23 -8.45
CA LYS C 130 -27.58 5.41 -9.58
C LYS C 130 -26.44 4.59 -10.18
N ILE C 131 -25.18 4.88 -9.86
CA ILE C 131 -24.08 4.11 -10.44
C ILE C 131 -23.19 3.48 -9.38
N HIS C 132 -23.63 3.47 -8.12
CA HIS C 132 -22.73 3.09 -7.03
C HIS C 132 -22.27 1.64 -7.15
N ASP C 133 -23.06 0.75 -7.72
N ASP C 133 -23.10 0.81 -7.78
CA ASP C 133 -22.55 -0.61 -7.85
CA ASP C 133 -22.82 -0.60 -8.03
C ASP C 133 -21.91 -0.86 -9.23
C ASP C 133 -21.74 -0.77 -9.10
N LEU C 134 -21.64 0.19 -10.00
CA LEU C 134 -20.83 0.06 -11.20
C LEU C 134 -19.44 0.61 -11.05
N ILE C 135 -19.26 1.61 -10.19
CA ILE C 135 -17.96 2.15 -9.94
C ILE C 135 -17.38 1.47 -8.72
N GLY C 136 -16.11 1.69 -8.48
CA GLY C 136 -15.47 1.07 -7.32
C GLY C 136 -13.99 1.17 -7.45
N ILE C 137 -13.31 1.01 -6.31
CA ILE C 137 -11.87 1.20 -6.24
C ILE C 137 -11.14 0.29 -7.23
N HIS C 138 -11.61 -0.94 -7.38
CA HIS C 138 -11.00 -1.89 -8.31
C HIS C 138 -11.90 -2.20 -9.51
N ARG C 139 -12.84 -1.32 -9.81
CA ARG C 139 -13.79 -1.52 -10.90
C ARG C 139 -13.73 -0.36 -11.90
N ASP C 140 -13.97 0.86 -11.44
CA ASP C 140 -14.07 2.05 -12.30
C ASP C 140 -13.99 3.28 -11.40
N VAL C 141 -13.06 4.16 -11.66
CA VAL C 141 -12.63 5.21 -10.74
C VAL C 141 -12.81 6.54 -11.43
N PRO C 142 -13.84 7.32 -11.10
CA PRO C 142 -14.02 8.61 -11.77
C PRO C 142 -13.08 9.69 -11.27
N ALA C 143 -13.32 10.88 -11.80
CA ALA C 143 -12.47 12.03 -11.65
C ALA C 143 -13.19 13.23 -12.28
N PRO C 144 -12.63 14.43 -12.18
CA PRO C 144 -13.26 15.60 -12.80
C PRO C 144 -13.01 15.61 -14.30
N ASP C 145 -13.79 16.46 -14.96
CA ASP C 145 -13.58 16.80 -16.37
C ASP C 145 -14.28 18.14 -16.53
N MET C 146 -14.65 18.51 -17.75
CA MET C 146 -15.32 19.77 -17.94
C MET C 146 -16.59 19.88 -17.11
N GLY C 147 -16.76 21.03 -16.45
CA GLY C 147 -17.93 21.28 -15.62
C GLY C 147 -17.97 20.62 -14.24
N THR C 148 -16.95 19.84 -13.87
CA THR C 148 -16.84 19.29 -12.51
C THR C 148 -15.45 19.61 -11.94
N ASN C 149 -15.29 19.41 -10.63
CA ASN C 149 -14.07 19.81 -9.96
C ASN C 149 -13.91 19.00 -8.69
N SER C 150 -12.94 19.39 -7.86
CA SER C 150 -12.68 18.59 -6.65
C SER C 150 -13.86 18.60 -5.67
N GLN C 151 -14.67 19.66 -5.66
CA GLN C 151 -15.83 19.63 -4.77
C GLN C 151 -16.83 18.60 -5.25
N THR C 152 -16.98 18.47 -6.56
CA THR C 152 -17.85 17.43 -7.10
C THR C 152 -17.39 16.07 -6.65
N MET C 153 -16.07 15.85 -6.67
CA MET C 153 -15.54 14.54 -6.29
C MET C 153 -15.76 14.27 -4.81
N ALA C 154 -15.69 15.31 -3.96
CA ALA C 154 -15.99 15.13 -2.55
C ALA C 154 -17.39 14.58 -2.35
N TRP C 155 -18.34 15.10 -3.10
CA TRP C 155 -19.72 14.61 -2.98
C TRP C 155 -19.86 13.18 -3.47
N ILE C 156 -19.16 12.83 -4.58
CA ILE C 156 -19.17 11.44 -5.03
C ILE C 156 -18.60 10.52 -3.94
N LEU C 157 -17.42 10.85 -3.43
CA LEU C 157 -16.83 10.08 -2.33
C LEU C 157 -17.81 9.91 -1.18
N ASP C 158 -18.40 11.02 -0.73
CA ASP C 158 -19.25 10.98 0.44
C ASP C 158 -20.47 10.09 0.22
N GLU C 159 -21.10 10.24 -0.93
CA GLU C 159 -22.30 9.45 -1.19
C GLU C 159 -21.97 7.98 -1.45
N TYR C 160 -20.93 7.71 -2.25
CA TYR C 160 -20.51 6.34 -2.48
C TYR C 160 -20.17 5.61 -1.17
N SER C 161 -19.51 6.31 -0.23
CA SER C 161 -19.08 5.68 1.02
C SER C 161 -20.25 5.31 1.92
N LYS C 162 -21.44 5.88 1.70
CA LYS C 162 -22.60 5.41 2.45
C LYS C 162 -22.95 3.99 2.04
N PHE C 163 -22.70 3.63 0.79
CA PHE C 163 -23.08 2.31 0.31
C PHE C 163 -21.99 1.28 0.55
N HIS C 164 -20.72 1.68 0.52
CA HIS C 164 -19.61 0.70 0.57
C HIS C 164 -18.59 0.99 1.66
N GLY C 165 -18.85 1.95 2.56
CA GLY C 165 -17.91 2.31 3.60
C GLY C 165 -16.90 3.31 3.05
N HIS C 166 -16.12 3.93 3.96
N HIS C 166 -16.14 3.93 3.96
CA HIS C 166 -15.16 4.95 3.52
CA HIS C 166 -15.07 4.88 3.58
C HIS C 166 -14.24 4.35 2.46
C HIS C 166 -14.24 4.30 2.44
N SER C 167 -14.23 4.99 1.29
CA SER C 167 -13.57 4.48 0.08
C SER C 167 -12.81 5.58 -0.65
N PRO C 168 -11.78 6.15 -0.03
CA PRO C 168 -11.07 7.28 -0.66
C PRO C 168 -10.68 7.05 -2.11
N ALA C 169 -10.24 5.83 -2.44
CA ALA C 169 -9.75 5.55 -3.79
C ALA C 169 -10.84 5.37 -4.84
N VAL C 170 -12.12 5.57 -4.50
CA VAL C 170 -13.18 5.35 -5.49
C VAL C 170 -13.19 6.47 -6.53
N VAL C 171 -12.66 7.64 -6.19
CA VAL C 171 -12.62 8.79 -7.07
C VAL C 171 -11.30 9.52 -6.88
N THR C 172 -10.79 10.12 -7.98
CA THR C 172 -9.58 10.94 -7.85
C THR C 172 -9.92 12.39 -8.21
N GLY C 173 -8.91 13.25 -8.14
CA GLY C 173 -9.17 14.67 -8.12
C GLY C 173 -9.84 15.16 -6.85
N LYS C 174 -9.68 14.44 -5.73
CA LYS C 174 -10.30 14.84 -4.49
C LYS C 174 -9.61 16.06 -3.90
N PRO C 175 -10.32 16.83 -3.08
CA PRO C 175 -9.65 17.86 -2.26
C PRO C 175 -8.53 17.24 -1.42
N ILE C 176 -7.46 18.00 -1.21
CA ILE C 176 -6.37 17.53 -0.34
C ILE C 176 -6.92 17.06 1.01
N ASP C 177 -7.85 17.82 1.57
CA ASP C 177 -8.32 17.54 2.92
C ASP C 177 -9.26 16.35 2.97
N LEU C 178 -9.53 15.69 1.82
CA LEU C 178 -10.29 14.46 1.79
C LEU C 178 -9.55 13.35 1.04
N GLY C 179 -8.23 13.32 1.16
CA GLY C 179 -7.44 12.25 0.57
C GLY C 179 -6.96 12.51 -0.84
N GLY C 180 -7.09 13.72 -1.33
CA GLY C 180 -6.54 14.06 -2.63
C GLY C 180 -5.03 14.08 -2.57
N SER C 181 -4.43 14.10 -3.74
CA SER C 181 -2.98 14.07 -3.86
C SER C 181 -2.44 15.45 -4.12
N LEU C 182 -1.38 15.80 -3.40
CA LEU C 182 -0.59 16.96 -3.80
C LEU C 182 -0.21 16.82 -5.27
N GLY C 183 -0.25 17.93 -6.00
CA GLY C 183 0.13 17.96 -7.39
C GLY C 183 -0.98 17.60 -8.37
N ARG C 184 -2.13 17.14 -7.91
CA ARG C 184 -3.14 16.69 -8.87
C ARG C 184 -3.83 17.87 -9.57
N GLU C 185 -4.11 18.95 -8.84
CA GLU C 185 -4.83 20.04 -9.47
C GLU C 185 -4.11 20.55 -10.71
N ALA C 186 -2.79 20.76 -10.60
CA ALA C 186 -1.95 21.26 -11.69
C ALA C 186 -1.49 20.21 -12.68
N ALA C 187 -1.83 18.94 -12.48
CA ALA C 187 -1.11 17.86 -13.16
C ALA C 187 -1.32 17.88 -14.68
N THR C 188 -2.54 18.11 -15.16
CA THR C 188 -2.74 18.05 -16.61
C THR C 188 -1.96 19.17 -17.28
N GLY C 189 -2.08 20.39 -16.75
CA GLY C 189 -1.38 21.50 -17.37
C GLY C 189 0.12 21.34 -17.29
N LEU C 190 0.61 20.86 -16.15
CA LEU C 190 2.05 20.65 -16.03
C LEU C 190 2.51 19.51 -16.93
N GLY C 191 1.73 18.44 -17.03
CA GLY C 191 2.11 17.36 -17.95
C GLY C 191 2.13 17.82 -19.41
N VAL C 192 1.22 18.70 -19.79
CA VAL C 192 1.27 19.29 -21.13
C VAL C 192 2.63 19.90 -21.37
N VAL C 193 3.15 20.57 -20.35
CA VAL C 193 4.45 21.24 -20.45
C VAL C 193 5.58 20.22 -20.54
N PHE C 194 5.53 19.18 -19.70
CA PHE C 194 6.52 18.10 -19.78
C PHE C 194 6.48 17.41 -21.14
N ALA C 195 5.27 17.18 -21.69
CA ALA C 195 5.17 16.59 -23.02
C ALA C 195 5.76 17.52 -24.08
N THR C 196 5.45 18.83 -23.97
CA THR C 196 5.94 19.80 -24.94
C THR C 196 7.46 19.92 -24.90
N GLU C 197 8.03 19.87 -23.70
CA GLU C 197 9.49 19.89 -23.55
C GLU C 197 10.13 18.66 -24.20
N ALA C 198 9.57 17.48 -23.96
CA ALA C 198 10.10 16.27 -24.59
C ALA C 198 10.12 16.40 -26.11
N LEU C 199 9.04 16.92 -26.68
CA LEU C 199 8.95 17.08 -28.14
C LEU C 199 9.94 18.12 -28.64
N PHE C 200 9.97 19.30 -27.99
CA PHE C 200 10.88 20.35 -28.45
C PHE C 200 12.34 19.93 -28.35
N ALA C 201 12.71 19.12 -27.35
CA ALA C 201 14.07 18.59 -27.29
C ALA C 201 14.47 17.96 -28.61
N GLU C 202 13.58 17.18 -29.23
CA GLU C 202 13.93 16.54 -30.51
C GLU C 202 14.25 17.56 -31.59
N TYR C 203 13.55 18.69 -31.59
CA TYR C 203 13.80 19.75 -32.58
C TYR C 203 14.82 20.77 -32.11
N GLY C 204 15.41 20.57 -30.92
CA GLY C 204 16.37 21.53 -30.41
C GLY C 204 15.80 22.88 -30.00
N LYS C 205 14.52 22.93 -29.64
CA LYS C 205 13.90 24.17 -29.21
C LYS C 205 13.58 24.11 -27.72
N SER C 206 13.36 25.29 -27.17
CA SER C 206 12.91 25.45 -25.81
C SER C 206 11.58 26.20 -25.82
N ILE C 207 10.82 26.03 -24.74
CA ILE C 207 9.55 26.72 -24.61
C ILE C 207 9.75 28.23 -24.72
N SER C 208 10.82 28.74 -24.13
CA SER C 208 11.06 30.18 -24.14
C SER C 208 11.23 30.73 -25.55
N ASP C 209 11.36 29.87 -26.55
CA ASP C 209 11.56 30.30 -27.93
C ASP C 209 10.26 30.62 -28.66
N MET C 210 9.11 30.29 -28.09
CA MET C 210 7.88 30.19 -28.85
C MET C 210 6.81 31.15 -28.33
N THR C 211 5.87 31.45 -29.22
CA THR C 211 4.62 32.08 -28.85
C THR C 211 3.51 31.03 -28.83
N PHE C 212 2.50 31.31 -28.03
CA PHE C 212 1.46 30.34 -27.73
C PHE C 212 0.09 30.98 -27.78
N ALA C 213 -0.88 30.25 -28.31
CA ALA C 213 -2.28 30.65 -28.21
C ALA C 213 -3.01 29.49 -27.54
N ILE C 214 -3.96 29.81 -26.68
CA ILE C 214 -4.59 28.84 -25.79
C ILE C 214 -6.10 29.01 -25.82
N GLN C 215 -6.82 27.95 -26.21
CA GLN C 215 -8.28 27.98 -26.22
C GLN C 215 -8.81 27.32 -24.97
N GLY C 216 -9.52 28.09 -24.14
CA GLY C 216 -10.04 27.51 -22.91
C GLY C 216 -9.17 27.93 -21.73
N PHE C 217 -9.77 28.19 -20.59
CA PHE C 217 -9.04 28.74 -19.45
C PHE C 217 -9.68 28.22 -18.16
N GLY C 218 -9.80 26.91 -18.07
CA GLY C 218 -10.24 26.24 -16.85
C GLY C 218 -9.12 25.49 -16.17
N ASN C 219 -9.43 24.33 -15.61
CA ASN C 219 -8.41 23.57 -14.90
C ASN C 219 -7.19 23.31 -15.80
N VAL C 220 -7.43 22.97 -17.07
CA VAL C 220 -6.33 22.64 -17.98
C VAL C 220 -5.66 23.91 -18.50
N GLY C 221 -6.44 24.85 -19.03
CA GLY C 221 -5.86 26.00 -19.69
C GLY C 221 -5.14 26.95 -18.74
N THR C 222 -5.64 27.09 -17.51
CA THR C 222 -4.96 28.00 -16.57
C THR C 222 -3.59 27.45 -16.21
N TRP C 223 -3.55 26.18 -15.77
CA TRP C 223 -2.30 25.59 -15.32
C TRP C 223 -1.30 25.47 -16.48
N ALA C 224 -1.79 25.14 -17.66
CA ALA C 224 -0.90 25.07 -18.81
C ALA C 224 -0.29 26.43 -19.13
N ALA C 225 -1.12 27.47 -19.18
CA ALA C 225 -0.60 28.80 -19.47
C ALA C 225 0.37 29.23 -18.37
N LYS C 226 0.01 28.99 -17.11
CA LYS C 226 0.90 29.36 -16.01
C LYS C 226 2.25 28.67 -16.17
N ALA C 227 2.23 27.36 -16.38
CA ALA C 227 3.49 26.63 -16.49
C ALA C 227 4.30 27.10 -17.68
N ILE C 228 3.65 27.40 -18.79
CA ILE C 228 4.35 27.90 -19.97
C ILE C 228 4.95 29.26 -19.66
N PHE C 229 4.12 30.15 -19.10
CA PHE C 229 4.55 31.49 -18.74
C PHE C 229 5.79 31.47 -17.86
N GLU C 230 5.79 30.62 -16.84
CA GLU C 230 6.93 30.59 -15.91
C GLU C 230 8.21 30.13 -16.60
N ARG C 231 8.11 29.26 -17.60
CA ARG C 231 9.29 28.79 -18.31
C ARG C 231 9.70 29.69 -19.47
N GLY C 232 9.14 30.88 -19.58
CA GLY C 232 9.58 31.86 -20.57
C GLY C 232 8.81 31.85 -21.88
N GLY C 233 7.80 31.00 -22.02
CA GLY C 233 6.99 31.04 -23.22
C GLY C 233 6.14 32.30 -23.27
N LYS C 234 5.93 32.81 -24.48
CA LYS C 234 5.19 34.03 -24.71
C LYS C 234 3.76 33.68 -25.11
N VAL C 235 2.82 33.83 -24.17
CA VAL C 235 1.42 33.52 -24.40
C VAL C 235 0.74 34.76 -24.98
N VAL C 236 0.35 34.68 -26.27
CA VAL C 236 -0.13 35.86 -27.00
C VAL C 236 -1.65 35.90 -27.15
N ALA C 237 -2.37 34.81 -26.84
CA ALA C 237 -3.82 34.91 -26.88
C ALA C 237 -4.42 33.81 -26.01
N VAL C 238 -5.57 34.13 -25.40
CA VAL C 238 -6.31 33.21 -24.53
C VAL C 238 -7.79 33.48 -24.74
N SER C 239 -8.59 32.41 -24.93
CA SER C 239 -10.05 32.53 -24.99
C SER C 239 -10.68 31.64 -23.93
N ASP C 240 -11.91 31.99 -23.55
CA ASP C 240 -12.78 31.02 -22.88
C ASP C 240 -14.18 31.21 -23.49
N ILE C 241 -15.20 30.65 -22.82
CA ILE C 241 -16.54 30.67 -23.43
C ILE C 241 -17.07 32.09 -23.58
N ASN C 242 -16.63 33.01 -22.72
CA ASN C 242 -17.20 34.36 -22.67
C ASN C 242 -16.42 35.40 -23.47
N GLY C 243 -15.19 35.12 -23.89
CA GLY C 243 -14.42 36.09 -24.65
C GLY C 243 -12.95 35.68 -24.75
N ALA C 244 -12.11 36.65 -25.08
CA ALA C 244 -10.70 36.35 -25.32
C ALA C 244 -9.89 37.63 -25.20
N ILE C 245 -8.58 37.45 -25.08
CA ILE C 245 -7.63 38.53 -24.83
C ILE C 245 -6.33 38.22 -25.57
N SER C 246 -5.68 39.24 -26.14
CA SER C 246 -4.41 39.00 -26.82
C SER C 246 -3.41 40.11 -26.57
N ASN C 247 -2.14 39.77 -26.78
CA ASN C 247 -1.02 40.69 -26.62
C ASN C 247 0.17 40.11 -27.38
N PRO C 248 0.58 40.70 -28.50
CA PRO C 248 1.67 40.10 -29.29
C PRO C 248 3.02 40.05 -28.58
N ASN C 249 3.22 40.83 -27.51
CA ASN C 249 4.46 40.81 -26.74
C ASN C 249 4.40 39.86 -25.54
N GLY C 250 3.33 39.11 -25.38
CA GLY C 250 3.19 38.24 -24.22
C GLY C 250 2.20 38.83 -23.22
N ILE C 251 1.29 38.02 -22.78
CA ILE C 251 0.35 38.37 -21.72
C ILE C 251 1.00 38.02 -20.41
N ASP C 252 0.90 38.91 -19.42
CA ASP C 252 1.31 38.58 -18.05
C ASP C 252 0.30 37.60 -17.47
N ILE C 253 0.60 36.30 -17.59
CA ILE C 253 -0.38 35.28 -17.22
C ILE C 253 -0.67 35.32 -15.72
N ALA C 254 0.34 35.60 -14.88
CA ALA C 254 0.07 35.64 -13.44
C ALA C 254 -0.97 36.72 -13.14
N ALA C 255 -0.83 37.89 -13.78
CA ALA C 255 -1.81 38.96 -13.61
C ALA C 255 -3.17 38.57 -14.16
N LEU C 256 -3.21 37.89 -15.30
CA LEU C 256 -4.48 37.47 -15.87
C LEU C 256 -5.19 36.48 -14.93
N LEU C 257 -4.44 35.60 -14.30
CA LEU C 257 -5.05 34.66 -13.37
C LEU C 257 -5.56 35.35 -12.11
N LYS C 258 -4.83 36.34 -11.61
CA LYS C 258 -5.34 37.11 -10.48
C LYS C 258 -6.65 37.80 -10.86
N HIS C 259 -6.67 38.41 -12.06
CA HIS C 259 -7.86 39.09 -12.54
C HIS C 259 -9.05 38.12 -12.66
N LYS C 260 -8.77 36.90 -13.11
CA LYS C 260 -9.80 35.87 -13.21
C LYS C 260 -10.32 35.47 -11.83
N ALA C 261 -9.42 35.33 -10.86
CA ALA C 261 -9.81 34.89 -9.53
C ALA C 261 -10.69 35.93 -8.81
N GLY C 262 -10.68 37.17 -9.29
CA GLY C 262 -11.57 38.21 -8.78
C GLY C 262 -12.81 38.39 -9.65
N ASN C 263 -13.18 37.34 -10.37
CA ASN C 263 -14.37 37.31 -11.21
C ASN C 263 -14.30 38.29 -12.40
N GLY C 264 -13.09 38.66 -12.81
CA GLY C 264 -12.95 39.44 -14.02
C GLY C 264 -13.06 38.57 -15.25
N SER C 265 -13.52 39.17 -16.34
N SER C 265 -13.51 39.17 -16.35
CA SER C 265 -13.59 38.50 -17.63
CA SER C 265 -13.60 38.47 -17.62
C SER C 265 -12.29 38.70 -18.40
C SER C 265 -12.36 38.75 -18.46
N LEU C 266 -11.99 37.76 -19.29
CA LEU C 266 -10.80 37.90 -20.13
C LEU C 266 -10.81 39.20 -20.91
N LYS C 267 -11.95 39.54 -21.51
CA LYS C 267 -12.03 40.69 -22.40
C LYS C 267 -11.73 42.00 -21.69
N ASP C 268 -11.92 42.06 -20.37
CA ASP C 268 -11.74 43.28 -19.61
C ASP C 268 -10.33 43.41 -19.00
N PHE C 269 -9.45 42.44 -19.19
CA PHE C 269 -8.10 42.49 -18.62
C PHE C 269 -7.31 43.64 -19.22
N SER C 270 -6.63 44.42 -18.37
CA SER C 270 -6.03 45.66 -18.84
C SER C 270 -4.72 45.44 -19.58
N GLY C 271 -4.07 44.30 -19.38
CA GLY C 271 -2.77 44.05 -19.98
C GLY C 271 -2.85 43.35 -21.31
N GLY C 272 -3.92 43.63 -22.05
CA GLY C 272 -4.09 43.04 -23.35
C GLY C 272 -5.22 43.73 -24.06
N ASP C 273 -5.43 43.30 -25.30
CA ASP C 273 -6.50 43.79 -26.15
C ASP C 273 -7.58 42.73 -26.27
N ALA C 274 -8.83 43.14 -26.05
CA ALA C 274 -9.95 42.22 -26.24
C ALA C 274 -9.96 41.69 -27.67
N MET C 275 -10.30 40.40 -27.81
CA MET C 275 -10.42 39.79 -29.13
C MET C 275 -11.64 38.88 -29.18
N ASN C 276 -12.11 38.66 -30.39
CA ASN C 276 -13.18 37.72 -30.69
C ASN C 276 -12.67 36.29 -30.50
N PRO C 277 -13.24 35.49 -29.59
CA PRO C 277 -12.70 34.14 -29.38
C PRO C 277 -12.75 33.26 -30.61
N ASN C 278 -13.55 33.63 -31.62
CA ASN C 278 -13.61 32.86 -32.86
C ASN C 278 -12.33 32.96 -33.67
N ASP C 279 -11.47 33.93 -33.36
CA ASP C 279 -10.22 34.11 -34.07
C ASP C 279 -9.06 33.44 -33.36
N LEU C 280 -9.32 32.65 -32.32
CA LEU C 280 -8.20 32.14 -31.52
C LEU C 280 -7.43 31.04 -32.24
N LEU C 281 -8.14 30.03 -32.78
CA LEU C 281 -7.46 28.89 -33.37
C LEU C 281 -6.64 29.30 -34.61
N VAL C 282 -7.03 30.38 -35.27
CA VAL C 282 -6.36 30.86 -36.48
C VAL C 282 -5.45 32.06 -36.19
N HIS C 283 -5.21 32.35 -34.92
CA HIS C 283 -4.31 33.43 -34.51
C HIS C 283 -2.87 33.09 -34.87
N ASP C 284 -2.08 34.12 -35.15
CA ASP C 284 -0.66 33.92 -35.40
C ASP C 284 0.03 33.50 -34.11
N CYS C 285 0.74 32.38 -34.17
CA CYS C 285 1.48 31.87 -33.03
C CYS C 285 2.39 30.76 -33.53
N ASP C 286 3.35 30.37 -32.69
CA ASP C 286 4.17 29.20 -32.99
C ASP C 286 3.46 27.93 -32.56
N VAL C 287 2.85 27.93 -31.38
CA VAL C 287 2.25 26.74 -30.81
C VAL C 287 0.79 27.04 -30.46
N LEU C 288 -0.11 26.16 -30.88
CA LEU C 288 -1.54 26.26 -30.56
C LEU C 288 -1.91 25.14 -29.58
N ILE C 289 -2.55 25.49 -28.47
CA ILE C 289 -2.93 24.53 -27.45
C ILE C 289 -4.44 24.63 -27.22
N PRO C 290 -5.24 23.79 -27.86
CA PRO C 290 -6.66 23.71 -27.52
C PRO C 290 -6.85 23.12 -26.14
N CYS C 291 -7.53 23.85 -25.24
CA CYS C 291 -7.83 23.34 -23.90
C CYS C 291 -9.34 23.37 -23.59
N ALA C 292 -10.21 23.19 -24.58
CA ALA C 292 -11.64 23.22 -24.32
C ALA C 292 -12.34 22.04 -24.99
N LEU C 293 -13.18 22.31 -25.98
CA LEU C 293 -14.01 21.25 -26.53
C LEU C 293 -13.25 20.45 -27.59
N GLY C 294 -13.83 19.28 -27.94
CA GLY C 294 -13.29 18.46 -29.01
C GLY C 294 -13.82 18.88 -30.39
N GLY C 295 -13.10 18.42 -31.42
CA GLY C 295 -13.57 18.64 -32.77
C GLY C 295 -13.42 20.04 -33.29
N VAL C 296 -12.71 20.90 -32.57
CA VAL C 296 -12.69 22.32 -32.94
C VAL C 296 -11.76 22.62 -34.11
N LEU C 297 -10.81 21.73 -34.43
CA LEU C 297 -10.00 21.87 -35.62
C LEU C 297 -10.54 20.88 -36.64
N ASN C 298 -11.10 21.39 -37.74
CA ASN C 298 -11.86 20.57 -38.67
C ASN C 298 -11.51 21.01 -40.10
N LYS C 299 -12.20 20.43 -41.09
CA LYS C 299 -11.87 20.75 -42.47
C LYS C 299 -12.10 22.21 -42.81
N GLU C 300 -12.92 22.92 -42.04
CA GLU C 300 -13.27 24.29 -42.43
C GLU C 300 -12.24 25.32 -42.01
N ASN C 301 -11.55 25.12 -40.88
CA ASN C 301 -10.58 26.11 -40.40
C ASN C 301 -9.13 25.62 -40.46
N ALA C 302 -8.89 24.33 -40.71
CA ALA C 302 -7.53 23.79 -40.65
C ALA C 302 -6.57 24.51 -41.60
N ASN C 303 -7.04 24.96 -42.76
CA ASN C 303 -6.09 25.62 -43.65
C ASN C 303 -5.66 27.00 -43.17
N ASP C 304 -6.33 27.57 -42.17
CA ASP C 304 -6.05 28.91 -41.68
C ASP C 304 -5.25 28.91 -40.38
N VAL C 305 -4.88 27.73 -39.89
CA VAL C 305 -4.03 27.62 -38.70
C VAL C 305 -2.66 28.16 -39.03
N LYS C 306 -2.15 29.06 -38.17
CA LYS C 306 -0.82 29.63 -38.33
C LYS C 306 0.26 28.83 -37.60
N ALA C 307 -0.11 28.12 -36.54
CA ALA C 307 0.89 27.43 -35.70
C ALA C 307 1.67 26.38 -36.50
N LYS C 308 2.93 26.16 -36.09
CA LYS C 308 3.72 25.03 -36.57
C LYS C 308 3.61 23.81 -35.67
N PHE C 309 3.18 24.00 -34.43
CA PHE C 309 2.99 22.94 -33.47
C PHE C 309 1.58 23.06 -32.88
N ILE C 310 0.92 21.92 -32.72
CA ILE C 310 -0.34 21.83 -31.99
C ILE C 310 -0.15 20.83 -30.87
N ILE C 311 -0.42 21.26 -29.63
CA ILE C 311 -0.31 20.40 -28.45
C ILE C 311 -1.73 20.13 -27.98
N GLU C 312 -2.19 18.88 -28.03
CA GLU C 312 -3.59 18.57 -27.77
C GLU C 312 -3.81 18.40 -26.27
N ALA C 313 -4.10 19.52 -25.59
CA ALA C 313 -4.40 19.44 -24.17
C ALA C 313 -5.84 18.99 -23.95
N ALA C 314 -6.75 19.50 -24.77
CA ALA C 314 -8.12 19.00 -24.77
C ALA C 314 -8.16 17.58 -25.33
N ASN C 315 -9.24 16.87 -25.04
CA ASN C 315 -9.50 15.59 -25.67
C ASN C 315 -10.06 15.79 -27.07
N HIS C 316 -9.54 14.98 -28.03
CA HIS C 316 -9.80 14.98 -29.48
C HIS C 316 -10.19 16.34 -30.06
N PRO C 317 -9.35 17.36 -29.86
CA PRO C 317 -9.65 18.67 -30.48
C PRO C 317 -9.47 18.69 -32.00
N THR C 318 -8.71 17.76 -32.60
CA THR C 318 -8.42 17.77 -34.04
C THR C 318 -9.06 16.56 -34.70
N ASP C 319 -9.89 16.77 -35.69
CA ASP C 319 -10.52 15.63 -36.37
C ASP C 319 -9.63 15.15 -37.52
N PRO C 320 -9.91 13.95 -38.06
CA PRO C 320 -9.00 13.38 -39.07
C PRO C 320 -8.90 14.19 -40.36
N ASP C 321 -9.97 14.87 -40.79
CA ASP C 321 -9.85 15.81 -41.89
C ASP C 321 -8.78 16.87 -41.62
N ALA C 322 -8.82 17.48 -40.43
CA ALA C 322 -7.82 18.49 -40.09
C ALA C 322 -6.42 17.88 -39.99
N ASP C 323 -6.30 16.66 -39.42
CA ASP C 323 -5.02 15.99 -39.34
C ASP C 323 -4.30 16.01 -40.69
N GLU C 324 -5.02 15.68 -41.77
CA GLU C 324 -4.35 15.53 -43.04
C GLU C 324 -4.00 16.88 -43.65
N ILE C 325 -4.93 17.84 -43.59
CA ILE C 325 -4.64 19.20 -44.05
C ILE C 325 -3.42 19.74 -43.32
N LEU C 326 -3.39 19.61 -41.99
CA LEU C 326 -2.30 20.17 -41.21
C LEU C 326 -0.99 19.46 -41.50
N SER C 327 -1.03 18.14 -41.73
CA SER C 327 0.18 17.43 -42.08
C SER C 327 0.79 18.01 -43.36
N LYS C 328 -0.06 18.36 -44.33
CA LYS C 328 0.43 18.89 -45.59
C LYS C 328 0.89 20.34 -45.48
N LYS C 329 0.52 21.05 -44.42
CA LYS C 329 1.07 22.37 -44.15
C LYS C 329 2.36 22.30 -43.33
N GLY C 330 2.83 21.10 -42.99
CA GLY C 330 4.03 20.94 -42.20
C GLY C 330 3.83 21.11 -40.71
N VAL C 331 2.60 21.03 -40.24
CA VAL C 331 2.29 21.19 -38.82
C VAL C 331 2.54 19.86 -38.13
N ILE C 332 3.09 19.91 -36.89
CA ILE C 332 3.32 18.75 -36.04
C ILE C 332 2.31 18.78 -34.89
N ILE C 333 1.65 17.64 -34.65
CA ILE C 333 0.57 17.57 -33.65
C ILE C 333 0.96 16.52 -32.60
N LEU C 334 1.11 17.00 -31.36
CA LEU C 334 1.36 16.12 -30.23
C LEU C 334 0.02 15.63 -29.72
N PRO C 335 -0.27 14.35 -29.82
CA PRO C 335 -1.65 13.89 -29.68
C PRO C 335 -2.14 13.88 -28.26
N ASP C 336 -3.46 14.02 -28.12
CA ASP C 336 -4.11 14.08 -26.81
C ASP C 336 -3.74 12.90 -25.93
N VAL C 337 -3.79 11.68 -26.47
CA VAL C 337 -3.57 10.50 -25.64
C VAL C 337 -2.18 10.46 -25.03
N TYR C 338 -1.27 11.35 -25.43
CA TYR C 338 -0.04 11.55 -24.70
C TYR C 338 0.01 12.89 -23.98
N ALA C 339 -0.27 13.98 -24.69
CA ALA C 339 0.07 15.30 -24.18
C ALA C 339 -0.74 15.67 -22.96
N ASN C 340 -1.97 15.19 -22.86
CA ASN C 340 -2.78 15.54 -21.70
C ASN C 340 -2.86 14.42 -20.68
N ALA C 341 -1.98 13.43 -20.77
CA ALA C 341 -2.03 12.28 -19.85
C ALA C 341 -1.49 12.59 -18.44
N GLY C 342 -0.97 13.79 -18.20
CA GLY C 342 -0.48 14.11 -16.87
C GLY C 342 -1.56 13.99 -15.81
N GLY C 343 -2.78 14.37 -16.15
CA GLY C 343 -3.86 14.27 -15.19
C GLY C 343 -4.15 12.84 -14.75
N VAL C 344 -4.33 11.94 -15.72
CA VAL C 344 -4.68 10.59 -15.33
C VAL C 344 -3.47 9.90 -14.67
N THR C 345 -2.25 10.30 -15.04
CA THR C 345 -1.06 9.76 -14.39
C THR C 345 -1.01 10.14 -12.91
N VAL C 346 -1.25 11.41 -12.60
CA VAL C 346 -1.27 11.75 -11.18
C VAL C 346 -2.52 11.20 -10.50
N SER C 347 -3.62 11.02 -11.23
CA SER C 347 -4.77 10.32 -10.65
C SER C 347 -4.37 8.93 -10.21
N TYR C 348 -3.55 8.25 -11.01
CA TYR C 348 -3.06 6.94 -10.61
C TYR C 348 -2.30 7.03 -9.29
N PHE C 349 -1.41 8.02 -9.19
CA PHE C 349 -0.67 8.20 -7.96
C PHE C 349 -1.60 8.50 -6.77
N GLU C 350 -2.66 9.31 -6.98
CA GLU C 350 -3.61 9.58 -5.90
C GLU C 350 -4.25 8.28 -5.41
N TRP C 351 -4.72 7.48 -6.36
CA TRP C 351 -5.32 6.18 -6.09
C TRP C 351 -4.36 5.25 -5.35
N VAL C 352 -3.09 5.20 -5.78
CA VAL C 352 -2.07 4.40 -5.09
C VAL C 352 -1.90 4.86 -3.66
N GLN C 353 -1.76 6.18 -3.45
CA GLN C 353 -1.58 6.70 -2.10
C GLN C 353 -2.77 6.31 -1.23
N ASN C 354 -3.96 6.41 -1.79
CA ASN C 354 -5.17 6.05 -1.05
C ASN C 354 -5.18 4.56 -0.69
N ILE C 355 -4.90 3.69 -1.66
CA ILE C 355 -4.99 2.27 -1.26
C ILE C 355 -3.83 1.87 -0.34
N GLN C 356 -2.70 2.56 -0.38
CA GLN C 356 -1.59 2.36 0.55
C GLN C 356 -1.85 2.98 1.92
N GLY C 357 -2.93 3.73 2.03
CA GLY C 357 -3.33 4.44 3.24
C GLY C 357 -2.34 5.46 3.74
N PHE C 358 -1.52 6.04 2.85
CA PHE C 358 -0.40 6.85 3.30
C PHE C 358 0.01 7.77 2.15
N MET C 359 0.00 9.07 2.38
CA MET C 359 0.16 10.01 1.27
C MET C 359 1.63 10.26 1.00
N TRP C 360 1.91 10.68 -0.23
CA TRP C 360 3.26 11.05 -0.63
C TRP C 360 3.46 12.56 -0.51
N ASP C 361 4.72 12.96 -0.46
N ASP C 361 4.72 12.95 -0.44
CA ASP C 361 5.02 14.38 -0.54
CA ASP C 361 5.08 14.35 -0.55
C ASP C 361 5.07 14.83 -2.00
C ASP C 361 4.96 14.82 -2.00
N GLU C 362 4.88 16.14 -2.20
CA GLU C 362 4.67 16.66 -3.53
C GLU C 362 5.87 16.38 -4.44
N GLU C 363 7.07 16.37 -3.87
CA GLU C 363 8.26 16.13 -4.70
C GLU C 363 8.25 14.73 -5.28
N LYS C 364 7.73 13.73 -4.55
CA LYS C 364 7.64 12.40 -5.12
C LYS C 364 6.59 12.32 -6.23
N VAL C 365 5.42 12.92 -6.01
CA VAL C 365 4.42 12.96 -7.08
C VAL C 365 5.03 13.55 -8.35
N ASN C 366 5.76 14.66 -8.20
CA ASN C 366 6.27 15.32 -9.39
C ASN C 366 7.43 14.57 -10.02
N GLN C 367 8.30 13.95 -9.21
CA GLN C 367 9.34 13.08 -9.76
C GLN C 367 8.73 11.95 -10.58
N GLU C 368 7.69 11.32 -10.06
CA GLU C 368 7.09 10.20 -10.80
C GLU C 368 6.36 10.69 -12.05
N LEU C 369 5.67 11.83 -11.98
CA LEU C 369 5.02 12.33 -13.19
C LEU C 369 6.04 12.53 -14.30
N LYS C 370 7.16 13.17 -13.98
CA LYS C 370 8.21 13.42 -14.97
C LYS C 370 8.73 12.12 -15.57
N ARG C 371 8.94 11.12 -14.72
CA ARG C 371 9.46 9.85 -15.20
C ARG C 371 8.47 9.15 -16.12
N TYR C 372 7.19 9.15 -15.73
CA TYR C 372 6.17 8.53 -16.58
C TYR C 372 6.05 9.27 -17.93
N MET C 373 6.09 10.61 -17.91
CA MET C 373 5.89 11.36 -19.13
C MET C 373 7.11 11.20 -20.04
N THR C 374 8.30 11.12 -19.45
CA THR C 374 9.51 10.93 -20.23
C THR C 374 9.54 9.56 -20.89
N LYS C 375 9.28 8.52 -20.11
CA LYS C 375 9.22 7.17 -20.65
C LYS C 375 8.19 7.04 -21.77
N ALA C 376 6.99 7.59 -21.56
CA ALA C 376 5.97 7.50 -22.62
C ALA C 376 6.43 8.17 -23.90
N PHE C 377 7.07 9.34 -23.81
CA PHE C 377 7.53 9.99 -25.02
C PHE C 377 8.62 9.16 -25.70
N ASN C 378 9.55 8.62 -24.93
CA ASN C 378 10.57 7.78 -25.54
C ASN C 378 9.96 6.56 -26.23
N ASP C 379 8.91 6.00 -25.64
CA ASP C 379 8.27 4.84 -26.26
C ASP C 379 7.59 5.22 -27.56
N ILE C 380 6.94 6.38 -27.58
CA ILE C 380 6.25 6.84 -28.79
C ILE C 380 7.25 7.07 -29.91
N LYS C 381 8.35 7.77 -29.60
CA LYS C 381 9.43 8.01 -30.56
C LYS C 381 9.90 6.70 -31.21
N ALA C 382 10.27 5.72 -30.37
CA ALA C 382 10.71 4.43 -30.90
C ALA C 382 9.61 3.78 -31.73
N ASN C 383 8.36 3.93 -31.32
CA ASN C 383 7.25 3.29 -32.04
C ASN C 383 7.03 3.96 -33.39
N CYS C 384 7.14 5.30 -33.45
CA CYS C 384 7.03 5.99 -34.72
C CYS C 384 8.10 5.51 -35.71
N LYS C 385 9.21 4.99 -35.17
CA LYS C 385 10.33 4.55 -36.00
C LYS C 385 10.05 3.16 -36.57
N THR C 386 9.83 2.17 -35.69
CA THR C 386 9.57 0.82 -36.15
C THR C 386 8.33 0.74 -37.04
N HIS C 387 7.40 1.69 -36.92
CA HIS C 387 6.20 1.69 -37.73
C HIS C 387 6.17 2.80 -38.76
N ASN C 388 7.14 3.71 -38.73
CA ASN C 388 7.27 4.81 -39.69
C ASN C 388 5.98 5.61 -39.85
N CYS C 389 5.51 6.20 -38.74
CA CYS C 389 4.24 6.91 -38.74
C CYS C 389 4.39 8.20 -37.95
N ASP C 390 3.35 9.04 -38.03
CA ASP C 390 3.32 10.32 -37.35
C ASP C 390 3.04 10.12 -35.86
N LEU C 391 3.09 11.22 -35.10
CA LEU C 391 3.03 11.10 -33.64
C LEU C 391 1.68 10.54 -33.18
N ARG C 392 0.57 11.01 -33.74
CA ARG C 392 -0.71 10.48 -33.30
C ARG C 392 -0.73 8.95 -33.43
N MET C 393 -0.30 8.44 -34.59
CA MET C 393 -0.33 6.99 -34.78
C MET C 393 0.72 6.28 -33.93
N GLY C 394 1.87 6.92 -33.68
CA GLY C 394 2.86 6.30 -32.82
C GLY C 394 2.36 6.08 -31.41
N ALA C 395 1.65 7.06 -30.86
CA ALA C 395 1.04 6.89 -29.55
C ALA C 395 -0.16 5.94 -29.62
N PHE C 396 -1.03 6.11 -30.62
CA PHE C 396 -2.25 5.30 -30.68
C PHE C 396 -1.89 3.81 -30.79
N THR C 397 -0.99 3.46 -31.72
CA THR C 397 -0.60 2.05 -31.85
C THR C 397 0.13 1.54 -30.61
N LEU C 398 0.88 2.40 -29.93
CA LEU C 398 1.56 1.97 -28.71
C LEU C 398 0.54 1.52 -27.65
N GLY C 399 -0.49 2.34 -27.41
CA GLY C 399 -1.51 1.96 -26.45
C GLY C 399 -2.39 0.81 -26.91
N LEU C 400 -2.81 0.83 -28.17
CA LEU C 400 -3.66 -0.23 -28.69
C LEU C 400 -2.95 -1.58 -28.62
N ASN C 401 -1.65 -1.61 -28.92
CA ASN C 401 -0.90 -2.87 -28.88
C ASN C 401 -0.81 -3.38 -27.43
N ARG C 402 -0.58 -2.47 -26.47
CA ARG C 402 -0.55 -2.89 -25.07
C ARG C 402 -1.90 -3.43 -24.62
N VAL C 403 -2.99 -2.81 -25.07
CA VAL C 403 -4.31 -3.32 -24.70
C VAL C 403 -4.55 -4.69 -25.35
N ALA C 404 -4.10 -4.85 -26.59
CA ALA C 404 -4.31 -6.12 -27.28
C ALA C 404 -3.58 -7.25 -26.56
N ARG C 405 -2.36 -6.98 -26.11
CA ARG C 405 -1.55 -7.96 -25.41
C ARG C 405 -2.27 -8.45 -24.15
N ALA C 406 -2.74 -7.52 -23.33
CA ALA C 406 -3.41 -7.89 -22.10
C ALA C 406 -4.70 -8.63 -22.39
N THR C 407 -5.41 -8.22 -23.44
CA THR C 407 -6.64 -8.86 -23.84
C THR C 407 -6.37 -10.30 -24.26
N LEU C 408 -5.27 -10.53 -24.97
CA LEU C 408 -4.97 -11.87 -25.45
C LEU C 408 -4.50 -12.78 -24.32
N LEU C 409 -3.80 -12.23 -23.34
CA LEU C 409 -3.38 -13.03 -22.19
C LEU C 409 -4.58 -13.47 -21.37
N ARG C 410 -5.59 -12.63 -21.27
CA ARG C 410 -6.74 -12.95 -20.45
C ARG C 410 -7.60 -14.03 -21.10
N GLY C 411 -7.67 -14.04 -22.42
CA GLY C 411 -8.44 -15.06 -23.14
C GLY C 411 -9.93 -14.79 -23.09
N TRP C 412 -10.67 -15.74 -23.66
CA TRP C 412 -12.06 -15.53 -24.01
C TRP C 412 -13.01 -16.65 -23.63
N GLU C 413 -12.53 -17.74 -23.02
CA GLU C 413 -13.47 -18.78 -22.60
C GLU C 413 -14.26 -18.28 -21.41
N ALA C 414 -15.45 -18.83 -21.24
CA ALA C 414 -16.36 -18.32 -20.20
C ALA C 414 -15.96 -18.73 -18.78
PA NAD D . 2.61 3.39 33.66
O1A NAD D . 1.63 2.73 34.58
O2A NAD D . 3.39 2.53 32.72
O5B NAD D . 3.64 4.27 34.53
C5B NAD D . 3.13 5.25 35.47
C4B NAD D . 4.26 5.79 36.29
O4B NAD D . 3.76 6.85 37.16
C3B NAD D . 4.95 4.81 37.25
O3B NAD D . 6.32 5.17 37.39
C2B NAD D . 4.28 5.10 38.59
O2B NAD D . 4.98 4.65 39.72
C1B NAD D . 4.25 6.62 38.47
N9A NAD D . 3.39 7.30 39.43
C8A NAD D . 2.10 6.99 39.76
N7A NAD D . 1.60 7.79 40.67
C5A NAD D . 2.63 8.67 40.96
C6A NAD D . 2.73 9.76 41.86
N6A NAD D . 1.75 10.15 42.66
N1A NAD D . 3.91 10.42 41.90
C2A NAD D . 4.91 10.02 41.09
N3A NAD D . 4.93 9.02 40.22
C4A NAD D . 3.75 8.38 40.20
O3 NAD D . 1.86 4.52 32.83
PN NAD D . 2.29 5.13 31.42
O1N NAD D . 1.99 4.15 30.34
O2N NAD D . 3.68 5.66 31.57
O5D NAD D . 1.29 6.36 31.30
C5D NAD D . 1.50 7.43 32.21
C4D NAD D . 0.55 8.52 31.83
O4D NAD D . 0.85 8.97 30.49
C3D NAD D . -0.94 8.12 31.76
O3D NAD D . -1.48 7.99 33.06
C2D NAD D . -1.46 9.27 30.91
O2D NAD D . -1.60 10.39 31.78
C1D NAD D . -0.34 9.46 29.88
N1N NAD D . -0.54 8.74 28.58
C2N NAD D . 0.05 7.52 28.32
C3N NAD D . 0.04 7.01 27.01
C7N NAD D . 0.81 5.74 26.68
O7N NAD D . 1.28 5.04 27.58
N7N NAD D . 0.95 5.43 25.40
C4N NAD D . -0.71 7.66 26.05
C5N NAD D . -1.37 8.83 26.34
C6N NAD D . -1.27 9.34 27.62
C1 EDO E . -23.48 24.99 8.10
O1 EDO E . -24.09 25.82 9.12
C2 EDO E . -22.32 25.71 7.41
O2 EDO E . -21.35 26.10 8.41
C1 EDO F . -13.58 26.41 8.90
O1 EDO F . -12.44 27.25 9.18
C2 EDO F . -13.60 26.15 7.40
O2 EDO F . -12.64 25.15 7.15
C1 EDO G . -20.85 30.57 17.30
O1 EDO G . -19.46 30.29 17.51
C2 EDO G . -21.59 30.54 18.63
O2 EDO G . -21.44 31.82 19.29
C1 EDO H . -21.99 4.18 26.65
O1 EDO H . -22.85 5.32 26.66
C2 EDO H . -21.38 4.06 28.03
O2 EDO H . -22.41 3.50 28.85
C1 EDO I . 18.38 6.31 6.86
O1 EDO I . 18.95 7.04 7.95
C2 EDO I . 19.33 6.52 5.70
O2 EDO I . 18.88 7.69 5.01
C1 EDO J . -1.24 -3.10 26.62
O1 EDO J . -1.86 -1.86 26.27
C2 EDO J . -0.74 -3.87 25.39
O2 EDO J . -0.13 -5.12 25.79
C1 EDO K . 2.10 14.42 8.28
O1 EDO K . 1.92 15.76 8.72
C2 EDO K . 3.41 14.26 7.52
O2 EDO K . 3.26 14.79 6.20
C1 PEG L . -14.97 -24.13 37.30
O1 PEG L . -14.94 -22.84 37.89
C2 PEG L . -16.22 -24.89 37.67
O2 PEG L . -16.26 -26.17 37.05
C3 PEG L . -17.59 -26.60 36.76
C4 PEG L . -18.46 -26.49 37.99
O4 PEG L . -19.83 -26.35 37.67
NA NA M . -15.42 -25.19 32.96
C1 EDO N . 1.37 -8.37 6.83
O1 EDO N . 0.30 -8.65 5.92
C2 EDO N . 0.96 -7.31 7.87
O2 EDO N . -0.39 -7.54 8.29
C1 EDO O . 4.88 3.20 3.12
O1 EDO O . 3.98 3.79 2.17
C2 EDO O . 5.86 4.28 3.55
O2 EDO O . 6.88 4.43 2.57
C1 EDO P . 12.61 1.30 29.23
O1 EDO P . 11.88 0.07 29.30
C2 EDO P . 13.80 1.22 28.26
O2 EDO P . 14.71 0.20 28.65
C1 EDO Q . -12.02 -24.23 33.13
O1 EDO Q . -13.42 -23.91 33.11
C2 EDO Q . -11.20 -23.06 32.64
O2 EDO Q . -11.06 -23.12 31.22
CA CA R . -31.42 -9.45 26.51
C1 EDO S . -0.49 -3.50 -9.41
O1 EDO S . -1.20 -4.75 -9.55
C2 EDO S . -1.25 -2.43 -10.17
O2 EDO S . -2.48 -2.14 -9.50
C1 EDO T . -7.20 -34.22 -1.78
O1 EDO T . -7.19 -35.14 -0.70
C2 EDO T . -6.09 -34.65 -2.71
O2 EDO T . -6.65 -35.79 -3.39
C1 EDO U . -2.26 -26.23 24.18
O1 EDO U . -3.15 -27.20 24.79
C2 EDO U . -2.35 -24.94 24.95
O2 EDO U . -3.74 -24.63 25.07
C1 EDO V . 5.98 -19.91 -16.57
O1 EDO V . 5.29 -18.89 -17.28
C2 EDO V . 5.57 -19.91 -15.10
O2 EDO V . 5.77 -21.22 -14.53
C1 EDO W . -4.75 -32.65 -27.48
O1 EDO W . -5.32 -31.53 -28.13
C2 EDO W . -3.33 -32.31 -27.06
O2 EDO W . -2.53 -33.50 -26.99
C1 EDO X . 19.26 -18.46 -17.77
O1 EDO X . 18.41 -19.41 -17.13
C2 EDO X . 20.26 -17.95 -16.74
O2 EDO X . 20.84 -16.71 -17.17
C1 EDO Y . 20.66 -36.32 12.96
O1 EDO Y . 19.91 -36.11 11.76
C2 EDO Y . 21.67 -35.19 13.00
O2 EDO Y . 21.97 -34.89 11.63
C1 PGE Z . 25.59 -21.95 13.38
O1 PGE Z . 25.01 -20.72 13.79
C2 PGE Z . 24.80 -23.11 13.86
O2 PGE Z . 25.48 -24.33 13.60
C3 PGE Z . 25.79 -24.53 12.22
C4 PGE Z . 25.99 -25.99 11.96
O4 PGE Z . 24.56 -29.42 9.17
C6 PGE Z . 24.50 -28.08 9.66
C5 PGE Z . 24.97 -27.94 11.08
O3 PGE Z . 24.78 -26.61 11.54
NA NA AA . -15.02 -27.14 -30.88
C1 EDO BA . 13.68 -29.49 -6.87
O1 EDO BA . 13.88 -30.88 -6.67
C2 EDO BA . 14.32 -29.05 -8.18
O2 EDO BA . 14.48 -27.62 -8.18
C1 EDO CA . 4.30 -15.73 14.16
O1 EDO CA . 4.93 -15.81 15.48
C2 EDO CA . 4.83 -14.62 13.25
O2 EDO CA . 6.11 -14.92 12.70
C1 EDO DA . 35.06 -43.61 2.22
O1 EDO DA . 33.86 -44.39 2.09
C2 EDO DA . 35.27 -43.22 3.68
O2 EDO DA . 35.69 -41.85 3.71
C1 EDO EA . 16.86 -33.82 17.11
O1 EDO EA . 16.29 -35.13 17.00
C2 EDO EA . 18.35 -33.79 17.44
O2 EDO EA . 18.82 -32.43 17.43
CA CA FA . -4.72 -27.19 12.28
C1 EDO GA . -16.19 24.48 2.10
O1 EDO GA . -17.37 25.15 2.54
C2 EDO GA . -16.44 24.10 0.65
O2 EDO GA . -17.56 23.18 0.65
C1 EDO HA . 12.99 21.92 -16.15
O1 EDO HA . 12.23 23.15 -16.12
C2 EDO HA . 12.05 20.75 -15.82
O2 EDO HA . 10.70 21.22 -15.98
C1 EDO IA . 5.91 3.23 -16.58
O1 EDO IA . 6.59 2.28 -17.42
C2 EDO IA . 6.94 3.83 -15.62
O2 EDO IA . 7.45 2.74 -14.85
C1 EDO JA . -21.26 14.79 -30.25
O1 EDO JA . -20.33 14.40 -31.27
C2 EDO JA . -22.63 14.57 -30.85
O2 EDO JA . -22.87 13.16 -30.94
C1 EDO KA . 4.24 39.23 -20.43
O1 EDO KA . 4.48 39.55 -19.05
C2 EDO KA . 5.44 39.67 -21.29
O2 EDO KA . 6.62 38.94 -20.94
C1 EDO LA . -8.70 18.04 -9.56
O1 EDO LA . -7.74 18.51 -8.59
C2 EDO LA . -8.59 18.77 -10.90
O2 EDO LA . -9.89 19.13 -11.43
PA NAD MA . -13.11 23.20 -17.07
O1A NAD MA . -14.58 23.03 -16.87
O2A NAD MA . -12.22 23.32 -15.88
O5B NAD MA . -12.83 24.42 -18.06
C5B NAD MA . -13.15 24.36 -19.46
C4B NAD MA . -12.71 25.66 -20.08
O4B NAD MA . -13.10 25.65 -21.48
C3B NAD MA . -13.36 26.93 -19.48
O3B NAD MA . -12.44 28.02 -19.51
C2B NAD MA . -14.52 27.17 -20.44
O2B NAD MA . -15.05 28.46 -20.45
C1B NAD MA . -13.79 26.86 -21.75
N9A NAD MA . -14.69 26.70 -22.88
C8A NAD MA . -15.85 25.99 -22.95
N7A NAD MA . -16.44 26.07 -24.11
C5A NAD MA . -15.62 26.91 -24.85
C6A NAD MA . -15.70 27.40 -26.17
N6A NAD MA . -16.70 27.11 -27.00
N1A NAD MA . -14.72 28.23 -26.59
C2A NAD MA . -13.72 28.52 -25.75
N3A NAD MA . -13.53 28.12 -24.49
C4A NAD MA . -14.54 27.31 -24.10
O3 NAD MA . -12.55 21.97 -17.95
PN NAD MA . -11.10 21.31 -18.00
O1N NAD MA . -10.94 20.41 -16.83
O2N NAD MA . -10.09 22.43 -18.17
O5D NAD MA . -11.14 20.45 -19.36
C5D NAD MA . -10.83 21.08 -20.65
C4D NAD MA . -10.45 20.04 -21.66
O4D NAD MA . -9.32 19.28 -21.19
C3D NAD MA . -11.53 18.98 -21.98
O3D NAD MA . -11.40 18.47 -23.30
C2D NAD MA . -11.17 17.87 -20.97
O2D NAD MA . -11.78 16.64 -21.32
C1D NAD MA . -9.66 17.90 -21.16
N1N NAD MA . -8.85 17.25 -20.08
C2N NAD MA . -9.10 17.48 -18.75
C3N NAD MA . -8.29 16.88 -17.76
C7N NAD MA . -8.50 17.13 -16.28
O7N NAD MA . -7.80 16.52 -15.46
N7N NAD MA . -9.44 17.98 -15.90
C4N NAD MA . -7.28 15.98 -18.16
C5N NAD MA . -7.04 15.78 -19.52
C6N NAD MA . -7.79 16.45 -20.46
C1 EDO NA . -19.11 22.66 -8.36
O1 EDO NA . -18.54 23.18 -7.16
C2 EDO NA . -19.27 21.17 -8.14
O2 EDO NA . -20.04 20.48 -9.17
C1 EDO OA . -4.13 28.31 -12.09
O1 EDO OA . -5.49 28.61 -11.74
C2 EDO OA . -3.19 28.64 -10.95
O2 EDO OA . -3.33 30.01 -10.56
C1 EDO PA . 10.56 29.69 -33.10
O1 EDO PA . 10.41 28.35 -33.58
C2 EDO PA . 11.70 29.76 -32.10
O2 EDO PA . 12.92 29.23 -32.64
C1 CIT QA . -8.33 12.59 -18.76
O1 CIT QA . -7.35 12.04 -19.29
O2 CIT QA . -9.30 13.05 -19.38
C2 CIT QA . -8.35 12.71 -17.24
C3 CIT QA . -9.74 12.61 -16.65
O7 CIT QA . -10.29 11.37 -17.05
C4 CIT QA . -9.63 12.68 -15.13
C5 CIT QA . -8.77 11.58 -14.48
O3 CIT QA . -9.03 10.40 -14.70
O4 CIT QA . -7.84 11.92 -13.75
C6 CIT QA . -10.64 13.75 -17.19
O5 CIT QA . -11.77 13.44 -17.58
O6 CIT QA . -10.18 14.91 -17.24
C1 PEG RA . 5.88 14.16 -35.86
O1 PEG RA . 4.70 13.63 -36.47
C2 PEG RA . 7.14 13.40 -36.15
O2 PEG RA . 7.04 12.03 -35.73
C3 PEG RA . 8.28 11.46 -35.36
C4 PEG RA . 8.74 11.98 -34.02
O4 PEG RA . 9.84 11.25 -33.50
C1 EDO SA . -16.60 24.71 -12.75
O1 EDO SA . -17.83 24.02 -13.05
C2 EDO SA . -15.42 23.74 -12.61
O2 EDO SA . -15.24 23.01 -13.85
C1 EDO TA . 2.66 24.72 -12.33
O1 EDO TA . 3.28 24.01 -11.22
C2 EDO TA . 3.39 26.01 -12.74
O2 EDO TA . 4.71 25.73 -13.26
CA CA UA . -14.33 -4.37 -25.90
#